data_6R8H
#
_entry.id   6R8H
#
_cell.length_a   87.420
_cell.length_b   87.420
_cell.length_c   186.600
_cell.angle_alpha   90.000
_cell.angle_beta   90.000
_cell.angle_gamma   120.000
#
_symmetry.space_group_name_H-M   'P 31'
#
loop_
_entity.id
_entity.type
_entity.pdbx_description
1 polymer 'Triosephosphate isomerase'
2 non-polymer 'SULFATE ION'
3 water water
#
_entity_poly.entity_id   1
_entity_poly.type   'polypeptide(L)'
_entity_poly.pdbx_seq_one_letter_code
;ASNRKFFVGGNWKMNGSKESNQKLLKTLSDAKPDANTEILVAVPFVYLKDVREHLDKRFHVAAQNCYKVASGAFTGEISP
AMIRDCGCEWVILGHSERRHIFGESDELIGEKVNHALTCGLKVVPCIGEKLDEREAGKTEQVCFRQLDAIKKGIPKAEDW
SRVVIAYEPVWAIGTGKTASPEQAQEVHHAVRQWLEKNVSQAVASSLRITYGGSVTAANCKELAKKPDVDGFLVGGASLK
PEFVDICNAN
;
_entity_poly.pdbx_strand_id   A,B,C,D,E,F
#
loop_
_chem_comp.id
_chem_comp.type
_chem_comp.name
_chem_comp.formula
SO4 non-polymer 'SULFATE ION' 'O4 S -2'
#
# COMPACT_ATOMS: atom_id res chain seq x y z
N ALA A 1 39.96 24.30 -11.45
CA ALA A 1 38.98 24.11 -12.53
C ALA A 1 38.87 22.62 -12.87
N SER A 2 37.72 22.22 -13.41
CA SER A 2 37.42 20.86 -13.78
C SER A 2 37.24 20.77 -15.28
N ASN A 3 36.97 19.57 -15.80
CA ASN A 3 36.73 19.35 -17.23
C ASN A 3 35.22 19.39 -17.54
N ARG A 4 34.40 19.92 -16.64
CA ARG A 4 32.96 19.89 -16.89
C ARG A 4 32.36 21.03 -17.71
N LYS A 5 31.92 20.73 -18.93
CA LYS A 5 31.29 21.78 -19.73
C LYS A 5 29.86 22.08 -19.26
N PHE A 6 29.56 23.37 -19.17
CA PHE A 6 28.27 23.83 -18.68
C PHE A 6 27.15 23.22 -19.54
N PHE A 7 26.09 22.76 -18.83
CA PHE A 7 24.94 22.09 -19.47
C PHE A 7 23.62 22.79 -19.10
N VAL A 8 22.83 23.19 -20.10
CA VAL A 8 21.53 23.80 -19.86
C VAL A 8 20.46 22.97 -20.58
N GLY A 9 19.55 22.43 -19.76
CA GLY A 9 18.31 21.82 -20.24
C GLY A 9 17.07 22.69 -20.06
N GLY A 10 16.23 22.70 -21.11
CA GLY A 10 14.88 23.24 -21.08
C GLY A 10 13.81 22.16 -21.17
N ASN A 11 13.15 21.91 -20.03
CA ASN A 11 12.02 20.96 -20.04
C ASN A 11 10.69 21.70 -20.27
N TRP A 12 10.10 21.52 -21.46
CA TRP A 12 8.81 22.14 -21.75
C TRP A 12 7.67 21.50 -20.95
N LYS A 13 7.89 20.25 -20.49
CA LYS A 13 6.85 19.49 -19.82
C LYS A 13 5.64 19.32 -20.76
N MET A 14 4.42 19.41 -20.24
CA MET A 14 3.25 19.23 -21.07
C MET A 14 2.75 20.59 -21.56
N ASN A 15 3.52 21.19 -22.48
CA ASN A 15 3.12 22.47 -23.08
C ASN A 15 3.60 22.39 -24.51
N GLY A 16 2.93 23.13 -25.40
CA GLY A 16 3.33 23.09 -26.80
C GLY A 16 2.18 22.82 -27.77
N SER A 17 2.36 23.41 -28.95
CA SER A 17 1.46 23.31 -30.10
C SER A 17 2.31 23.64 -31.32
N LYS A 18 1.80 23.28 -32.51
CA LYS A 18 2.54 23.64 -33.73
C LYS A 18 2.92 25.12 -33.70
N GLU A 19 1.98 25.97 -33.29
CA GLU A 19 2.11 27.42 -33.48
C GLU A 19 3.02 28.02 -32.41
N SER A 20 2.93 27.45 -31.21
CA SER A 20 3.71 27.83 -30.04
C SER A 20 5.16 27.42 -30.25
N ASN A 21 5.34 26.17 -30.74
CA ASN A 21 6.69 25.62 -30.84
C ASN A 21 7.44 26.36 -31.93
N GLN A 22 6.78 26.62 -33.06
CA GLN A 22 7.59 27.13 -34.17
C GLN A 22 8.19 28.48 -33.79
N LYS A 23 7.43 29.31 -33.07
CA LYS A 23 7.91 30.60 -32.57
C LYS A 23 9.06 30.44 -31.56
N LEU A 24 8.91 29.58 -30.53
CA LEU A 24 9.94 29.22 -29.55
C LEU A 24 11.25 28.80 -30.23
N LEU A 25 11.17 27.88 -31.18
CA LEU A 25 12.36 27.32 -31.78
C LEU A 25 13.09 28.35 -32.62
N LYS A 26 12.35 29.22 -33.31
CA LYS A 26 12.96 30.34 -34.01
C LYS A 26 13.81 31.22 -33.09
N THR A 27 13.24 31.69 -31.96
CA THR A 27 13.98 32.36 -30.92
C THR A 27 15.30 31.62 -30.62
N LEU A 28 15.20 30.31 -30.40
CA LEU A 28 16.36 29.46 -30.11
C LEU A 28 17.39 29.49 -31.24
N SER A 29 16.95 29.32 -32.50
CA SER A 29 17.91 29.32 -33.60
C SER A 29 18.44 30.75 -33.82
N ASP A 30 17.71 31.75 -33.31
CA ASP A 30 18.03 33.15 -33.54
C ASP A 30 19.26 33.54 -32.72
N ALA A 31 19.37 32.95 -31.50
CA ALA A 31 20.47 33.26 -30.61
C ALA A 31 21.79 32.82 -31.26
N LYS A 32 22.89 33.50 -30.94
CA LYS A 32 24.14 33.14 -31.61
C LYS A 32 24.62 31.85 -30.97
N PRO A 33 25.23 30.93 -31.76
CA PRO A 33 25.87 29.75 -31.22
C PRO A 33 26.89 30.07 -30.12
N ASP A 34 26.91 29.18 -29.14
CA ASP A 34 27.84 29.28 -28.03
C ASP A 34 28.47 27.90 -27.86
N ALA A 35 29.70 27.74 -28.33
CA ALA A 35 30.39 26.46 -28.28
C ALA A 35 30.76 26.06 -26.86
N ASN A 36 30.44 26.88 -25.88
CA ASN A 36 30.76 26.60 -24.50
C ASN A 36 29.56 26.06 -23.70
N THR A 37 28.35 26.04 -24.26
CA THR A 37 27.21 25.49 -23.49
C THR A 37 26.53 24.36 -24.25
N GLU A 38 26.26 23.27 -23.53
CA GLU A 38 25.53 22.14 -24.08
C GLU A 38 24.07 22.50 -23.81
N ILE A 39 23.25 22.64 -24.88
CA ILE A 39 21.85 23.05 -24.72
C ILE A 39 20.90 21.95 -25.18
N LEU A 40 19.96 21.59 -24.32
CA LEU A 40 18.98 20.51 -24.58
C LEU A 40 17.60 21.14 -24.41
N VAL A 41 16.68 20.75 -25.31
CA VAL A 41 15.25 20.90 -25.04
C VAL A 41 14.54 19.52 -25.00
N ALA A 42 13.61 19.40 -24.06
CA ALA A 42 12.84 18.16 -23.88
C ALA A 42 11.39 18.41 -24.21
N VAL A 43 10.95 17.79 -25.29
CA VAL A 43 9.70 18.19 -25.90
C VAL A 43 8.73 17.02 -25.87
N PRO A 44 7.42 17.30 -25.91
CA PRO A 44 6.41 16.27 -25.95
C PRO A 44 6.58 15.31 -27.13
N PHE A 45 6.29 14.01 -26.86
CA PHE A 45 6.52 12.95 -27.85
C PHE A 45 5.90 13.33 -29.22
N VAL A 46 4.72 13.92 -29.20
CA VAL A 46 3.97 14.14 -30.46
C VAL A 46 4.67 15.19 -31.34
N TYR A 47 5.60 15.95 -30.74
CA TYR A 47 6.39 16.98 -31.43
C TYR A 47 7.85 16.58 -31.62
N LEU A 48 8.25 15.38 -31.15
CA LEU A 48 9.68 15.08 -30.91
C LEU A 48 10.42 15.05 -32.24
N LYS A 49 9.86 14.32 -33.21
CA LYS A 49 10.38 14.28 -34.58
C LYS A 49 10.40 15.68 -35.21
N ASP A 50 9.30 16.44 -35.01
CA ASP A 50 9.15 17.72 -35.67
C ASP A 50 10.10 18.74 -35.09
N VAL A 51 10.24 18.78 -33.77
CA VAL A 51 11.22 19.71 -33.17
C VAL A 51 12.66 19.41 -33.64
N ARG A 52 13.05 18.14 -33.62
CA ARG A 52 14.39 17.72 -34.04
C ARG A 52 14.74 18.26 -35.44
N GLU A 53 13.77 18.25 -36.36
CA GLU A 53 14.07 18.64 -37.74
C GLU A 53 13.92 20.14 -37.93
N HIS A 54 13.61 20.87 -36.85
CA HIS A 54 13.46 22.31 -36.93
C HIS A 54 14.54 22.99 -36.10
N LEU A 55 15.54 22.23 -35.64
CA LEU A 55 16.64 22.81 -34.87
C LEU A 55 17.94 22.21 -35.40
N ASP A 56 18.94 23.07 -35.63
CA ASP A 56 20.28 22.65 -36.00
C ASP A 56 20.77 21.62 -34.97
N LYS A 57 21.65 20.72 -35.42
CA LYS A 57 22.16 19.61 -34.61
C LYS A 57 22.94 20.09 -33.38
N ARG A 58 23.20 21.40 -33.31
CA ARG A 58 23.88 21.95 -32.14
C ARG A 58 23.11 21.62 -30.85
N PHE A 59 21.78 21.70 -30.89
CA PHE A 59 20.91 21.53 -29.70
C PHE A 59 20.50 20.08 -29.60
N HIS A 60 20.53 19.58 -28.36
CA HIS A 60 20.06 18.22 -28.08
C HIS A 60 18.55 18.29 -27.97
N VAL A 61 17.88 17.30 -28.58
CA VAL A 61 16.44 17.19 -28.43
C VAL A 61 16.12 15.88 -27.71
N ALA A 62 15.36 16.02 -26.62
CA ALA A 62 15.14 14.91 -25.70
C ALA A 62 13.67 14.57 -25.59
N ALA A 63 13.39 13.28 -25.32
CA ALA A 63 12.06 12.88 -24.93
C ALA A 63 11.95 13.13 -23.46
N GLN A 64 10.72 13.27 -22.98
CA GLN A 64 10.47 13.63 -21.59
C GLN A 64 10.37 12.40 -20.71
N ASN A 65 10.46 11.23 -21.31
CA ASN A 65 10.30 9.97 -20.59
C ASN A 65 10.54 8.90 -21.66
N CYS A 66 10.71 7.65 -21.23
CA CYS A 66 10.65 6.51 -22.13
C CYS A 66 10.31 5.28 -21.31
N TYR A 67 10.17 4.13 -22.02
CA TYR A 67 10.10 2.83 -21.32
C TYR A 67 11.36 1.97 -21.57
N LYS A 68 11.37 0.75 -20.99
CA LYS A 68 12.59 -0.05 -20.80
C LYS A 68 12.81 -1.25 -21.74
N VAL A 69 12.03 -1.36 -22.85
CA VAL A 69 12.35 -2.33 -23.89
C VAL A 69 12.13 -1.65 -25.25
N ALA A 70 12.55 -2.29 -26.36
CA ALA A 70 12.49 -1.62 -27.66
C ALA A 70 11.05 -1.60 -28.23
N SER A 71 10.24 -2.67 -27.93
CA SER A 71 8.97 -2.99 -28.58
C SER A 71 8.13 -3.77 -27.57
N GLY A 72 6.81 -3.90 -27.75
CA GLY A 72 6.08 -4.81 -26.87
C GLY A 72 4.71 -4.26 -26.46
N ALA A 73 4.07 -5.00 -25.52
CA ALA A 73 2.64 -4.81 -25.24
C ALA A 73 2.58 -3.83 -24.08
N PHE A 74 2.90 -2.53 -24.39
CA PHE A 74 2.88 -1.43 -23.38
C PHE A 74 2.15 -0.23 -23.99
N THR A 75 0.85 -0.36 -24.05
CA THR A 75 -0.06 0.68 -24.53
C THR A 75 0.30 2.04 -23.95
N GLY A 76 0.56 2.99 -24.84
CA GLY A 76 0.90 4.38 -24.48
C GLY A 76 2.37 4.61 -24.07
N GLU A 77 3.29 3.64 -24.21
CA GLU A 77 4.72 3.84 -23.90
C GLU A 77 5.57 4.05 -25.17
N ILE A 78 6.74 4.67 -24.95
CA ILE A 78 7.69 5.04 -26.03
C ILE A 78 9.03 4.42 -25.64
N SER A 79 9.72 3.83 -26.64
CA SER A 79 11.03 3.23 -26.35
C SER A 79 12.18 4.15 -26.80
N PRO A 80 13.41 3.90 -26.29
CA PRO A 80 14.60 4.50 -26.89
C PRO A 80 14.73 4.23 -28.39
N ALA A 81 14.34 3.02 -28.85
CA ALA A 81 14.37 2.69 -30.28
C ALA A 81 13.52 3.71 -31.03
N MET A 82 12.30 4.04 -30.52
CA MET A 82 11.47 5.02 -31.19
C MET A 82 12.04 6.43 -31.10
N ILE A 83 12.62 6.80 -29.98
CA ILE A 83 13.29 8.11 -29.89
C ILE A 83 14.41 8.31 -30.93
N ARG A 84 15.25 7.31 -31.08
CA ARG A 84 16.34 7.34 -32.06
C ARG A 84 15.76 7.36 -33.45
N ASP A 85 14.68 6.60 -33.67
CA ASP A 85 14.05 6.59 -34.98
C ASP A 85 13.48 7.98 -35.25
N CYS A 86 13.21 8.80 -34.23
CA CYS A 86 12.73 10.19 -34.45
C CYS A 86 13.87 11.22 -34.58
N GLY A 87 15.11 10.75 -34.70
CA GLY A 87 16.25 11.63 -34.93
C GLY A 87 16.91 12.09 -33.63
N CYS A 88 16.50 11.51 -32.49
CA CYS A 88 16.85 12.04 -31.16
C CYS A 88 17.81 11.15 -30.36
N GLU A 89 18.50 11.77 -29.39
CA GLU A 89 19.56 11.01 -28.69
C GLU A 89 19.49 11.10 -27.16
N TRP A 90 18.56 11.93 -26.65
CA TRP A 90 18.48 12.22 -25.24
C TRP A 90 17.11 11.82 -24.68
N VAL A 91 17.08 11.53 -23.39
CA VAL A 91 15.79 11.28 -22.72
C VAL A 91 16.00 11.73 -21.26
N ILE A 92 15.00 12.43 -20.75
CA ILE A 92 14.92 12.71 -19.32
C ILE A 92 14.25 11.56 -18.57
N LEU A 93 14.90 11.08 -17.51
CA LEU A 93 14.29 9.97 -16.73
C LEU A 93 14.10 10.32 -15.27
N GLY A 94 13.00 9.82 -14.71
CA GLY A 94 12.74 9.86 -13.26
C GLY A 94 12.54 11.31 -12.79
N HIS A 95 12.00 12.16 -13.65
CA HIS A 95 11.61 13.49 -13.21
C HIS A 95 10.64 13.35 -12.04
N SER A 96 10.68 14.34 -11.13
CA SER A 96 9.86 14.27 -9.92
C SER A 96 8.40 13.96 -10.22
N GLU A 97 7.84 14.57 -11.27
CA GLU A 97 6.48 14.34 -11.67
C GLU A 97 6.25 12.85 -12.02
N ARG A 98 7.14 12.17 -12.76
CA ARG A 98 6.99 10.73 -12.97
C ARG A 98 7.10 9.98 -11.64
N ARG A 99 7.98 10.40 -10.72
CA ARG A 99 8.12 9.61 -9.50
C ARG A 99 6.94 9.89 -8.57
N HIS A 100 6.63 11.18 -8.39
CA HIS A 100 5.59 11.64 -7.46
C HIS A 100 4.47 12.29 -8.25
N ILE A 101 3.46 11.51 -8.54
CA ILE A 101 2.30 11.81 -9.37
C ILE A 101 2.03 10.54 -10.13
N PHE A 102 2.97 10.14 -10.97
CA PHE A 102 2.81 8.90 -11.74
C PHE A 102 3.42 7.68 -11.04
N GLY A 103 3.97 7.85 -9.84
CA GLY A 103 4.43 6.79 -8.94
C GLY A 103 5.60 5.89 -9.40
N GLU A 104 6.49 6.31 -10.35
CA GLU A 104 7.53 5.38 -10.88
C GLU A 104 8.62 5.12 -9.85
N SER A 105 8.84 3.83 -9.58
CA SER A 105 9.79 3.31 -8.60
C SER A 105 11.24 3.62 -8.98
N ASP A 106 12.02 3.96 -7.93
CA ASP A 106 13.48 4.06 -8.01
C ASP A 106 14.02 2.90 -8.86
N GLU A 107 13.45 1.69 -8.73
CA GLU A 107 13.87 0.48 -9.45
C GLU A 107 13.56 0.58 -10.94
N LEU A 108 12.36 1.12 -11.27
CA LEU A 108 11.93 1.23 -12.67
C LEU A 108 12.78 2.26 -13.39
N ILE A 109 13.12 3.37 -12.71
CA ILE A 109 13.99 4.40 -13.28
C ILE A 109 15.33 3.74 -13.61
N GLY A 110 15.87 2.95 -12.66
CA GLY A 110 17.05 2.09 -12.86
C GLY A 110 17.03 1.29 -14.16
N GLU A 111 15.93 0.59 -14.42
CA GLU A 111 15.82 -0.30 -15.58
C GLU A 111 15.74 0.56 -16.84
N LYS A 112 15.06 1.71 -16.74
CA LYS A 112 14.94 2.60 -17.91
C LYS A 112 16.31 3.16 -18.24
N VAL A 113 17.04 3.64 -17.21
CA VAL A 113 18.43 4.04 -17.42
C VAL A 113 19.24 2.93 -18.11
N ASN A 114 19.20 1.71 -17.55
CA ASN A 114 19.96 0.59 -18.10
C ASN A 114 19.59 0.51 -19.57
N HIS A 115 18.28 0.30 -19.89
CA HIS A 115 17.86 0.15 -21.29
C HIS A 115 18.26 1.29 -22.22
N ALA A 116 18.02 2.53 -21.78
CA ALA A 116 18.38 3.72 -22.60
C ALA A 116 19.88 3.76 -22.93
N LEU A 117 20.69 3.46 -21.91
CA LEU A 117 22.12 3.47 -22.11
C LEU A 117 22.52 2.29 -23.01
N THR A 118 21.96 1.10 -22.82
CA THR A 118 22.28 -0.03 -23.71
C THR A 118 21.91 0.24 -25.18
N CYS A 119 20.87 1.03 -25.43
CA CYS A 119 20.50 1.48 -26.78
C CYS A 119 21.27 2.69 -27.30
N GLY A 120 22.25 3.17 -26.56
CA GLY A 120 23.15 4.24 -26.99
C GLY A 120 22.53 5.61 -26.84
N LEU A 121 21.63 5.77 -25.85
CA LEU A 121 21.12 7.13 -25.71
C LEU A 121 21.93 7.80 -24.61
N LYS A 122 21.74 9.12 -24.44
CA LYS A 122 22.21 9.88 -23.30
C LYS A 122 21.03 10.17 -22.36
N VAL A 123 21.28 10.17 -21.04
CA VAL A 123 20.16 10.22 -20.10
C VAL A 123 20.34 11.40 -19.18
N VAL A 124 19.20 11.88 -18.67
CA VAL A 124 19.25 12.91 -17.61
C VAL A 124 18.39 12.40 -16.46
N PRO A 125 18.97 11.64 -15.51
CA PRO A 125 18.16 11.16 -14.39
C PRO A 125 18.03 12.30 -13.39
N CYS A 126 16.81 12.45 -12.85
CA CYS A 126 16.56 13.48 -11.85
C CYS A 126 16.46 12.86 -10.45
N ILE A 127 16.96 13.64 -9.47
CA ILE A 127 16.85 13.33 -8.06
C ILE A 127 16.35 14.58 -7.34
N GLY A 128 15.77 14.38 -6.15
CA GLY A 128 15.62 15.48 -5.18
C GLY A 128 14.52 15.16 -4.16
N GLU A 129 14.42 16.00 -3.11
CA GLU A 129 13.52 15.75 -1.99
C GLU A 129 12.32 16.67 -2.08
N LYS A 130 11.21 16.21 -1.47
CA LYS A 130 9.95 16.93 -1.47
C LYS A 130 10.02 18.00 -0.38
N LEU A 131 9.04 18.91 -0.25
CA LEU A 131 9.07 19.88 0.87
C LEU A 131 8.97 19.18 2.21
N ASP A 132 7.98 18.31 2.35
CA ASP A 132 7.77 17.55 3.59
C ASP A 132 9.03 16.79 4.02
N GLU A 133 9.78 16.23 3.06
CA GLU A 133 11.04 15.56 3.41
C GLU A 133 12.10 16.59 3.88
N ARG A 134 12.07 17.82 3.33
CA ARG A 134 13.04 18.81 3.74
C ARG A 134 12.72 19.35 5.13
N GLU A 135 11.43 19.58 5.43
CA GLU A 135 10.99 19.98 6.77
C GLU A 135 11.34 18.91 7.81
N ALA A 136 11.45 17.64 7.38
CA ALA A 136 11.74 16.52 8.27
C ALA A 136 13.23 16.20 8.30
N GLY A 137 14.05 16.97 7.55
CA GLY A 137 15.49 16.74 7.51
C GLY A 137 15.88 15.39 6.87
N LYS A 138 15.22 15.05 5.74
CA LYS A 138 15.49 13.82 5.01
C LYS A 138 16.10 14.07 3.62
N THR A 139 16.57 15.30 3.40
CA THR A 139 17.11 15.71 2.12
C THR A 139 18.19 14.73 1.70
N GLU A 140 19.13 14.45 2.59
CA GLU A 140 20.29 13.64 2.28
C GLU A 140 19.88 12.19 2.07
N GLN A 141 19.03 11.68 2.97
CA GLN A 141 18.49 10.33 2.91
C GLN A 141 17.87 10.11 1.52
N VAL A 142 17.05 11.08 1.07
CA VAL A 142 16.33 10.92 -0.19
C VAL A 142 17.31 10.87 -1.36
N CYS A 143 18.24 11.84 -1.45
CA CYS A 143 19.12 11.93 -2.64
C CYS A 143 19.99 10.68 -2.80
N PHE A 144 20.43 10.14 -1.67
CA PHE A 144 21.35 9.01 -1.63
C PHE A 144 20.68 7.72 -2.14
N ARG A 145 19.48 7.46 -1.63
CA ARG A 145 18.64 6.34 -2.05
C ARG A 145 18.38 6.45 -3.55
N GLN A 146 18.03 7.64 -4.00
CA GLN A 146 17.71 7.83 -5.41
C GLN A 146 18.98 7.57 -6.24
N LEU A 147 20.15 8.07 -5.78
CA LEU A 147 21.37 7.90 -6.56
C LEU A 147 21.82 6.45 -6.56
N ASP A 148 21.60 5.73 -5.45
CA ASP A 148 22.00 4.33 -5.40
C ASP A 148 21.24 3.55 -6.47
N ALA A 149 19.92 3.89 -6.61
CA ALA A 149 19.10 3.16 -7.59
C ALA A 149 19.49 3.55 -9.01
N ILE A 150 20.08 4.73 -9.21
CA ILE A 150 20.59 5.13 -10.54
C ILE A 150 21.86 4.35 -10.93
N LYS A 151 22.83 4.26 -10.02
CA LYS A 151 24.07 3.51 -10.32
C LYS A 151 23.76 2.03 -10.54
N LYS A 152 22.86 1.48 -9.72
CA LYS A 152 22.41 0.11 -9.94
C LYS A 152 21.90 -0.14 -11.35
N GLY A 153 21.44 0.87 -12.09
CA GLY A 153 20.99 0.68 -13.46
C GLY A 153 22.06 0.91 -14.52
N ILE A 154 23.23 1.47 -14.17
CA ILE A 154 24.26 1.83 -15.18
C ILE A 154 24.91 0.62 -15.87
N PRO A 155 24.74 0.36 -17.17
CA PRO A 155 25.35 -0.84 -17.70
C PRO A 155 26.82 -0.87 -17.25
N LYS A 156 27.68 -0.09 -17.88
CA LYS A 156 29.11 -0.21 -17.56
C LYS A 156 29.69 1.10 -17.00
N ALA A 157 30.96 1.08 -16.57
CA ALA A 157 31.54 2.25 -15.89
C ALA A 157 31.63 3.40 -16.87
N GLU A 158 31.94 3.07 -18.14
CA GLU A 158 32.21 4.11 -19.11
C GLU A 158 30.93 4.87 -19.49
N ASP A 159 29.77 4.22 -19.27
CA ASP A 159 28.53 4.83 -19.72
C ASP A 159 28.20 6.06 -18.90
N TRP A 160 28.84 6.25 -17.73
CA TRP A 160 28.64 7.51 -16.99
C TRP A 160 28.94 8.75 -17.81
N SER A 161 29.75 8.63 -18.86
CA SER A 161 29.95 9.79 -19.75
C SER A 161 28.70 10.16 -20.56
N ARG A 162 27.64 9.31 -20.57
CA ARG A 162 26.38 9.71 -21.23
C ARG A 162 25.27 10.08 -20.23
N VAL A 163 25.65 10.45 -19.00
CA VAL A 163 24.70 10.73 -17.91
C VAL A 163 24.94 12.17 -17.51
N VAL A 164 23.85 12.92 -17.30
CA VAL A 164 23.91 14.21 -16.66
C VAL A 164 22.87 14.14 -15.55
N ILE A 165 23.28 14.42 -14.32
CA ILE A 165 22.29 14.30 -13.24
C ILE A 165 21.68 15.69 -13.04
N ALA A 166 20.40 15.76 -12.68
CA ALA A 166 19.84 17.02 -12.28
C ALA A 166 19.31 16.83 -10.87
N TYR A 167 19.70 17.76 -9.98
CA TYR A 167 19.08 17.80 -8.64
C TYR A 167 17.94 18.85 -8.68
N GLU A 168 16.70 18.42 -8.41
CA GLU A 168 15.56 19.32 -8.43
C GLU A 168 14.73 19.13 -7.16
N PRO A 169 14.88 20.01 -6.16
CA PRO A 169 14.08 19.89 -4.96
C PRO A 169 12.63 20.18 -5.33
N VAL A 170 11.75 19.28 -4.94
CA VAL A 170 10.35 19.32 -5.41
C VAL A 170 9.65 20.59 -4.93
N TRP A 171 10.02 21.06 -3.75
CA TRP A 171 9.50 22.33 -3.23
C TRP A 171 9.89 23.54 -4.08
N ALA A 172 10.90 23.37 -4.95
CA ALA A 172 11.34 24.44 -5.85
C ALA A 172 10.73 24.34 -7.25
N ILE A 173 10.03 23.24 -7.55
CA ILE A 173 9.41 23.12 -8.88
C ILE A 173 8.07 23.87 -8.92
N GLY A 174 7.98 24.91 -9.74
CA GLY A 174 6.74 25.64 -10.03
C GLY A 174 6.42 26.67 -8.95
N THR A 175 7.12 26.59 -7.81
CA THR A 175 6.70 27.30 -6.61
C THR A 175 7.22 28.74 -6.56
N GLY A 176 8.25 29.01 -7.39
CA GLY A 176 8.95 30.28 -7.43
C GLY A 176 10.02 30.37 -6.34
N LYS A 177 10.17 29.28 -5.56
CA LYS A 177 11.06 29.21 -4.40
C LYS A 177 12.36 28.48 -4.77
N THR A 178 13.12 29.10 -5.68
CA THR A 178 14.42 28.61 -6.15
C THR A 178 15.28 28.35 -4.93
N ALA A 179 15.95 27.17 -4.85
CA ALA A 179 17.06 27.05 -3.88
C ALA A 179 18.04 28.21 -3.99
N SER A 180 18.51 28.71 -2.82
CA SER A 180 19.62 29.66 -2.77
C SER A 180 20.86 29.00 -3.36
N PRO A 181 21.81 29.80 -3.87
CA PRO A 181 23.09 29.24 -4.29
C PRO A 181 23.73 28.36 -3.22
N GLU A 182 23.64 28.72 -1.94
CA GLU A 182 24.24 27.95 -0.84
C GLU A 182 23.47 26.64 -0.62
N GLN A 183 22.12 26.67 -0.72
CA GLN A 183 21.36 25.43 -0.56
C GLN A 183 21.71 24.42 -1.66
N ALA A 184 21.77 24.88 -2.92
CA ALA A 184 22.08 24.00 -4.04
C ALA A 184 23.52 23.48 -3.99
N GLN A 185 24.46 24.42 -3.72
CA GLN A 185 25.88 24.08 -3.57
C GLN A 185 26.05 22.96 -2.55
N GLU A 186 25.31 23.04 -1.45
CA GLU A 186 25.38 22.06 -0.36
C GLU A 186 25.01 20.67 -0.87
N VAL A 187 23.92 20.61 -1.67
CA VAL A 187 23.45 19.30 -2.15
C VAL A 187 24.38 18.81 -3.26
N HIS A 188 24.68 19.69 -4.22
CA HIS A 188 25.56 19.30 -5.33
C HIS A 188 26.92 18.79 -4.79
N HIS A 189 27.49 19.52 -3.83
CA HIS A 189 28.72 19.11 -3.15
C HIS A 189 28.57 17.70 -2.55
N ALA A 190 27.44 17.44 -1.88
CA ALA A 190 27.22 16.14 -1.24
C ALA A 190 27.03 15.04 -2.27
N VAL A 191 26.50 15.40 -3.47
CA VAL A 191 26.27 14.44 -4.57
C VAL A 191 27.62 14.03 -5.14
N ARG A 192 28.46 15.05 -5.43
CA ARG A 192 29.75 14.75 -6.04
C ARG A 192 30.64 13.84 -5.15
N GLN A 193 30.65 14.06 -3.83
CA GLN A 193 31.38 13.21 -2.89
C GLN A 193 30.72 11.84 -2.74
N TRP A 194 29.39 11.77 -2.87
CA TRP A 194 28.72 10.47 -2.86
C TRP A 194 29.16 9.66 -4.08
N LEU A 195 29.24 10.31 -5.25
CA LEU A 195 29.81 9.69 -6.46
C LEU A 195 31.26 9.32 -6.28
N GLU A 196 32.00 10.11 -5.50
CA GLU A 196 33.37 9.71 -5.22
C GLU A 196 33.38 8.40 -4.42
N LYS A 197 32.61 8.35 -3.34
CA LYS A 197 32.59 7.24 -2.37
C LYS A 197 31.89 5.99 -2.91
N ASN A 198 30.85 6.17 -3.73
CA ASN A 198 29.98 5.07 -4.11
C ASN A 198 30.23 4.65 -5.56
N VAL A 199 30.90 5.51 -6.34
CA VAL A 199 31.20 5.24 -7.75
C VAL A 199 32.72 5.25 -7.97
N SER A 200 33.26 6.45 -8.18
CA SER A 200 34.68 6.58 -8.55
C SER A 200 35.04 8.06 -8.62
N GLN A 201 36.16 8.41 -7.99
CA GLN A 201 36.72 9.76 -8.13
C GLN A 201 36.58 10.22 -9.58
N ALA A 202 36.95 9.35 -10.56
CA ALA A 202 37.02 9.81 -11.96
C ALA A 202 35.61 10.17 -12.44
N VAL A 203 34.61 9.42 -11.95
CA VAL A 203 33.21 9.65 -12.35
C VAL A 203 32.73 10.93 -11.66
N ALA A 204 32.97 11.06 -10.35
CA ALA A 204 32.59 12.28 -9.62
C ALA A 204 33.22 13.52 -10.24
N SER A 205 34.49 13.41 -10.64
CA SER A 205 35.23 14.52 -11.26
C SER A 205 34.54 15.07 -12.52
N SER A 206 34.15 14.16 -13.45
CA SER A 206 33.66 14.56 -14.78
C SER A 206 32.13 14.69 -14.83
N LEU A 207 31.40 14.29 -13.78
CA LEU A 207 29.92 14.33 -13.94
C LEU A 207 29.30 15.74 -13.77
N ARG A 208 28.52 16.20 -14.75
CA ARG A 208 27.78 17.47 -14.61
C ARG A 208 26.54 17.26 -13.74
N ILE A 209 26.50 17.92 -12.57
CA ILE A 209 25.37 17.91 -11.65
C ILE A 209 24.63 19.24 -11.85
N THR A 210 23.42 19.17 -12.41
CA THR A 210 22.71 20.39 -12.81
C THR A 210 21.65 20.65 -11.77
N TYR A 211 21.25 21.91 -11.60
CA TYR A 211 20.28 22.29 -10.59
C TYR A 211 18.93 22.46 -11.29
N GLY A 212 17.87 21.99 -10.66
CA GLY A 212 16.52 22.31 -11.18
C GLY A 212 15.61 22.81 -10.06
N GLY A 213 14.67 23.71 -10.38
CA GLY A 213 13.86 24.37 -9.34
C GLY A 213 13.73 25.88 -9.49
N SER A 214 12.71 26.34 -10.22
CA SER A 214 12.42 27.74 -10.48
C SER A 214 13.65 28.56 -10.89
N VAL A 215 14.36 28.09 -11.92
CA VAL A 215 15.51 28.78 -12.53
C VAL A 215 14.94 29.88 -13.42
N THR A 216 15.40 31.11 -13.19
CA THR A 216 14.94 32.25 -13.98
C THR A 216 16.16 33.02 -14.50
N ALA A 217 15.89 34.00 -15.39
CA ALA A 217 16.97 34.90 -15.86
C ALA A 217 17.60 35.70 -14.70
N ALA A 218 16.86 35.85 -13.60
CA ALA A 218 17.30 36.69 -12.48
C ALA A 218 18.17 35.96 -11.46
N ASN A 219 18.09 34.62 -11.40
CA ASN A 219 18.87 33.89 -10.41
C ASN A 219 19.94 32.95 -11.03
N CYS A 220 19.95 32.73 -12.35
CA CYS A 220 20.82 31.68 -12.91
C CYS A 220 22.32 31.98 -12.74
N LYS A 221 22.68 33.27 -12.83
CA LYS A 221 24.11 33.66 -12.82
C LYS A 221 24.77 33.39 -11.47
N GLU A 222 24.04 33.62 -10.35
CA GLU A 222 24.58 33.31 -9.03
C GLU A 222 24.71 31.81 -8.78
N LEU A 223 23.71 31.02 -9.23
CA LEU A 223 23.82 29.57 -9.10
C LEU A 223 24.98 29.03 -9.94
N ALA A 224 25.16 29.48 -11.19
CA ALA A 224 26.14 28.92 -12.12
C ALA A 224 27.54 29.23 -11.58
N LYS A 225 27.71 30.31 -10.81
CA LYS A 225 28.99 30.64 -10.15
C LYS A 225 29.48 29.59 -9.14
N LYS A 226 28.59 28.78 -8.54
CA LYS A 226 28.98 27.83 -7.51
C LYS A 226 29.79 26.67 -8.12
N PRO A 227 30.82 26.14 -7.43
CA PRO A 227 31.79 25.27 -8.10
C PRO A 227 31.28 23.88 -8.45
N ASP A 228 30.22 23.41 -7.75
CA ASP A 228 29.66 22.07 -8.04
C ASP A 228 28.37 22.12 -8.87
N VAL A 229 27.95 23.32 -9.31
CA VAL A 229 26.78 23.45 -10.18
C VAL A 229 27.28 23.53 -11.62
N ASP A 230 26.98 22.52 -12.46
CA ASP A 230 27.48 22.46 -13.82
C ASP A 230 26.44 22.85 -14.86
N GLY A 231 25.33 23.42 -14.40
CA GLY A 231 24.23 23.70 -15.32
C GLY A 231 22.85 23.62 -14.66
N PHE A 232 21.79 23.64 -15.50
CA PHE A 232 20.42 23.69 -15.00
C PHE A 232 19.52 22.76 -15.81
N LEU A 233 18.40 22.35 -15.18
CA LEU A 233 17.20 21.89 -15.87
C LEU A 233 16.11 22.91 -15.59
N VAL A 234 15.81 23.68 -16.63
CA VAL A 234 14.83 24.78 -16.62
C VAL A 234 13.47 24.22 -17.02
N GLY A 235 12.46 24.46 -16.14
CA GLY A 235 11.05 24.16 -16.48
C GLY A 235 10.31 25.35 -17.14
N GLY A 236 9.52 26.08 -16.36
CA GLY A 236 8.68 27.15 -16.92
C GLY A 236 9.40 28.11 -17.86
N ALA A 237 10.59 28.56 -17.47
CA ALA A 237 11.33 29.59 -18.21
C ALA A 237 11.86 29.04 -19.52
N SER A 238 11.84 27.69 -19.69
CA SER A 238 12.26 27.08 -20.97
C SER A 238 11.30 27.42 -22.10
N LEU A 239 10.12 27.93 -21.78
CA LEU A 239 9.17 28.25 -22.83
C LEU A 239 9.19 29.70 -23.23
N LYS A 240 10.05 30.51 -22.64
CA LYS A 240 10.03 31.96 -22.81
C LYS A 240 11.34 32.43 -23.41
N PRO A 241 11.42 33.65 -23.96
CA PRO A 241 12.64 34.12 -24.59
C PRO A 241 13.83 34.13 -23.62
N GLU A 242 13.58 34.41 -22.32
CA GLU A 242 14.62 34.44 -21.30
C GLU A 242 15.41 33.12 -21.23
N PHE A 243 14.88 32.02 -21.78
CA PHE A 243 15.64 30.76 -21.75
C PHE A 243 17.03 31.05 -22.34
N VAL A 244 17.12 31.97 -23.31
CA VAL A 244 18.39 32.26 -23.99
C VAL A 244 19.35 32.87 -22.96
N ASP A 245 18.85 33.79 -22.14
CA ASP A 245 19.65 34.43 -21.09
C ASP A 245 20.21 33.31 -20.22
N ILE A 246 19.34 32.39 -19.79
CA ILE A 246 19.71 31.33 -18.84
C ILE A 246 20.79 30.41 -19.45
N CYS A 247 20.74 30.16 -20.77
CA CYS A 247 21.81 29.43 -21.47
C CYS A 247 23.16 30.17 -21.35
N ASN A 248 23.13 31.50 -21.18
CA ASN A 248 24.32 32.31 -21.09
C ASN A 248 24.70 32.60 -19.63
N ALA A 249 24.27 31.74 -18.70
CA ALA A 249 24.43 31.99 -17.28
C ALA A 249 25.87 31.84 -16.79
N ASN A 250 26.76 31.16 -17.55
CA ASN A 250 28.14 30.95 -17.08
C ASN A 250 29.13 31.90 -17.77
N ALA B 1 31.04 -22.52 1.98
CA ALA B 1 30.26 -21.26 2.39
C ALA B 1 29.72 -21.40 3.84
N SER B 2 28.47 -21.85 3.92
CA SER B 2 27.55 -21.59 5.01
C SER B 2 27.09 -22.95 5.53
N ASN B 3 26.18 -22.92 6.50
CA ASN B 3 25.61 -24.12 7.08
C ASN B 3 24.29 -24.49 6.38
N ARG B 4 24.05 -24.04 5.13
CA ARG B 4 22.74 -24.15 4.45
C ARG B 4 22.57 -25.40 3.55
N LYS B 5 21.95 -26.43 4.16
CA LYS B 5 21.73 -27.71 3.45
C LYS B 5 20.64 -27.64 2.38
N PHE B 6 20.92 -28.23 1.18
CA PHE B 6 20.04 -28.07 0.02
C PHE B 6 18.61 -28.51 0.38
N PHE B 7 17.59 -27.74 -0.06
CA PHE B 7 16.17 -28.08 0.23
C PHE B 7 15.39 -28.23 -1.08
N VAL B 8 14.69 -29.36 -1.26
CA VAL B 8 13.87 -29.49 -2.47
C VAL B 8 12.44 -29.88 -2.07
N GLY B 9 11.49 -29.03 -2.51
CA GLY B 9 10.05 -29.26 -2.33
C GLY B 9 9.37 -29.61 -3.66
N GLY B 10 8.43 -30.57 -3.61
CA GLY B 10 7.53 -30.80 -4.73
C GLY B 10 6.10 -30.45 -4.38
N ASN B 11 5.61 -29.34 -4.97
CA ASN B 11 4.20 -28.98 -4.79
C ASN B 11 3.35 -29.60 -5.90
N TRP B 12 2.60 -30.67 -5.56
CA TRP B 12 1.64 -31.28 -6.47
C TRP B 12 0.46 -30.37 -6.79
N LYS B 13 0.22 -29.41 -5.89
CA LYS B 13 -0.92 -28.50 -5.98
C LYS B 13 -2.20 -29.32 -6.13
N MET B 14 -3.14 -28.92 -6.98
CA MET B 14 -4.38 -29.68 -7.00
C MET B 14 -4.28 -30.77 -8.08
N ASN B 15 -3.46 -31.77 -7.82
CA ASN B 15 -3.48 -32.90 -8.73
C ASN B 15 -3.39 -34.11 -7.84
N GLY B 16 -3.90 -35.24 -8.32
CA GLY B 16 -3.60 -36.50 -7.64
C GLY B 16 -4.84 -37.37 -7.46
N SER B 17 -4.58 -38.67 -7.24
CA SER B 17 -5.59 -39.73 -7.18
C SER B 17 -4.93 -40.93 -6.51
N LYS B 18 -5.73 -41.86 -5.98
CA LYS B 18 -5.20 -43.10 -5.40
C LYS B 18 -4.14 -43.71 -6.34
N GLU B 19 -4.47 -43.72 -7.64
CA GLU B 19 -3.76 -44.48 -8.66
C GLU B 19 -2.46 -43.79 -9.04
N SER B 20 -2.49 -42.46 -9.22
CA SER B 20 -1.28 -41.73 -9.63
C SER B 20 -0.30 -41.52 -8.47
N ASN B 21 -0.88 -41.35 -7.25
CA ASN B 21 -0.09 -41.09 -6.05
C ASN B 21 0.68 -42.32 -5.62
N GLN B 22 0.04 -43.52 -5.60
CA GLN B 22 0.85 -44.67 -5.23
C GLN B 22 2.02 -44.87 -6.19
N LYS B 23 1.83 -44.64 -7.49
CA LYS B 23 2.90 -44.82 -8.47
C LYS B 23 3.98 -43.76 -8.29
N LEU B 24 3.61 -42.46 -8.12
CA LEU B 24 4.53 -41.35 -7.85
C LEU B 24 5.39 -41.67 -6.63
N LEU B 25 4.75 -42.07 -5.53
CA LEU B 25 5.44 -42.27 -4.28
C LEU B 25 6.45 -43.41 -4.37
N LYS B 26 6.11 -44.47 -5.15
CA LYS B 26 7.00 -45.60 -5.38
C LYS B 26 8.31 -45.15 -6.06
N THR B 27 8.18 -44.37 -7.15
CA THR B 27 9.32 -43.76 -7.85
C THR B 27 10.23 -43.06 -6.82
N LEU B 28 9.59 -42.27 -5.94
CA LEU B 28 10.24 -41.54 -4.86
C LEU B 28 10.99 -42.45 -3.90
N SER B 29 10.33 -43.52 -3.45
CA SER B 29 10.95 -44.44 -2.49
C SER B 29 12.00 -45.29 -3.21
N ASP B 30 11.88 -45.36 -4.54
CA ASP B 30 12.76 -46.12 -5.42
C ASP B 30 14.14 -45.47 -5.51
N ALA B 31 14.19 -44.13 -5.52
CA ALA B 31 15.47 -43.45 -5.65
C ALA B 31 16.28 -43.65 -4.35
N LYS B 32 17.61 -43.69 -4.44
CA LYS B 32 18.36 -44.04 -3.24
C LYS B 32 18.35 -42.82 -2.30
N PRO B 33 18.45 -43.03 -0.97
CA PRO B 33 18.63 -41.90 -0.05
C PRO B 33 19.86 -41.04 -0.28
N ASP B 34 19.66 -39.76 0.04
CA ASP B 34 20.66 -38.73 -0.10
C ASP B 34 20.55 -37.93 1.20
N ALA B 35 21.41 -38.27 2.16
CA ALA B 35 21.48 -37.60 3.43
C ALA B 35 21.89 -36.13 3.28
N ASN B 36 22.10 -35.66 2.04
CA ASN B 36 22.50 -34.26 1.80
C ASN B 36 21.38 -33.37 1.22
N THR B 37 20.20 -33.94 0.93
CA THR B 37 19.08 -33.13 0.43
C THR B 37 17.87 -33.33 1.33
N GLU B 38 17.27 -32.22 1.80
CA GLU B 38 16.04 -32.29 2.56
C GLU B 38 14.96 -32.27 1.46
N ILE B 39 14.14 -33.35 1.35
CA ILE B 39 13.12 -33.46 0.31
C ILE B 39 11.73 -33.40 0.94
N LEU B 40 10.84 -32.56 0.37
CA LEU B 40 9.46 -32.34 0.86
C LEU B 40 8.50 -32.56 -0.32
N VAL B 41 7.36 -33.21 -0.04
CA VAL B 41 6.22 -33.18 -0.98
C VAL B 41 4.98 -32.60 -0.30
N ALA B 42 4.24 -31.74 -1.01
CA ALA B 42 3.10 -31.04 -0.43
C ALA B 42 1.85 -31.58 -1.14
N VAL B 43 1.09 -32.39 -0.39
CA VAL B 43 0.06 -33.23 -1.03
C VAL B 43 -1.33 -32.79 -0.58
N PRO B 44 -2.35 -32.97 -1.46
CA PRO B 44 -3.72 -32.53 -1.19
C PRO B 44 -4.28 -33.13 0.10
N PHE B 45 -5.07 -32.32 0.83
CA PHE B 45 -5.45 -32.58 2.23
C PHE B 45 -6.05 -34.00 2.32
N VAL B 46 -6.83 -34.35 1.28
CA VAL B 46 -7.58 -35.63 1.31
C VAL B 46 -6.64 -36.84 1.25
N TYR B 47 -5.40 -36.66 0.80
CA TYR B 47 -4.39 -37.71 0.67
C TYR B 47 -3.31 -37.52 1.74
N LEU B 48 -3.43 -36.46 2.56
CA LEU B 48 -2.28 -36.09 3.42
C LEU B 48 -1.90 -37.25 4.35
N LYS B 49 -2.91 -37.78 5.03
CA LYS B 49 -2.71 -38.86 5.97
C LYS B 49 -2.12 -40.04 5.23
N ASP B 50 -2.63 -40.26 4.01
CA ASP B 50 -2.37 -41.48 3.23
C ASP B 50 -0.96 -41.46 2.65
N VAL B 51 -0.51 -40.26 2.17
CA VAL B 51 0.82 -40.10 1.60
C VAL B 51 1.92 -40.38 2.66
N ARG B 52 1.79 -39.71 3.82
CA ARG B 52 2.67 -39.78 4.97
C ARG B 52 2.96 -41.23 5.41
N GLU B 53 1.94 -42.09 5.47
CA GLU B 53 2.07 -43.48 5.92
C GLU B 53 2.54 -44.35 4.75
N HIS B 54 2.79 -43.71 3.61
CA HIS B 54 3.26 -44.38 2.42
C HIS B 54 4.67 -43.92 2.04
N LEU B 55 5.37 -43.25 2.96
CA LEU B 55 6.71 -42.74 2.68
C LEU B 55 7.57 -42.83 3.95
N ASP B 56 8.78 -43.35 3.80
CA ASP B 56 9.76 -43.34 4.89
C ASP B 56 9.89 -41.91 5.45
N LYS B 57 10.17 -41.79 6.75
CA LYS B 57 10.17 -40.51 7.45
C LYS B 57 11.29 -39.59 6.95
N ARG B 58 12.18 -40.12 6.09
CA ARG B 58 13.21 -39.36 5.40
C ARG B 58 12.61 -38.12 4.71
N PHE B 59 11.48 -38.31 4.00
CA PHE B 59 10.77 -37.28 3.22
C PHE B 59 9.81 -36.53 4.13
N HIS B 60 9.77 -35.20 3.93
CA HIS B 60 8.81 -34.37 4.66
C HIS B 60 7.53 -34.37 3.84
N VAL B 61 6.39 -34.45 4.54
CA VAL B 61 5.11 -34.41 3.87
C VAL B 61 4.35 -33.20 4.43
N ALA B 62 3.96 -32.32 3.48
CA ALA B 62 3.35 -31.02 3.83
C ALA B 62 1.92 -30.92 3.35
N ALA B 63 1.18 -30.06 4.07
CA ALA B 63 -0.09 -29.53 3.58
C ALA B 63 0.18 -28.32 2.71
N GLN B 64 -0.80 -27.99 1.83
CA GLN B 64 -0.65 -26.93 0.84
C GLN B 64 -1.21 -25.59 1.35
N ASN B 65 -1.74 -25.58 2.59
CA ASN B 65 -2.36 -24.41 3.20
C ASN B 65 -2.72 -24.82 4.63
N CYS B 66 -3.17 -23.81 5.40
CA CYS B 66 -3.90 -24.11 6.65
C CYS B 66 -4.56 -22.83 7.15
N TYR B 67 -5.30 -22.93 8.27
CA TYR B 67 -5.88 -21.76 8.88
C TYR B 67 -5.10 -21.40 10.13
N LYS B 68 -5.63 -20.48 10.97
CA LYS B 68 -4.85 -19.74 11.97
C LYS B 68 -5.32 -20.00 13.40
N VAL B 69 -6.17 -21.03 13.62
CA VAL B 69 -6.44 -21.59 14.96
C VAL B 69 -6.61 -23.15 14.82
N ALA B 70 -6.72 -23.88 15.94
CA ALA B 70 -6.70 -25.36 15.95
C ALA B 70 -8.08 -25.98 15.60
N SER B 71 -9.18 -25.30 16.02
CA SER B 71 -10.56 -25.76 15.87
C SER B 71 -11.48 -24.54 15.63
N GLY B 72 -12.76 -24.79 15.26
CA GLY B 72 -13.73 -23.68 15.22
C GLY B 72 -14.53 -23.53 13.92
N ALA B 73 -15.33 -22.44 13.82
CA ALA B 73 -16.43 -22.37 12.86
C ALA B 73 -15.88 -21.80 11.55
N PHE B 74 -15.06 -22.63 10.88
CA PHE B 74 -14.34 -22.27 9.66
C PHE B 74 -14.57 -23.37 8.59
N THR B 75 -15.76 -23.37 7.99
CA THR B 75 -16.15 -24.45 7.05
C THR B 75 -15.13 -24.54 5.89
N GLY B 76 -14.63 -25.77 5.60
CA GLY B 76 -13.64 -26.09 4.56
C GLY B 76 -12.18 -25.80 4.97
N GLU B 77 -11.93 -25.40 6.24
CA GLU B 77 -10.57 -25.07 6.70
C GLU B 77 -9.94 -26.19 7.53
N ILE B 78 -8.58 -26.22 7.44
CA ILE B 78 -7.70 -27.22 8.10
C ILE B 78 -6.72 -26.45 8.97
N SER B 79 -6.52 -26.97 10.19
CA SER B 79 -5.59 -26.43 11.16
C SER B 79 -4.26 -27.21 11.16
N PRO B 80 -3.17 -26.62 11.72
CA PRO B 80 -1.99 -27.37 12.12
C PRO B 80 -2.27 -28.58 13.03
N ALA B 81 -3.23 -28.43 13.98
CA ALA B 81 -3.61 -29.51 14.88
C ALA B 81 -3.99 -30.70 14.01
N MET B 82 -4.85 -30.48 12.99
CA MET B 82 -5.23 -31.58 12.09
C MET B 82 -4.06 -32.13 11.26
N ILE B 83 -3.23 -31.23 10.74
CA ILE B 83 -2.00 -31.66 10.08
C ILE B 83 -1.15 -32.59 10.97
N ARG B 84 -0.87 -32.18 12.21
CA ARG B 84 -0.04 -33.02 13.07
C ARG B 84 -0.71 -34.36 13.31
N ASP B 85 -2.02 -34.30 13.57
CA ASP B 85 -2.82 -35.51 13.76
C ASP B 85 -2.71 -36.41 12.52
N CYS B 86 -2.37 -35.86 11.33
CA CYS B 86 -2.23 -36.70 10.13
C CYS B 86 -0.83 -37.29 9.93
N GLY B 87 0.07 -37.09 10.91
CA GLY B 87 1.44 -37.58 10.88
C GLY B 87 2.42 -36.58 10.27
N CYS B 88 1.98 -35.33 10.10
CA CYS B 88 2.70 -34.39 9.25
C CYS B 88 3.28 -33.23 10.05
N GLU B 89 4.26 -32.52 9.48
CA GLU B 89 4.86 -31.40 10.21
C GLU B 89 5.09 -30.13 9.39
N TRP B 90 5.03 -30.24 8.07
CA TRP B 90 5.26 -29.07 7.23
C TRP B 90 3.95 -28.51 6.68
N VAL B 91 4.01 -27.24 6.30
CA VAL B 91 2.89 -26.66 5.58
C VAL B 91 3.38 -25.51 4.71
N ILE B 92 2.82 -25.40 3.55
CA ILE B 92 3.14 -24.32 2.63
C ILE B 92 2.19 -23.14 2.86
N LEU B 93 2.77 -21.93 3.11
CA LEU B 93 1.86 -20.79 3.34
C LEU B 93 2.08 -19.65 2.32
N GLY B 94 0.93 -19.08 1.90
CA GLY B 94 0.95 -17.88 1.10
C GLY B 94 1.56 -18.15 -0.27
N HIS B 95 1.27 -19.34 -0.80
CA HIS B 95 1.62 -19.58 -2.19
C HIS B 95 0.98 -18.48 -3.07
N SER B 96 1.57 -18.14 -4.23
CA SER B 96 0.94 -17.10 -5.08
C SER B 96 -0.52 -17.40 -5.44
N GLU B 97 -0.86 -18.69 -5.69
CA GLU B 97 -2.25 -19.04 -5.96
C GLU B 97 -3.12 -18.62 -4.77
N ARG B 98 -2.65 -18.87 -3.54
CA ARG B 98 -3.50 -18.47 -2.41
C ARG B 98 -3.55 -16.95 -2.36
N ARG B 99 -2.45 -16.24 -2.69
CA ARG B 99 -2.47 -14.77 -2.53
C ARG B 99 -3.33 -14.12 -3.62
N HIS B 100 -3.10 -14.57 -4.87
CA HIS B 100 -3.72 -14.02 -6.06
C HIS B 100 -4.52 -15.17 -6.64
N ILE B 101 -5.84 -15.06 -6.53
CA ILE B 101 -6.82 -16.10 -6.84
C ILE B 101 -7.71 -16.25 -5.61
N PHE B 102 -7.12 -16.63 -4.46
CA PHE B 102 -7.93 -16.76 -3.24
C PHE B 102 -7.85 -15.51 -2.36
N GLY B 103 -7.10 -14.50 -2.79
CA GLY B 103 -7.00 -13.18 -2.18
C GLY B 103 -6.46 -13.10 -0.73
N GLU B 104 -5.61 -14.05 -0.28
CA GLU B 104 -5.23 -14.08 1.14
C GLU B 104 -4.19 -13.01 1.46
N SER B 105 -4.49 -12.15 2.45
CA SER B 105 -3.80 -10.95 2.88
C SER B 105 -2.41 -11.27 3.44
N ASP B 106 -1.40 -10.48 3.03
CA ASP B 106 -0.13 -10.42 3.74
C ASP B 106 -0.33 -10.63 5.25
N GLU B 107 -1.37 -10.01 5.87
CA GLU B 107 -1.64 -10.10 7.32
C GLU B 107 -2.09 -11.48 7.71
N LEU B 108 -3.02 -12.05 6.88
CA LEU B 108 -3.52 -13.40 7.07
C LEU B 108 -2.40 -14.42 7.03
N ILE B 109 -1.52 -14.32 6.02
CA ILE B 109 -0.37 -15.24 5.87
C ILE B 109 0.46 -15.14 7.16
N GLY B 110 0.75 -13.90 7.64
CA GLY B 110 1.27 -13.57 8.97
C GLY B 110 0.72 -14.43 10.13
N GLU B 111 -0.61 -14.37 10.30
CA GLU B 111 -1.30 -15.02 11.41
C GLU B 111 -1.18 -16.53 11.23
N LYS B 112 -1.22 -17.02 9.97
CA LYS B 112 -1.09 -18.48 9.79
C LYS B 112 0.36 -18.92 10.07
N VAL B 113 1.32 -18.10 9.61
CA VAL B 113 2.70 -18.43 9.97
C VAL B 113 2.80 -18.55 11.49
N ASN B 114 2.32 -17.48 12.13
CA ASN B 114 2.36 -17.38 13.57
C ASN B 114 1.84 -18.70 14.17
N HIS B 115 0.55 -19.01 13.94
CA HIS B 115 -0.14 -20.17 14.53
C HIS B 115 0.56 -21.51 14.24
N ALA B 116 1.00 -21.71 12.99
CA ALA B 116 1.76 -22.93 12.61
C ALA B 116 3.06 -23.09 13.41
N LEU B 117 3.86 -22.00 13.50
CA LEU B 117 5.07 -22.05 14.29
C LEU B 117 4.69 -22.30 15.75
N THR B 118 3.63 -21.66 16.28
CA THR B 118 3.30 -21.83 17.67
C THR B 118 2.89 -23.29 17.93
N CYS B 119 2.24 -23.93 16.94
CA CYS B 119 1.92 -25.36 17.06
C CYS B 119 3.09 -26.31 16.78
N GLY B 120 4.28 -25.79 16.45
CA GLY B 120 5.50 -26.58 16.29
C GLY B 120 5.50 -27.24 14.93
N LEU B 121 4.89 -26.55 13.96
CA LEU B 121 5.12 -27.01 12.61
C LEU B 121 6.36 -26.31 12.01
N LYS B 122 6.82 -26.82 10.86
CA LYS B 122 7.80 -26.13 10.01
C LYS B 122 7.02 -25.44 8.86
N VAL B 123 7.43 -24.24 8.37
CA VAL B 123 6.69 -23.46 7.37
C VAL B 123 7.47 -23.21 6.11
N VAL B 124 6.80 -23.11 4.95
CA VAL B 124 7.49 -22.72 3.73
C VAL B 124 6.75 -21.50 3.19
N PRO B 125 7.09 -20.26 3.63
CA PRO B 125 6.32 -19.10 3.18
C PRO B 125 6.74 -18.71 1.76
N CYS B 126 5.77 -18.39 0.88
CA CYS B 126 6.10 -18.01 -0.51
C CYS B 126 6.03 -16.48 -0.67
N ILE B 127 7.00 -15.91 -1.45
CA ILE B 127 7.08 -14.50 -1.86
C ILE B 127 7.37 -14.48 -3.36
N GLY B 128 6.93 -13.35 -3.98
CA GLY B 128 7.22 -13.14 -5.38
C GLY B 128 6.28 -12.12 -6.03
N GLU B 129 6.78 -11.60 -7.16
CA GLU B 129 6.13 -10.50 -7.86
C GLU B 129 5.51 -11.06 -9.13
N LYS B 130 4.39 -10.43 -9.54
CA LYS B 130 3.67 -10.78 -10.76
C LYS B 130 4.44 -10.22 -11.97
N LEU B 131 4.06 -10.60 -13.20
CA LEU B 131 4.67 -10.03 -14.41
C LEU B 131 4.42 -8.52 -14.44
N ASP B 132 3.16 -8.09 -14.25
CA ASP B 132 2.78 -6.68 -14.20
C ASP B 132 3.59 -5.89 -13.16
N GLU B 133 3.92 -6.51 -12.00
CA GLU B 133 4.79 -5.83 -11.01
C GLU B 133 6.23 -5.68 -11.56
N ARG B 134 6.77 -6.73 -12.21
CA ARG B 134 8.13 -6.71 -12.74
C ARG B 134 8.23 -5.68 -13.88
N GLU B 135 7.29 -5.71 -14.81
CA GLU B 135 7.31 -4.74 -15.93
C GLU B 135 7.14 -3.29 -15.45
N ALA B 136 6.72 -3.12 -14.20
CA ALA B 136 6.51 -1.79 -13.60
C ALA B 136 7.69 -1.47 -12.67
N GLY B 137 8.66 -2.42 -12.55
CA GLY B 137 9.85 -2.19 -11.73
C GLY B 137 9.53 -2.15 -10.22
N LYS B 138 8.65 -3.05 -9.78
CA LYS B 138 8.19 -3.16 -8.39
C LYS B 138 8.61 -4.49 -7.75
N THR B 139 9.50 -5.24 -8.41
CA THR B 139 9.93 -6.55 -7.94
C THR B 139 10.41 -6.42 -6.49
N GLU B 140 11.35 -5.50 -6.25
CA GLU B 140 11.93 -5.30 -4.94
C GLU B 140 10.86 -4.89 -3.92
N GLN B 141 10.08 -3.86 -4.23
CA GLN B 141 9.00 -3.33 -3.42
C GLN B 141 8.07 -4.47 -2.96
N VAL B 142 7.70 -5.34 -3.92
CA VAL B 142 6.79 -6.43 -3.64
C VAL B 142 7.40 -7.42 -2.65
N CYS B 143 8.64 -7.92 -2.90
CA CYS B 143 9.19 -9.00 -2.05
C CYS B 143 9.45 -8.52 -0.60
N PHE B 144 9.84 -7.23 -0.49
CA PHE B 144 10.16 -6.58 0.77
C PHE B 144 8.95 -6.45 1.73
N ARG B 145 7.87 -5.92 1.13
CA ARG B 145 6.54 -5.83 1.75
C ARG B 145 6.17 -7.24 2.20
N GLN B 146 6.29 -8.20 1.28
CA GLN B 146 5.89 -9.58 1.54
C GLN B 146 6.72 -10.13 2.71
N LEU B 147 8.01 -9.87 2.70
CA LEU B 147 8.86 -10.36 3.78
C LEU B 147 8.63 -9.60 5.07
N ASP B 148 8.33 -8.30 4.98
CA ASP B 148 8.00 -7.60 6.24
C ASP B 148 6.76 -8.21 6.93
N ALA B 149 5.76 -8.64 6.16
CA ALA B 149 4.55 -9.25 6.72
C ALA B 149 4.81 -10.65 7.25
N ILE B 150 5.85 -11.31 6.72
CA ILE B 150 6.23 -12.63 7.22
C ILE B 150 6.88 -12.53 8.62
N LYS B 151 7.94 -11.74 8.75
CA LYS B 151 8.65 -11.64 10.04
C LYS B 151 7.70 -11.18 11.13
N LYS B 152 6.81 -10.21 10.81
CA LYS B 152 5.80 -9.71 11.74
C LYS B 152 5.00 -10.88 12.37
N GLY B 153 4.82 -11.97 11.60
CA GLY B 153 4.15 -13.17 12.08
C GLY B 153 5.03 -14.11 12.91
N ILE B 154 6.35 -14.05 12.82
CA ILE B 154 7.19 -15.05 13.47
C ILE B 154 7.13 -14.89 15.00
N PRO B 155 6.61 -15.89 15.73
CA PRO B 155 6.69 -15.94 17.18
C PRO B 155 8.06 -16.43 17.66
N LYS B 156 9.01 -15.50 17.81
CA LYS B 156 10.24 -15.73 18.56
C LYS B 156 11.36 -16.14 17.59
N ALA B 157 12.52 -15.56 17.87
CA ALA B 157 13.65 -15.47 16.96
C ALA B 157 14.18 -16.86 16.64
N GLU B 158 14.01 -17.81 17.59
CA GLU B 158 14.60 -19.12 17.35
C GLU B 158 13.77 -19.89 16.31
N ASP B 159 12.48 -19.49 16.20
CA ASP B 159 11.55 -20.22 15.38
C ASP B 159 11.93 -20.03 13.91
N TRP B 160 12.76 -19.03 13.59
CA TRP B 160 13.21 -18.92 12.19
C TRP B 160 13.96 -20.16 11.69
N SER B 161 14.40 -21.04 12.61
CA SER B 161 15.12 -22.26 12.18
C SER B 161 14.12 -23.25 11.59
N ARG B 162 12.81 -22.96 11.74
CA ARG B 162 11.78 -23.80 11.14
C ARG B 162 11.11 -23.14 9.93
N VAL B 163 11.79 -22.20 9.28
CA VAL B 163 11.24 -21.50 8.10
C VAL B 163 12.11 -21.84 6.94
N VAL B 164 11.50 -22.15 5.82
CA VAL B 164 12.24 -22.18 4.55
C VAL B 164 11.50 -21.23 3.60
N ILE B 165 12.20 -20.24 3.04
CA ILE B 165 11.48 -19.27 2.20
C ILE B 165 11.57 -19.73 0.75
N ALA B 166 10.47 -19.61 0.00
CA ALA B 166 10.54 -19.83 -1.44
C ALA B 166 10.14 -18.54 -2.15
N TYR B 167 11.10 -18.02 -2.94
CA TYR B 167 10.78 -16.96 -3.91
C TYR B 167 10.26 -17.64 -5.20
N GLU B 168 9.01 -17.31 -5.61
CA GLU B 168 8.48 -17.75 -6.90
C GLU B 168 7.95 -16.54 -7.67
N PRO B 169 8.63 -16.05 -8.71
CA PRO B 169 8.03 -15.02 -9.55
C PRO B 169 6.81 -15.64 -10.23
N VAL B 170 5.69 -14.92 -10.18
CA VAL B 170 4.40 -15.47 -10.60
C VAL B 170 4.41 -15.70 -12.10
N TRP B 171 5.07 -14.79 -12.81
CA TRP B 171 5.30 -14.90 -14.26
C TRP B 171 6.08 -16.17 -14.63
N ALA B 172 6.71 -16.85 -13.66
CA ALA B 172 7.42 -18.11 -13.97
C ALA B 172 6.67 -19.37 -13.53
N ILE B 173 5.52 -19.22 -12.84
CA ILE B 173 4.74 -20.42 -12.43
C ILE B 173 3.88 -20.88 -13.62
N GLY B 174 4.09 -22.14 -14.06
CA GLY B 174 3.36 -22.78 -15.15
C GLY B 174 3.65 -22.23 -16.54
N THR B 175 4.36 -21.11 -16.62
CA THR B 175 4.55 -20.42 -17.91
C THR B 175 5.71 -21.02 -18.73
N GLY B 176 6.60 -21.76 -18.05
CA GLY B 176 7.77 -22.35 -18.68
C GLY B 176 8.91 -21.32 -18.76
N LYS B 177 8.66 -20.12 -18.21
CA LYS B 177 9.53 -18.96 -18.36
C LYS B 177 10.29 -18.80 -17.05
N THR B 178 11.16 -19.80 -16.78
CA THR B 178 12.02 -19.91 -15.59
C THR B 178 12.86 -18.64 -15.47
N ALA B 179 12.97 -18.08 -14.24
CA ALA B 179 14.05 -17.10 -14.03
C ALA B 179 15.40 -17.71 -14.42
N SER B 180 16.22 -16.96 -15.17
CA SER B 180 17.63 -17.33 -15.37
C SER B 180 18.36 -17.44 -14.03
N PRO B 181 19.51 -18.15 -13.98
CA PRO B 181 20.35 -18.15 -12.77
C PRO B 181 20.63 -16.73 -12.26
N GLU B 182 20.91 -15.78 -13.16
CA GLU B 182 21.27 -14.42 -12.77
C GLU B 182 20.04 -13.67 -12.21
N GLN B 183 18.84 -13.86 -12.82
CA GLN B 183 17.64 -13.17 -12.33
C GLN B 183 17.31 -13.67 -10.91
N ALA B 184 17.38 -15.00 -10.71
CA ALA B 184 17.03 -15.58 -9.41
C ALA B 184 18.10 -15.17 -8.40
N GLN B 185 19.39 -15.33 -8.76
CA GLN B 185 20.52 -14.93 -7.89
C GLN B 185 20.36 -13.50 -7.37
N GLU B 186 20.02 -12.56 -8.26
CA GLU B 186 19.74 -11.17 -7.92
C GLU B 186 18.70 -11.03 -6.80
N VAL B 187 17.53 -11.67 -6.99
CA VAL B 187 16.47 -11.54 -6.00
C VAL B 187 16.92 -12.26 -4.73
N HIS B 188 17.44 -13.49 -4.89
CA HIS B 188 17.88 -14.29 -3.72
C HIS B 188 18.91 -13.49 -2.87
N HIS B 189 19.82 -12.80 -3.55
CA HIS B 189 20.87 -12.02 -2.90
C HIS B 189 20.24 -10.84 -2.15
N ALA B 190 19.28 -10.15 -2.81
CA ALA B 190 18.57 -9.04 -2.13
C ALA B 190 17.80 -9.51 -0.89
N VAL B 191 17.40 -10.80 -0.85
CA VAL B 191 16.57 -11.35 0.22
C VAL B 191 17.42 -11.62 1.46
N ARG B 192 18.55 -12.31 1.24
CA ARG B 192 19.53 -12.54 2.30
C ARG B 192 19.97 -11.21 2.96
N GLN B 193 20.31 -10.17 2.18
CA GLN B 193 20.69 -8.86 2.74
C GLN B 193 19.55 -8.17 3.51
N TRP B 194 18.30 -8.35 3.03
CA TRP B 194 17.11 -7.80 3.67
C TRP B 194 16.95 -8.48 5.02
N LEU B 195 17.17 -9.80 5.00
CA LEU B 195 17.14 -10.55 6.26
C LEU B 195 18.23 -10.07 7.20
N GLU B 196 19.37 -9.62 6.64
CA GLU B 196 20.49 -9.20 7.47
C GLU B 196 20.03 -7.89 8.12
N LYS B 197 19.46 -7.02 7.30
CA LYS B 197 19.14 -5.67 7.75
C LYS B 197 17.90 -5.67 8.65
N ASN B 198 16.88 -6.50 8.35
CA ASN B 198 15.57 -6.36 8.97
C ASN B 198 15.39 -7.46 10.01
N VAL B 199 16.28 -8.47 9.99
CA VAL B 199 16.17 -9.56 10.93
C VAL B 199 17.49 -9.75 11.70
N SER B 200 18.47 -10.43 11.10
CA SER B 200 19.68 -10.72 11.86
C SER B 200 20.61 -11.43 10.94
N GLN B 201 21.83 -10.92 10.93
CA GLN B 201 22.94 -11.64 10.32
C GLN B 201 22.78 -13.16 10.43
N ALA B 202 22.59 -13.66 11.66
CA ALA B 202 22.61 -15.10 11.95
C ALA B 202 21.43 -15.69 11.18
N VAL B 203 20.31 -14.95 11.12
CA VAL B 203 19.11 -15.46 10.44
C VAL B 203 19.35 -15.44 8.92
N ALA B 204 19.77 -14.30 8.36
CA ALA B 204 20.19 -14.24 6.96
C ALA B 204 21.18 -15.37 6.62
N SER B 205 22.16 -15.67 7.50
CA SER B 205 23.20 -16.65 7.19
C SER B 205 22.63 -18.06 6.97
N SER B 206 21.76 -18.48 7.89
CA SER B 206 21.36 -19.91 7.90
C SER B 206 20.00 -20.11 7.18
N LEU B 207 19.37 -19.03 6.63
CA LEU B 207 18.04 -19.27 6.07
C LEU B 207 18.13 -19.81 4.64
N ARG B 208 17.48 -20.95 4.36
CA ARG B 208 17.47 -21.46 2.98
C ARG B 208 16.45 -20.65 2.18
N ILE B 209 16.91 -19.98 1.11
CA ILE B 209 16.01 -19.23 0.23
C ILE B 209 15.92 -20.06 -1.05
N THR B 210 14.74 -20.68 -1.25
CA THR B 210 14.58 -21.56 -2.41
C THR B 210 13.93 -20.77 -3.54
N TYR B 211 14.15 -21.21 -4.79
CA TYR B 211 13.69 -20.51 -5.98
C TYR B 211 12.47 -21.27 -6.47
N GLY B 212 11.46 -20.55 -6.91
CA GLY B 212 10.25 -21.24 -7.37
C GLY B 212 9.82 -20.76 -8.76
N GLY B 213 9.55 -21.70 -9.68
CA GLY B 213 9.00 -21.29 -10.97
C GLY B 213 9.56 -22.02 -12.18
N SER B 214 8.74 -22.89 -12.77
CA SER B 214 9.12 -23.65 -13.94
C SER B 214 10.53 -24.23 -13.75
N VAL B 215 10.78 -24.80 -12.57
CA VAL B 215 11.94 -25.67 -12.31
C VAL B 215 11.81 -26.98 -13.11
N THR B 216 12.84 -27.32 -13.91
CA THR B 216 12.83 -28.58 -14.66
C THR B 216 14.16 -29.32 -14.47
N ALA B 217 14.20 -30.57 -14.98
CA ALA B 217 15.47 -31.32 -14.98
C ALA B 217 16.57 -30.56 -15.74
N ALA B 218 16.17 -29.71 -16.69
CA ALA B 218 17.10 -29.08 -17.62
C ALA B 218 17.74 -27.81 -17.08
N ASN B 219 17.14 -27.18 -16.06
CA ASN B 219 17.62 -25.88 -15.60
C ASN B 219 18.08 -25.92 -14.14
N CYS B 220 17.78 -27.00 -13.41
CA CYS B 220 17.98 -27.05 -11.96
C CYS B 220 19.47 -26.97 -11.55
N LYS B 221 20.37 -27.58 -12.33
CA LYS B 221 21.80 -27.65 -11.98
C LYS B 221 22.45 -26.26 -12.04
N GLU B 222 22.13 -25.46 -13.06
CA GLU B 222 22.64 -24.10 -13.17
C GLU B 222 22.12 -23.20 -12.05
N LEU B 223 20.85 -23.36 -11.65
CA LEU B 223 20.28 -22.54 -10.58
C LEU B 223 20.89 -22.92 -9.22
N ALA B 224 21.05 -24.24 -8.96
CA ALA B 224 21.58 -24.73 -7.68
C ALA B 224 23.01 -24.22 -7.42
N LYS B 225 23.83 -24.05 -8.48
CA LYS B 225 25.20 -23.56 -8.42
C LYS B 225 25.31 -22.13 -7.82
N LYS B 226 24.27 -21.31 -7.97
CA LYS B 226 24.34 -19.92 -7.54
C LYS B 226 24.41 -19.84 -6.00
N PRO B 227 25.21 -18.95 -5.40
CA PRO B 227 25.53 -19.08 -3.98
C PRO B 227 24.36 -18.79 -3.04
N ASP B 228 23.29 -18.09 -3.49
CA ASP B 228 22.21 -17.69 -2.58
C ASP B 228 20.98 -18.59 -2.80
N VAL B 229 21.04 -19.49 -3.78
CA VAL B 229 19.94 -20.39 -4.10
C VAL B 229 20.24 -21.61 -3.26
N ASP B 230 19.30 -21.95 -2.35
CA ASP B 230 19.51 -23.04 -1.41
C ASP B 230 18.61 -24.21 -1.75
N GLY B 231 17.95 -24.08 -2.90
CA GLY B 231 17.07 -25.18 -3.35
C GLY B 231 15.84 -24.67 -4.10
N PHE B 232 14.78 -25.50 -4.13
CA PHE B 232 13.67 -25.25 -5.06
C PHE B 232 12.31 -25.66 -4.48
N LEU B 233 11.28 -24.94 -4.96
CA LEU B 233 9.86 -25.35 -4.89
C LEU B 233 9.46 -25.71 -6.31
N VAL B 234 9.34 -27.04 -6.52
CA VAL B 234 8.98 -27.62 -7.81
C VAL B 234 7.46 -27.73 -7.93
N GLY B 235 6.88 -27.11 -8.99
CA GLY B 235 5.46 -27.42 -9.26
C GLY B 235 5.24 -28.59 -10.23
N GLY B 236 4.93 -28.31 -11.50
CA GLY B 236 4.56 -29.38 -12.43
C GLY B 236 5.54 -30.57 -12.44
N ALA B 237 6.86 -30.32 -12.43
CA ALA B 237 7.85 -31.40 -12.47
C ALA B 237 7.81 -32.31 -11.24
N SER B 238 7.22 -31.82 -10.11
CA SER B 238 7.04 -32.61 -8.89
C SER B 238 6.19 -33.87 -9.13
N LEU B 239 5.40 -33.91 -10.20
CA LEU B 239 4.52 -35.06 -10.43
C LEU B 239 5.15 -36.07 -11.40
N LYS B 240 6.39 -35.79 -11.88
CA LYS B 240 7.06 -36.59 -12.92
C LYS B 240 8.29 -37.32 -12.39
N PRO B 241 8.81 -38.36 -13.09
CA PRO B 241 10.01 -39.06 -12.63
C PRO B 241 11.20 -38.11 -12.48
N GLU B 242 11.24 -37.08 -13.34
CA GLU B 242 12.36 -36.15 -13.35
C GLU B 242 12.48 -35.35 -12.04
N PHE B 243 11.49 -35.40 -11.15
CA PHE B 243 11.58 -34.83 -9.80
C PHE B 243 12.83 -35.40 -9.08
N VAL B 244 13.17 -36.67 -9.32
CA VAL B 244 14.33 -37.29 -8.67
C VAL B 244 15.61 -36.56 -9.09
N ASP B 245 15.71 -36.28 -10.40
CA ASP B 245 16.85 -35.58 -10.99
C ASP B 245 17.02 -34.25 -10.25
N ILE B 246 15.90 -33.51 -10.14
CA ILE B 246 15.88 -32.16 -9.54
C ILE B 246 16.30 -32.21 -8.06
N CYS B 247 15.93 -33.29 -7.34
CA CYS B 247 16.42 -33.50 -5.97
C CYS B 247 17.94 -33.67 -5.94
N ASN B 248 18.57 -34.12 -7.04
CA ASN B 248 20.01 -34.33 -7.19
C ASN B 248 20.71 -33.18 -7.98
N ALA B 249 20.13 -31.98 -7.95
CA ALA B 249 20.64 -30.82 -8.68
C ALA B 249 21.90 -30.20 -8.04
N ASN B 250 22.18 -30.46 -6.75
CA ASN B 250 23.38 -29.91 -6.11
C ASN B 250 24.49 -30.98 -6.00
N ALA C 1 -48.05 -33.29 2.74
CA ALA C 1 -48.62 -33.51 1.37
C ALA C 1 -47.47 -33.57 0.33
N SER C 2 -46.29 -33.08 0.70
CA SER C 2 -45.13 -32.98 -0.21
C SER C 2 -44.51 -34.35 -0.54
N ASN C 3 -43.82 -34.42 -1.69
CA ASN C 3 -42.99 -35.59 -2.03
C ASN C 3 -41.64 -35.63 -1.27
N ARG C 4 -41.31 -34.57 -0.51
CA ARG C 4 -39.89 -34.29 -0.27
C ARG C 4 -39.39 -34.89 1.06
N LYS C 5 -38.34 -35.71 0.92
CA LYS C 5 -37.83 -36.49 2.05
C LYS C 5 -37.10 -35.62 3.10
N PHE C 6 -37.31 -35.92 4.38
CA PHE C 6 -36.58 -35.20 5.42
C PHE C 6 -35.05 -35.33 5.23
N PHE C 7 -34.32 -34.19 5.37
CA PHE C 7 -32.85 -34.13 5.15
C PHE C 7 -32.10 -33.57 6.36
N VAL C 8 -31.20 -34.35 6.97
CA VAL C 8 -30.43 -33.76 8.07
C VAL C 8 -28.95 -33.91 7.80
N GLY C 9 -28.31 -32.73 7.61
CA GLY C 9 -26.86 -32.65 7.56
C GLY C 9 -26.21 -32.13 8.85
N GLY C 10 -25.05 -32.73 9.15
CA GLY C 10 -24.08 -32.37 10.20
C GLY C 10 -22.81 -31.77 9.61
N ASN C 11 -22.66 -30.45 9.76
CA ASN C 11 -21.43 -29.75 9.37
C ASN C 11 -20.49 -29.65 10.59
N TRP C 12 -19.44 -30.47 10.58
CA TRP C 12 -18.42 -30.45 11.61
C TRP C 12 -17.56 -29.18 11.56
N LYS C 13 -17.62 -28.40 10.46
CA LYS C 13 -16.70 -27.24 10.35
C LYS C 13 -15.26 -27.73 10.60
N MET C 14 -14.42 -26.86 11.17
CA MET C 14 -13.02 -27.15 11.38
C MET C 14 -12.80 -27.78 12.77
N ASN C 15 -13.33 -28.99 12.94
CA ASN C 15 -13.32 -29.75 14.19
C ASN C 15 -13.19 -31.19 13.72
N GLY C 16 -12.22 -31.89 14.29
CA GLY C 16 -12.10 -33.32 13.99
C GLY C 16 -10.66 -33.71 14.29
N SER C 17 -10.51 -34.96 14.79
CA SER C 17 -9.26 -35.68 14.95
C SER C 17 -9.57 -37.19 14.83
N LYS C 18 -8.55 -38.02 14.61
CA LYS C 18 -8.79 -39.44 14.44
C LYS C 18 -9.56 -39.95 15.64
N GLU C 19 -9.18 -39.49 16.84
CA GLU C 19 -9.78 -40.02 18.06
C GLU C 19 -11.22 -39.52 18.21
N SER C 20 -11.42 -38.18 18.23
CA SER C 20 -12.78 -37.61 18.36
C SER C 20 -13.71 -38.00 17.20
N ASN C 21 -13.15 -38.27 15.97
CA ASN C 21 -13.97 -38.82 14.90
C ASN C 21 -14.51 -40.21 15.24
N GLN C 22 -13.64 -41.10 15.74
CA GLN C 22 -14.09 -42.41 16.21
C GLN C 22 -15.30 -42.28 17.12
N LYS C 23 -15.14 -41.54 18.23
CA LYS C 23 -16.18 -41.34 19.25
C LYS C 23 -17.53 -40.96 18.61
N LEU C 24 -17.52 -39.85 17.84
CA LEU C 24 -18.68 -39.27 17.14
C LEU C 24 -19.36 -40.31 16.26
N LEU C 25 -18.56 -40.92 15.37
CA LEU C 25 -19.08 -41.93 14.44
C LEU C 25 -19.64 -43.13 15.19
N LYS C 26 -19.01 -43.55 16.28
CA LYS C 26 -19.62 -44.59 17.11
C LYS C 26 -21.06 -44.26 17.53
N THR C 27 -21.24 -43.15 18.26
CA THR C 27 -22.58 -42.69 18.63
C THR C 27 -23.55 -42.80 17.45
N LEU C 28 -23.14 -42.22 16.32
CA LEU C 28 -23.98 -42.26 15.12
C LEU C 28 -24.03 -43.67 14.50
N SER C 29 -22.92 -44.44 14.53
CA SER C 29 -22.79 -45.75 13.93
C SER C 29 -23.18 -46.86 14.92
N ASP C 30 -24.12 -46.58 15.83
CA ASP C 30 -24.65 -47.55 16.81
C ASP C 30 -26.11 -47.24 17.07
N ALA C 31 -26.41 -45.94 17.14
CA ALA C 31 -27.79 -45.48 17.09
C ALA C 31 -28.38 -45.97 15.78
N LYS C 32 -29.70 -45.80 15.65
CA LYS C 32 -30.35 -46.10 14.40
C LYS C 32 -31.38 -45.00 14.16
N PRO C 33 -30.95 -43.74 13.82
CA PRO C 33 -31.90 -42.63 13.59
C PRO C 33 -32.82 -43.03 12.42
N ASP C 34 -34.07 -42.56 12.44
CA ASP C 34 -35.12 -43.14 11.62
C ASP C 34 -34.69 -43.14 10.15
N ALA C 35 -34.89 -44.32 9.52
CA ALA C 35 -34.59 -44.67 8.14
C ALA C 35 -35.37 -43.81 7.16
N ASN C 36 -36.30 -43.00 7.66
CA ASN C 36 -37.06 -42.07 6.82
C ASN C 36 -36.31 -40.76 6.65
N THR C 37 -35.08 -40.71 7.16
CA THR C 37 -34.27 -39.49 7.09
C THR C 37 -33.03 -39.77 6.26
N GLU C 38 -32.71 -38.86 5.31
CA GLU C 38 -31.39 -38.74 4.71
C GLU C 38 -30.52 -38.01 5.72
N ILE C 39 -29.41 -38.70 6.13
CA ILE C 39 -28.38 -38.16 7.01
C ILE C 39 -27.07 -37.98 6.24
N LEU C 40 -26.49 -36.77 6.44
CA LEU C 40 -25.27 -36.34 5.79
C LEU C 40 -24.31 -35.94 6.91
N VAL C 41 -23.04 -36.09 6.65
CA VAL C 41 -22.00 -35.58 7.54
C VAL C 41 -20.87 -35.02 6.67
N ALA C 42 -20.60 -33.73 6.92
CA ALA C 42 -19.66 -32.88 6.20
C ALA C 42 -18.40 -32.68 7.06
N VAL C 43 -17.33 -33.31 6.60
CA VAL C 43 -16.15 -33.49 7.43
C VAL C 43 -14.95 -32.69 6.88
N PRO C 44 -13.93 -32.46 7.73
CA PRO C 44 -12.71 -31.81 7.21
C PRO C 44 -12.00 -32.70 6.13
N PHE C 45 -11.42 -32.05 5.12
CA PHE C 45 -10.83 -32.76 3.98
C PHE C 45 -9.89 -33.84 4.48
N VAL C 46 -9.11 -33.57 5.53
CA VAL C 46 -8.00 -34.47 5.82
C VAL C 46 -8.54 -35.82 6.31
N TYR C 47 -9.77 -35.88 6.79
CA TYR C 47 -10.28 -37.13 7.38
C TYR C 47 -11.44 -37.69 6.52
N LEU C 48 -11.65 -37.07 5.33
CA LEU C 48 -12.77 -37.44 4.42
C LEU C 48 -12.75 -38.95 4.09
N LYS C 49 -11.65 -39.43 3.52
CA LYS C 49 -11.57 -40.82 3.08
C LYS C 49 -11.91 -41.77 4.24
N ASP C 50 -11.30 -41.53 5.41
CA ASP C 50 -11.47 -42.44 6.52
C ASP C 50 -12.93 -42.53 6.98
N VAL C 51 -13.61 -41.38 7.13
CA VAL C 51 -15.02 -41.33 7.52
C VAL C 51 -15.91 -42.13 6.55
N ARG C 52 -15.77 -41.80 5.25
CA ARG C 52 -16.42 -42.57 4.21
C ARG C 52 -16.13 -44.07 4.36
N GLU C 53 -14.89 -44.39 4.81
CA GLU C 53 -14.48 -45.78 4.89
C GLU C 53 -15.13 -46.49 6.10
N HIS C 54 -15.53 -45.70 7.12
CA HIS C 54 -15.93 -46.25 8.42
C HIS C 54 -17.36 -45.84 8.82
N LEU C 55 -18.15 -45.41 7.83
CA LEU C 55 -19.54 -45.05 8.12
C LEU C 55 -20.38 -45.78 7.11
N ASP C 56 -21.57 -46.24 7.49
CA ASP C 56 -22.45 -47.09 6.70
C ASP C 56 -22.95 -46.28 5.51
N LYS C 57 -23.18 -46.94 4.36
CA LYS C 57 -23.71 -46.32 3.14
C LYS C 57 -25.12 -45.74 3.37
N ARG C 58 -25.69 -46.05 4.54
CA ARG C 58 -26.91 -45.42 5.05
C ARG C 58 -26.66 -43.92 5.22
N PHE C 59 -25.41 -43.55 5.58
CA PHE C 59 -24.99 -42.17 5.71
C PHE C 59 -24.44 -41.70 4.38
N HIS C 60 -24.60 -40.37 4.11
CA HIS C 60 -23.77 -39.69 3.11
C HIS C 60 -22.66 -38.92 3.84
N VAL C 61 -21.51 -38.85 3.16
CA VAL C 61 -20.35 -38.13 3.62
C VAL C 61 -20.03 -37.01 2.63
N ALA C 62 -19.83 -35.75 3.13
CA ALA C 62 -19.63 -34.55 2.28
C ALA C 62 -18.29 -33.88 2.59
N ALA C 63 -17.71 -33.23 1.58
CA ALA C 63 -16.65 -32.23 1.73
C ALA C 63 -17.31 -30.93 2.10
N GLN C 64 -16.58 -30.08 2.84
CA GLN C 64 -17.12 -28.78 3.22
C GLN C 64 -16.99 -27.71 2.11
N ASN C 65 -16.30 -28.08 0.98
CA ASN C 65 -16.06 -27.12 -0.10
C ASN C 65 -15.24 -27.82 -1.19
N CYS C 66 -15.16 -27.18 -2.32
CA CYS C 66 -14.33 -27.71 -3.40
C CYS C 66 -14.22 -26.58 -4.42
N TYR C 67 -13.39 -26.87 -5.43
CA TYR C 67 -13.06 -25.90 -6.47
C TYR C 67 -13.80 -26.28 -7.76
N LYS C 68 -13.58 -25.48 -8.81
CA LYS C 68 -14.46 -25.53 -9.96
C LYS C 68 -13.75 -26.07 -11.20
N VAL C 69 -12.70 -26.91 -10.99
CA VAL C 69 -11.82 -27.46 -12.03
C VAL C 69 -11.38 -28.85 -11.57
N ALA C 70 -11.11 -29.78 -12.51
CA ALA C 70 -10.87 -31.18 -12.17
C ALA C 70 -9.50 -31.37 -11.51
N SER C 71 -8.51 -30.70 -12.08
CA SER C 71 -7.13 -30.84 -11.65
C SER C 71 -6.49 -29.52 -12.02
N GLY C 72 -5.44 -29.10 -11.27
CA GLY C 72 -4.81 -27.83 -11.64
C GLY C 72 -3.84 -27.25 -10.60
N ALA C 73 -3.21 -26.13 -11.01
CA ALA C 73 -2.29 -25.33 -10.20
C ALA C 73 -3.15 -24.38 -9.35
N PHE C 74 -3.80 -24.95 -8.34
CA PHE C 74 -4.60 -24.25 -7.34
C PHE C 74 -4.20 -24.82 -5.97
N THR C 75 -2.97 -24.52 -5.55
CA THR C 75 -2.46 -24.92 -4.22
C THR C 75 -3.53 -24.74 -3.11
N GLY C 76 -3.82 -25.83 -2.37
CA GLY C 76 -4.68 -25.82 -1.18
C GLY C 76 -6.10 -26.24 -1.51
N GLU C 77 -6.45 -26.32 -2.81
CA GLU C 77 -7.82 -26.69 -3.22
C GLU C 77 -8.06 -28.21 -3.40
N ILE C 78 -9.32 -28.59 -3.17
CA ILE C 78 -9.79 -29.97 -3.49
C ILE C 78 -10.87 -29.94 -4.56
N SER C 79 -10.75 -30.82 -5.55
CA SER C 79 -11.70 -30.89 -6.68
C SER C 79 -12.75 -31.99 -6.42
N PRO C 80 -13.91 -31.88 -7.09
CA PRO C 80 -14.89 -32.97 -7.11
C PRO C 80 -14.30 -34.34 -7.49
N ALA C 81 -13.40 -34.37 -8.49
CA ALA C 81 -12.75 -35.61 -8.86
C ALA C 81 -12.05 -36.25 -7.64
N MET C 82 -11.37 -35.45 -6.80
CA MET C 82 -10.68 -35.98 -5.62
C MET C 82 -11.66 -36.43 -4.53
N ILE C 83 -12.79 -35.76 -4.40
CA ILE C 83 -13.73 -36.18 -3.34
C ILE C 83 -14.36 -37.54 -3.69
N ARG C 84 -14.77 -37.73 -4.97
CA ARG C 84 -15.28 -39.00 -5.49
C ARG C 84 -14.21 -40.07 -5.43
N ASP C 85 -12.97 -39.66 -5.66
CA ASP C 85 -11.85 -40.58 -5.56
C ASP C 85 -11.85 -41.12 -4.14
N CYS C 86 -12.17 -40.26 -3.15
CA CYS C 86 -12.20 -40.64 -1.74
C CYS C 86 -13.44 -41.48 -1.40
N GLY C 87 -14.39 -41.57 -2.35
CA GLY C 87 -15.56 -42.38 -2.14
C GLY C 87 -16.79 -41.56 -1.78
N CYS C 88 -16.72 -40.20 -1.86
CA CYS C 88 -17.74 -39.31 -1.33
C CYS C 88 -18.44 -38.53 -2.45
N GLU C 89 -19.76 -38.31 -2.28
CA GLU C 89 -20.53 -37.81 -3.41
C GLU C 89 -21.26 -36.51 -3.16
N TRP C 90 -20.88 -35.87 -2.02
CA TRP C 90 -21.54 -34.68 -1.50
C TRP C 90 -20.52 -33.57 -1.30
N VAL C 91 -20.99 -32.31 -1.52
CA VAL C 91 -20.16 -31.17 -1.16
C VAL C 91 -21.09 -30.05 -0.65
N ILE C 92 -20.72 -29.41 0.48
CA ILE C 92 -21.35 -28.11 0.83
C ILE C 92 -20.72 -27.01 -0.01
N LEU C 93 -21.51 -26.11 -0.61
CA LEU C 93 -20.95 -24.92 -1.29
C LEU C 93 -21.67 -23.62 -0.89
N GLY C 94 -20.88 -22.54 -0.77
CA GLY C 94 -21.40 -21.24 -0.40
C GLY C 94 -21.71 -21.11 1.10
N HIS C 95 -21.17 -21.98 1.97
CA HIS C 95 -21.31 -21.77 3.41
C HIS C 95 -21.05 -20.31 3.78
N SER C 96 -21.72 -19.81 4.83
CA SER C 96 -21.60 -18.41 5.23
C SER C 96 -20.13 -18.03 5.46
N GLU C 97 -19.37 -18.89 6.12
CA GLU C 97 -17.97 -18.68 6.47
C GLU C 97 -17.09 -18.63 5.22
N ARG C 98 -17.39 -19.47 4.22
CA ARG C 98 -16.66 -19.39 2.96
C ARG C 98 -16.98 -18.06 2.25
N ARG C 99 -18.24 -17.59 2.30
CA ARG C 99 -18.59 -16.37 1.56
C ARG C 99 -17.97 -15.13 2.23
N HIS C 100 -18.20 -14.97 3.54
CA HIS C 100 -17.94 -13.72 4.27
C HIS C 100 -16.53 -13.64 4.89
N ILE C 101 -15.97 -14.77 5.31
CA ILE C 101 -14.61 -14.79 5.87
C ILE C 101 -13.65 -14.95 4.70
N PHE C 102 -13.89 -15.93 3.83
CA PHE C 102 -12.89 -16.29 2.80
C PHE C 102 -13.19 -15.68 1.44
N GLY C 103 -14.07 -14.69 1.39
CA GLY C 103 -14.34 -13.85 0.21
C GLY C 103 -14.88 -14.59 -1.03
N GLU C 104 -15.52 -15.76 -0.86
CA GLU C 104 -16.07 -16.41 -2.04
C GLU C 104 -17.26 -15.59 -2.57
N SER C 105 -17.25 -15.29 -3.89
CA SER C 105 -18.36 -14.59 -4.57
C SER C 105 -19.58 -15.46 -4.89
N ASP C 106 -20.70 -14.80 -5.20
CA ASP C 106 -21.87 -15.49 -5.74
C ASP C 106 -21.55 -16.16 -7.09
N GLU C 107 -20.90 -15.42 -8.02
CA GLU C 107 -20.42 -15.99 -9.28
C GLU C 107 -19.48 -17.23 -9.07
N LEU C 108 -18.55 -17.17 -8.10
CA LEU C 108 -17.68 -18.33 -7.83
C LEU C 108 -18.51 -19.54 -7.33
N ILE C 109 -19.42 -19.32 -6.37
CA ILE C 109 -20.30 -20.37 -5.84
C ILE C 109 -21.09 -21.03 -6.97
N GLY C 110 -21.66 -20.18 -7.84
CA GLY C 110 -22.35 -20.70 -9.01
C GLY C 110 -21.45 -21.57 -9.85
N GLU C 111 -20.19 -21.14 -10.11
CA GLU C 111 -19.37 -21.94 -11.01
C GLU C 111 -19.01 -23.26 -10.31
N LYS C 112 -18.94 -23.20 -8.97
CA LYS C 112 -18.51 -24.40 -8.28
C LYS C 112 -19.67 -25.39 -8.38
N VAL C 113 -20.87 -24.89 -8.07
CA VAL C 113 -22.10 -25.71 -8.26
C VAL C 113 -22.07 -26.33 -9.67
N ASN C 114 -21.74 -25.51 -10.67
CA ASN C 114 -21.75 -26.01 -12.05
C ASN C 114 -20.82 -27.24 -12.14
N HIS C 115 -19.55 -27.08 -11.73
CA HIS C 115 -18.51 -28.10 -11.93
C HIS C 115 -18.84 -29.35 -11.12
N ALA C 116 -19.30 -29.13 -9.86
CA ALA C 116 -19.60 -30.32 -9.02
C ALA C 116 -20.73 -31.18 -9.62
N LEU C 117 -21.84 -30.52 -9.97
CA LEU C 117 -22.95 -31.24 -10.55
C LEU C 117 -22.54 -31.92 -11.85
N THR C 118 -21.74 -31.24 -12.66
CA THR C 118 -21.36 -31.89 -13.93
C THR C 118 -20.55 -33.16 -13.66
N CYS C 119 -19.72 -33.13 -12.61
CA CYS C 119 -18.91 -34.25 -12.18
C CYS C 119 -19.72 -35.29 -11.41
N GLY C 120 -21.04 -35.16 -11.31
CA GLY C 120 -21.83 -36.28 -10.74
C GLY C 120 -22.03 -36.20 -9.22
N LEU C 121 -21.59 -35.08 -8.57
CA LEU C 121 -21.71 -34.99 -7.12
C LEU C 121 -23.09 -34.41 -6.78
N LYS C 122 -23.46 -34.48 -5.48
CA LYS C 122 -24.64 -33.73 -5.01
C LYS C 122 -24.15 -32.52 -4.21
N VAL C 123 -24.87 -31.39 -4.25
CA VAL C 123 -24.37 -30.16 -3.60
C VAL C 123 -25.37 -29.73 -2.50
N VAL C 124 -24.84 -29.00 -1.53
CA VAL C 124 -25.68 -28.28 -0.56
C VAL C 124 -25.30 -26.80 -0.66
N PRO C 125 -25.97 -26.02 -1.54
CA PRO C 125 -25.61 -24.60 -1.66
C PRO C 125 -26.28 -23.83 -0.51
N CYS C 126 -25.53 -22.92 0.10
CA CYS C 126 -26.04 -22.28 1.30
C CYS C 126 -26.30 -20.83 0.98
N ILE C 127 -27.44 -20.35 1.51
CA ILE C 127 -27.95 -19.01 1.32
C ILE C 127 -28.30 -18.48 2.71
N GLY C 128 -28.17 -17.15 2.91
CA GLY C 128 -28.58 -16.54 4.17
C GLY C 128 -27.98 -15.14 4.34
N GLU C 129 -28.60 -14.35 5.24
CA GLU C 129 -28.36 -12.91 5.36
C GLU C 129 -27.69 -12.66 6.72
N LYS C 130 -26.86 -11.62 6.78
CA LYS C 130 -26.09 -11.26 7.98
C LYS C 130 -27.02 -10.51 8.94
N LEU C 131 -26.59 -10.31 10.19
CA LEU C 131 -27.38 -9.67 11.25
C LEU C 131 -27.75 -8.23 10.89
N ASP C 132 -27.19 -7.72 9.77
CA ASP C 132 -27.29 -6.32 9.36
C ASP C 132 -28.15 -6.14 8.09
N GLU C 133 -28.16 -7.13 7.20
CA GLU C 133 -29.04 -7.11 6.03
C GLU C 133 -30.51 -7.35 6.42
N ARG C 134 -30.72 -8.20 7.46
CA ARG C 134 -32.04 -8.42 8.05
C ARG C 134 -32.52 -7.14 8.73
N GLU C 135 -31.73 -6.61 9.67
CA GLU C 135 -32.04 -5.35 10.35
C GLU C 135 -32.26 -4.25 9.32
N ALA C 136 -31.84 -4.48 8.07
CA ALA C 136 -31.99 -3.51 6.99
C ALA C 136 -33.18 -3.85 6.07
N GLY C 137 -33.87 -4.97 6.35
CA GLY C 137 -34.98 -5.41 5.51
C GLY C 137 -34.56 -5.79 4.08
N LYS C 138 -33.39 -6.44 3.91
CA LYS C 138 -32.88 -6.87 2.60
C LYS C 138 -32.78 -8.40 2.48
N THR C 139 -33.48 -9.11 3.36
CA THR C 139 -33.38 -10.57 3.40
C THR C 139 -33.64 -11.22 2.04
N GLU C 140 -34.80 -10.93 1.43
CA GLU C 140 -35.11 -11.57 0.14
C GLU C 140 -34.17 -11.06 -0.95
N GLN C 141 -33.89 -9.75 -1.01
CA GLN C 141 -32.97 -9.18 -2.01
C GLN C 141 -31.70 -10.02 -2.03
N VAL C 142 -31.15 -10.25 -0.84
CA VAL C 142 -29.93 -11.02 -0.66
C VAL C 142 -30.13 -12.48 -1.03
N CYS C 143 -31.15 -13.14 -0.46
CA CYS C 143 -31.39 -14.54 -0.79
C CYS C 143 -31.69 -14.75 -2.28
N PHE C 144 -32.29 -13.76 -2.95
CA PHE C 144 -32.69 -13.85 -4.34
C PHE C 144 -31.44 -13.80 -5.22
N ARG C 145 -30.59 -12.81 -4.93
CA ARG C 145 -29.32 -12.58 -5.61
C ARG C 145 -28.41 -13.81 -5.44
N GLN C 146 -28.42 -14.39 -4.25
CA GLN C 146 -27.65 -15.62 -4.01
C GLN C 146 -28.23 -16.81 -4.80
N LEU C 147 -29.56 -17.00 -4.77
CA LEU C 147 -30.28 -18.04 -5.53
C LEU C 147 -30.08 -17.86 -7.05
N ASP C 148 -30.07 -16.62 -7.53
CA ASP C 148 -29.94 -16.42 -8.97
C ASP C 148 -28.58 -16.94 -9.46
N ALA C 149 -27.50 -16.59 -8.73
CA ALA C 149 -26.17 -17.06 -9.11
C ALA C 149 -26.07 -18.59 -9.02
N ILE C 150 -26.84 -19.22 -8.13
CA ILE C 150 -26.87 -20.69 -8.05
C ILE C 150 -27.58 -21.28 -9.27
N LYS C 151 -28.74 -20.74 -9.63
CA LYS C 151 -29.48 -21.15 -10.81
C LYS C 151 -28.61 -21.09 -12.07
N LYS C 152 -27.87 -19.99 -12.23
CA LYS C 152 -26.91 -19.85 -13.33
C LYS C 152 -25.96 -21.05 -13.42
N GLY C 153 -25.53 -21.59 -12.28
CA GLY C 153 -24.59 -22.73 -12.21
C GLY C 153 -25.21 -24.13 -12.30
N ILE C 154 -26.53 -24.23 -12.52
CA ILE C 154 -27.17 -25.52 -12.74
C ILE C 154 -27.07 -25.91 -14.22
N PRO C 155 -26.17 -26.83 -14.64
CA PRO C 155 -25.93 -27.03 -16.08
C PRO C 155 -27.18 -27.39 -16.91
N LYS C 156 -28.09 -28.14 -16.28
CA LYS C 156 -29.36 -28.49 -16.91
C LYS C 156 -30.39 -28.76 -15.81
N ALA C 157 -31.62 -28.37 -16.08
CA ALA C 157 -32.66 -28.38 -15.07
C ALA C 157 -32.81 -29.75 -14.35
N GLU C 158 -32.41 -30.87 -15.00
CA GLU C 158 -32.47 -32.21 -14.39
C GLU C 158 -31.56 -32.33 -13.15
N ASP C 159 -30.53 -31.49 -13.08
CA ASP C 159 -29.53 -31.55 -11.99
C ASP C 159 -30.14 -31.10 -10.65
N TRP C 160 -31.22 -30.33 -10.73
CA TRP C 160 -31.91 -29.85 -9.52
C TRP C 160 -32.25 -31.00 -8.52
N SER C 161 -32.41 -32.22 -9.03
CA SER C 161 -32.67 -33.36 -8.17
C SER C 161 -31.46 -33.67 -7.26
N ARG C 162 -30.30 -33.10 -7.58
CA ARG C 162 -29.10 -33.32 -6.78
C ARG C 162 -28.67 -32.05 -6.02
N VAL C 163 -29.68 -31.26 -5.61
CA VAL C 163 -29.44 -29.95 -5.00
C VAL C 163 -30.30 -30.06 -3.73
N VAL C 164 -29.71 -29.65 -2.58
CA VAL C 164 -30.45 -29.44 -1.34
C VAL C 164 -30.02 -28.06 -0.85
N ILE C 165 -31.01 -27.21 -0.77
CA ILE C 165 -30.69 -25.82 -0.43
C ILE C 165 -30.61 -25.78 1.12
N ALA C 166 -29.67 -25.00 1.66
CA ALA C 166 -29.56 -24.83 3.11
C ALA C 166 -29.65 -23.35 3.42
N TYR C 167 -30.78 -22.92 4.03
CA TYR C 167 -30.85 -21.52 4.45
C TYR C 167 -30.27 -21.43 5.87
N GLU C 168 -29.27 -20.57 6.06
CA GLU C 168 -28.68 -20.36 7.38
C GLU C 168 -28.42 -18.87 7.58
N PRO C 169 -29.32 -18.16 8.27
CA PRO C 169 -29.10 -16.74 8.60
C PRO C 169 -27.78 -16.63 9.36
N VAL C 170 -26.83 -15.82 8.87
CA VAL C 170 -25.53 -15.73 9.54
C VAL C 170 -25.70 -15.20 10.97
N TRP C 171 -26.72 -14.36 11.24
CA TRP C 171 -26.98 -13.90 12.60
C TRP C 171 -27.36 -15.05 13.54
N ALA C 172 -27.68 -16.24 12.95
CA ALA C 172 -28.06 -17.39 13.76
C ALA C 172 -26.93 -18.43 13.91
N ILE C 173 -25.75 -18.19 13.33
CA ILE C 173 -24.68 -19.22 13.31
C ILE C 173 -23.79 -19.10 14.56
N GLY C 174 -23.82 -20.17 15.39
CA GLY C 174 -22.96 -20.37 16.55
C GLY C 174 -23.19 -19.43 17.73
N THR C 175 -24.36 -18.77 17.78
CA THR C 175 -24.64 -17.73 18.75
C THR C 175 -25.79 -18.09 19.71
N GLY C 176 -26.64 -19.04 19.30
CA GLY C 176 -27.88 -19.36 19.98
C GLY C 176 -29.07 -18.52 19.51
N LYS C 177 -28.85 -17.65 18.50
CA LYS C 177 -29.87 -16.74 17.96
C LYS C 177 -30.70 -17.43 16.88
N THR C 178 -31.38 -18.52 17.27
CA THR C 178 -32.13 -19.36 16.33
C THR C 178 -33.26 -18.55 15.68
N ALA C 179 -33.38 -18.65 14.35
CA ALA C 179 -34.63 -18.23 13.71
C ALA C 179 -35.81 -18.91 14.40
N SER C 180 -36.88 -18.13 14.68
CA SER C 180 -38.13 -18.73 15.16
C SER C 180 -38.64 -19.74 14.14
N PRO C 181 -39.50 -20.71 14.55
CA PRO C 181 -40.21 -21.53 13.56
C PRO C 181 -40.89 -20.68 12.47
N GLU C 182 -41.55 -19.59 12.89
CA GLU C 182 -42.26 -18.70 11.94
C GLU C 182 -41.26 -17.94 11.05
N GLN C 183 -40.11 -17.57 11.61
CA GLN C 183 -39.02 -16.90 10.88
C GLN C 183 -38.42 -17.79 9.79
N ALA C 184 -38.14 -19.08 10.11
CA ALA C 184 -37.65 -20.02 9.08
C ALA C 184 -38.69 -20.21 8.00
N GLN C 185 -39.92 -20.58 8.44
CA GLN C 185 -41.02 -20.93 7.53
C GLN C 185 -41.23 -19.83 6.50
N GLU C 186 -41.30 -18.57 6.97
CA GLU C 186 -41.50 -17.38 6.13
C GLU C 186 -40.43 -17.23 5.04
N VAL C 187 -39.16 -17.44 5.40
CA VAL C 187 -38.05 -17.37 4.44
C VAL C 187 -38.16 -18.56 3.49
N HIS C 188 -38.19 -19.76 4.05
CA HIS C 188 -38.25 -20.97 3.21
C HIS C 188 -39.42 -20.90 2.21
N HIS C 189 -40.61 -20.46 2.66
CA HIS C 189 -41.76 -20.31 1.76
C HIS C 189 -41.43 -19.39 0.59
N ALA C 190 -40.81 -18.23 0.88
CA ALA C 190 -40.51 -17.22 -0.12
C ALA C 190 -39.46 -17.73 -1.12
N VAL C 191 -38.48 -18.51 -0.62
CA VAL C 191 -37.47 -19.15 -1.48
C VAL C 191 -38.15 -20.09 -2.46
N ARG C 192 -39.03 -20.95 -1.89
CA ARG C 192 -39.80 -21.91 -2.66
C ARG C 192 -40.63 -21.21 -3.73
N GLN C 193 -41.27 -20.06 -3.40
CA GLN C 193 -42.02 -19.30 -4.41
C GLN C 193 -41.05 -18.78 -5.49
N TRP C 194 -39.86 -18.28 -5.08
CA TRP C 194 -38.81 -17.83 -6.00
C TRP C 194 -38.47 -18.92 -7.02
N LEU C 195 -38.27 -20.15 -6.52
CA LEU C 195 -37.97 -21.32 -7.33
C LEU C 195 -39.14 -21.60 -8.27
N GLU C 196 -40.35 -21.39 -7.74
CA GLU C 196 -41.55 -21.78 -8.45
C GLU C 196 -41.65 -21.04 -9.79
N LYS C 197 -41.40 -19.72 -9.75
CA LYS C 197 -41.46 -18.82 -10.89
C LYS C 197 -40.22 -18.87 -11.80
N ASN C 198 -39.02 -19.05 -11.24
CA ASN C 198 -37.81 -18.77 -12.00
C ASN C 198 -37.16 -20.03 -12.60
N VAL C 199 -37.65 -21.21 -12.17
CA VAL C 199 -37.21 -22.52 -12.65
C VAL C 199 -38.45 -23.28 -13.10
N SER C 200 -39.25 -23.81 -12.15
CA SER C 200 -40.44 -24.58 -12.47
C SER C 200 -41.29 -24.86 -11.23
N GLN C 201 -42.41 -25.57 -11.43
CA GLN C 201 -43.18 -26.12 -10.30
C GLN C 201 -42.59 -27.49 -9.94
N ALA C 202 -42.14 -28.28 -10.96
CA ALA C 202 -41.50 -29.59 -10.72
C ALA C 202 -40.33 -29.44 -9.70
N VAL C 203 -39.43 -28.52 -10.06
CA VAL C 203 -38.28 -28.24 -9.16
C VAL C 203 -38.71 -27.76 -7.75
N ALA C 204 -39.47 -26.65 -7.73
CA ALA C 204 -39.94 -26.09 -6.46
C ALA C 204 -40.56 -27.14 -5.52
N SER C 205 -41.47 -28.01 -6.03
CA SER C 205 -42.26 -28.86 -5.16
C SER C 205 -41.38 -29.99 -4.61
N SER C 206 -40.28 -30.32 -5.32
CA SER C 206 -39.47 -31.46 -4.89
C SER C 206 -38.26 -31.05 -4.02
N LEU C 207 -37.89 -29.77 -4.10
CA LEU C 207 -36.59 -29.38 -3.51
C LEU C 207 -36.65 -29.21 -1.99
N ARG C 208 -35.78 -29.98 -1.30
CA ARG C 208 -35.60 -29.79 0.14
C ARG C 208 -34.86 -28.47 0.37
N ILE C 209 -35.45 -27.66 1.27
CA ILE C 209 -34.88 -26.40 1.75
C ILE C 209 -34.75 -26.51 3.28
N THR C 210 -33.48 -26.61 3.73
CA THR C 210 -33.14 -26.99 5.08
C THR C 210 -32.71 -25.75 5.85
N TYR C 211 -32.84 -25.76 7.19
CA TYR C 211 -32.47 -24.64 8.04
C TYR C 211 -31.25 -25.02 8.87
N GLY C 212 -30.33 -24.07 9.17
CA GLY C 212 -29.13 -24.44 9.93
C GLY C 212 -28.73 -23.62 11.17
N GLY C 213 -28.94 -22.29 11.23
CA GLY C 213 -28.36 -21.54 12.36
C GLY C 213 -28.82 -21.96 13.76
N SER C 214 -27.90 -22.46 14.61
CA SER C 214 -28.12 -22.75 16.03
C SER C 214 -29.17 -23.85 16.31
N VAL C 215 -29.21 -24.87 15.43
CA VAL C 215 -30.08 -26.04 15.56
C VAL C 215 -29.62 -26.93 16.72
N THR C 216 -30.60 -27.25 17.61
CA THR C 216 -30.27 -28.14 18.72
C THR C 216 -31.37 -29.18 18.87
N ALA C 217 -31.10 -30.18 19.72
CA ALA C 217 -32.10 -31.15 20.14
C ALA C 217 -33.32 -30.47 20.76
N ALA C 218 -33.15 -29.27 21.32
CA ALA C 218 -34.22 -28.55 22.00
C ALA C 218 -35.19 -27.92 21.01
N ASN C 219 -34.72 -27.33 19.89
CA ASN C 219 -35.56 -26.46 19.07
C ASN C 219 -35.97 -27.15 17.75
N CYS C 220 -35.41 -28.34 17.45
CA CYS C 220 -35.55 -28.91 16.10
C CYS C 220 -36.98 -29.27 15.72
N LYS C 221 -37.78 -29.76 16.68
CA LYS C 221 -39.13 -30.27 16.40
C LYS C 221 -40.06 -29.17 15.91
N GLU C 222 -40.03 -28.01 16.59
CA GLU C 222 -40.90 -26.90 16.21
C GLU C 222 -40.56 -26.37 14.81
N LEU C 223 -39.25 -26.24 14.52
CA LEU C 223 -38.80 -25.86 13.18
C LEU C 223 -39.21 -26.90 12.16
N ALA C 224 -39.02 -28.19 12.48
CA ALA C 224 -39.36 -29.30 11.59
C ALA C 224 -40.87 -29.42 11.31
N LYS C 225 -41.74 -28.96 12.25
CA LYS C 225 -43.19 -28.90 12.01
C LYS C 225 -43.61 -27.99 10.85
N LYS C 226 -42.78 -27.00 10.52
CA LYS C 226 -43.11 -26.05 9.47
C LYS C 226 -43.07 -26.74 8.10
N PRO C 227 -44.07 -26.48 7.22
CA PRO C 227 -44.25 -27.31 6.03
C PRO C 227 -43.16 -27.05 4.99
N ASP C 228 -42.59 -25.82 4.94
CA ASP C 228 -41.52 -25.51 3.96
C ASP C 228 -40.08 -25.66 4.49
N VAL C 229 -39.92 -26.15 5.75
CA VAL C 229 -38.62 -26.50 6.33
C VAL C 229 -38.40 -28.01 6.23
N ASP C 230 -37.46 -28.51 5.40
CA ASP C 230 -37.46 -29.92 5.01
C ASP C 230 -36.36 -30.66 5.75
N GLY C 231 -35.76 -29.95 6.71
CA GLY C 231 -34.69 -30.55 7.48
C GLY C 231 -33.66 -29.51 7.92
N PHE C 232 -32.44 -29.97 8.13
CA PHE C 232 -31.45 -29.12 8.77
C PHE C 232 -30.06 -29.21 8.17
N LEU C 233 -29.29 -28.11 8.42
CA LEU C 233 -27.83 -28.15 8.46
C LEU C 233 -27.27 -27.69 9.83
N VAL C 234 -26.86 -28.67 10.64
CA VAL C 234 -26.47 -28.47 12.04
C VAL C 234 -24.95 -28.31 12.07
N GLY C 235 -24.46 -27.25 12.73
CA GLY C 235 -23.01 -27.02 12.88
C GLY C 235 -22.55 -27.63 14.19
N GLY C 236 -22.34 -26.77 15.19
CA GLY C 236 -21.99 -27.14 16.55
C GLY C 236 -22.59 -28.43 17.11
N ALA C 237 -23.94 -28.59 17.14
CA ALA C 237 -24.57 -29.79 17.72
C ALA C 237 -24.29 -31.06 16.91
N SER C 238 -23.69 -30.94 15.71
CA SER C 238 -23.30 -32.12 14.92
C SER C 238 -22.11 -32.86 15.53
N LEU C 239 -21.38 -32.20 16.46
CA LEU C 239 -20.22 -32.80 17.11
C LEU C 239 -20.64 -33.56 18.36
N LYS C 240 -21.87 -33.33 18.84
CA LYS C 240 -22.37 -33.87 20.10
C LYS C 240 -23.44 -34.94 19.90
N PRO C 241 -23.64 -35.84 20.87
CA PRO C 241 -24.56 -36.95 20.69
C PRO C 241 -26.00 -36.55 20.36
N GLU C 242 -26.44 -35.35 20.79
CA GLU C 242 -27.77 -34.90 20.42
C GLU C 242 -27.92 -34.74 18.90
N PHE C 243 -26.81 -34.90 18.13
CA PHE C 243 -26.97 -34.88 16.68
C PHE C 243 -28.03 -35.93 16.25
N VAL C 244 -27.98 -37.08 16.93
CA VAL C 244 -28.88 -38.19 16.65
C VAL C 244 -30.33 -37.78 16.89
N ASP C 245 -30.59 -36.93 17.87
CA ASP C 245 -31.96 -36.51 18.15
C ASP C 245 -32.45 -35.53 17.09
N ILE C 246 -31.52 -34.71 16.56
CA ILE C 246 -31.91 -33.74 15.52
C ILE C 246 -32.25 -34.54 14.25
N CYS C 247 -31.62 -35.71 14.05
CA CYS C 247 -31.94 -36.64 12.96
C CYS C 247 -33.40 -37.12 13.07
N ASN C 248 -33.91 -37.22 14.31
CA ASN C 248 -35.23 -37.76 14.58
C ASN C 248 -36.24 -36.65 14.84
N ALA C 249 -36.05 -35.43 14.27
CA ALA C 249 -36.89 -34.28 14.59
C ALA C 249 -38.27 -34.38 13.93
N ASN C 250 -38.31 -34.98 12.71
CA ASN C 250 -39.57 -35.20 12.00
C ASN C 250 -40.35 -36.43 12.51
N ALA D 1 -30.90 -6.43 -35.48
CA ALA D 1 -32.02 -5.51 -35.25
C ALA D 1 -31.50 -4.22 -34.61
N SER D 2 -30.20 -4.15 -34.24
CA SER D 2 -29.72 -2.95 -33.54
C SER D 2 -29.33 -1.81 -34.51
N ASN D 3 -29.12 -0.60 -33.98
CA ASN D 3 -28.63 0.53 -34.78
C ASN D 3 -27.12 0.67 -34.76
N ARG D 4 -26.43 -0.25 -34.12
CA ARG D 4 -25.05 -0.04 -33.84
C ARG D 4 -24.02 -0.42 -34.90
N LYS D 5 -23.24 0.57 -35.32
CA LYS D 5 -22.28 0.38 -36.41
C LYS D 5 -21.06 -0.42 -35.97
N PHE D 6 -20.63 -1.35 -36.84
CA PHE D 6 -19.51 -2.23 -36.52
C PHE D 6 -18.24 -1.37 -36.35
N PHE D 7 -17.49 -1.66 -35.28
CA PHE D 7 -16.28 -0.89 -34.95
C PHE D 7 -15.04 -1.78 -34.77
N VAL D 8 -13.98 -1.55 -35.58
CA VAL D 8 -12.75 -2.32 -35.41
C VAL D 8 -11.59 -1.34 -35.24
N GLY D 9 -11.01 -1.39 -34.01
CA GLY D 9 -9.75 -0.70 -33.75
C GLY D 9 -8.50 -1.59 -33.63
N GLY D 10 -7.36 -1.05 -34.11
CA GLY D 10 -6.02 -1.62 -34.10
C GLY D 10 -5.17 -0.86 -33.10
N ASN D 11 -4.91 -1.49 -31.96
CA ASN D 11 -3.96 -0.92 -30.99
C ASN D 11 -2.55 -1.48 -31.27
N TRP D 12 -1.67 -0.65 -31.81
CA TRP D 12 -0.32 -1.07 -32.16
C TRP D 12 0.53 -1.25 -30.89
N LYS D 13 0.03 -0.72 -29.76
CA LYS D 13 0.83 -0.70 -28.53
C LYS D 13 2.20 -0.06 -28.79
N MET D 14 3.25 -0.55 -28.10
CA MET D 14 4.62 -0.04 -28.20
C MET D 14 5.33 -0.71 -29.35
N ASN D 15 4.82 -0.49 -30.57
CA ASN D 15 5.44 -1.03 -31.78
C ASN D 15 5.20 0.02 -32.84
N GLY D 16 6.27 0.25 -33.61
CA GLY D 16 6.18 1.20 -34.71
C GLY D 16 7.59 1.75 -35.01
N SER D 17 7.78 2.17 -36.26
CA SER D 17 9.02 2.81 -36.76
C SER D 17 8.60 3.44 -38.08
N LYS D 18 9.23 4.54 -38.51
CA LYS D 18 8.72 5.17 -39.72
C LYS D 18 8.70 4.18 -40.88
N GLU D 19 9.64 3.22 -40.88
CA GLU D 19 9.70 2.26 -41.97
C GLU D 19 8.51 1.30 -41.91
N SER D 20 8.40 0.56 -40.77
CA SER D 20 7.32 -0.41 -40.60
C SER D 20 5.94 0.26 -40.55
N ASN D 21 5.85 1.54 -40.14
CA ASN D 21 4.57 2.25 -40.28
C ASN D 21 4.15 2.39 -41.74
N GLN D 22 5.10 2.86 -42.56
N GLN D 22 5.05 2.84 -42.64
CA GLN D 22 4.93 3.01 -44.01
CA GLN D 22 4.67 3.01 -44.03
C GLN D 22 4.26 1.77 -44.57
C GLN D 22 4.17 1.70 -44.61
N LYS D 23 4.88 0.61 -44.31
CA LYS D 23 4.45 -0.73 -44.78
C LYS D 23 3.00 -1.09 -44.34
N LEU D 24 2.70 -1.08 -43.02
CA LEU D 24 1.37 -1.31 -42.43
C LEU D 24 0.27 -0.48 -43.08
N LEU D 25 0.52 0.83 -43.17
CA LEU D 25 -0.52 1.75 -43.62
C LEU D 25 -0.83 1.53 -45.10
N LYS D 26 0.17 1.11 -45.85
CA LYS D 26 0.02 0.77 -47.26
C LYS D 26 -0.92 -0.42 -47.43
N THR D 27 -0.65 -1.50 -46.69
CA THR D 27 -1.56 -2.62 -46.72
C THR D 27 -2.97 -2.11 -46.42
N LEU D 28 -3.09 -1.26 -45.39
CA LEU D 28 -4.42 -0.83 -44.97
C LEU D 28 -4.97 0.20 -45.97
N SER D 29 -4.11 1.11 -46.48
CA SER D 29 -4.52 2.18 -47.41
C SER D 29 -5.02 1.56 -48.72
N ASP D 30 -4.33 0.53 -49.22
CA ASP D 30 -4.53 0.05 -50.58
C ASP D 30 -5.77 -0.83 -50.63
N ALA D 31 -5.96 -1.62 -49.57
CA ALA D 31 -7.12 -2.46 -49.44
C ALA D 31 -8.34 -1.55 -49.29
N LYS D 32 -9.52 -2.18 -49.33
CA LYS D 32 -10.75 -1.44 -49.12
C LYS D 32 -11.63 -2.25 -48.18
N PRO D 33 -11.36 -2.30 -46.85
CA PRO D 33 -12.27 -2.99 -45.94
C PRO D 33 -13.62 -2.27 -45.88
N ASP D 34 -14.64 -3.06 -45.58
CA ASP D 34 -16.04 -2.67 -45.53
C ASP D 34 -16.23 -1.21 -45.12
N ALA D 35 -16.89 -0.40 -45.96
CA ALA D 35 -17.39 0.91 -45.62
C ALA D 35 -18.47 0.88 -44.52
N ASN D 36 -18.86 -0.34 -44.14
CA ASN D 36 -19.85 -0.52 -43.09
C ASN D 36 -19.14 -0.73 -41.76
N THR D 37 -17.84 -0.44 -41.73
CA THR D 37 -17.04 -0.55 -40.51
C THR D 37 -16.36 0.76 -40.25
N GLU D 38 -16.41 1.21 -38.97
CA GLU D 38 -15.49 2.23 -38.44
C GLU D 38 -14.18 1.52 -38.19
N ILE D 39 -13.09 2.03 -38.82
CA ILE D 39 -11.73 1.55 -38.59
C ILE D 39 -10.90 2.61 -37.90
N LEU D 40 -10.31 2.14 -36.78
CA LEU D 40 -9.55 3.00 -35.87
C LEU D 40 -8.14 2.41 -35.83
N VAL D 41 -7.16 3.29 -35.69
CA VAL D 41 -5.78 2.88 -35.47
C VAL D 41 -5.19 3.75 -34.33
N ALA D 42 -4.64 3.08 -33.31
CA ALA D 42 -4.08 3.74 -32.12
C ALA D 42 -2.57 3.54 -32.08
N VAL D 43 -1.86 4.64 -32.24
CA VAL D 43 -0.43 4.54 -32.56
C VAL D 43 0.39 5.14 -31.43
N PRO D 44 1.70 4.86 -31.45
CA PRO D 44 2.61 5.54 -30.52
C PRO D 44 2.64 7.07 -30.68
N PHE D 45 2.79 7.78 -29.55
CA PHE D 45 2.69 9.25 -29.60
C PHE D 45 3.66 9.85 -30.60
N VAL D 46 4.87 9.28 -30.70
CA VAL D 46 5.90 9.92 -31.51
C VAL D 46 5.52 9.95 -33.00
N TYR D 47 4.67 9.01 -33.47
CA TYR D 47 4.36 8.93 -34.89
C TYR D 47 2.91 9.34 -35.16
N LEU D 48 2.22 9.88 -34.15
CA LEU D 48 0.77 10.17 -34.22
C LEU D 48 0.46 11.13 -35.37
N LYS D 49 1.17 12.28 -35.46
CA LYS D 49 0.81 13.27 -36.47
C LYS D 49 1.03 12.78 -37.91
N ASP D 50 2.18 12.10 -38.12
CA ASP D 50 2.51 11.47 -39.40
C ASP D 50 1.48 10.41 -39.85
N VAL D 51 1.02 9.54 -38.94
CA VAL D 51 -0.01 8.56 -39.30
C VAL D 51 -1.36 9.20 -39.72
N ARG D 52 -1.85 10.19 -38.94
CA ARG D 52 -3.02 10.98 -39.33
C ARG D 52 -2.82 11.66 -40.69
N GLU D 53 -1.62 12.18 -40.91
CA GLU D 53 -1.26 12.86 -42.18
C GLU D 53 -1.25 11.90 -43.36
N HIS D 54 -0.98 10.61 -43.16
CA HIS D 54 -0.82 9.67 -44.27
C HIS D 54 -1.89 8.59 -44.32
N LEU D 55 -3.01 8.83 -43.65
CA LEU D 55 -4.05 7.82 -43.62
C LEU D 55 -5.35 8.55 -43.91
N ASP D 56 -6.19 7.94 -44.78
CA ASP D 56 -7.43 8.53 -45.27
C ASP D 56 -8.35 8.87 -44.10
N LYS D 57 -9.21 9.88 -44.35
CA LYS D 57 -10.26 10.30 -43.42
C LYS D 57 -11.29 9.19 -43.21
N ARG D 58 -11.20 8.11 -43.98
CA ARG D 58 -11.91 6.85 -43.81
C ARG D 58 -11.54 6.27 -42.43
N PHE D 59 -10.31 6.53 -42.01
CA PHE D 59 -9.73 5.92 -40.80
C PHE D 59 -9.81 6.93 -39.65
N HIS D 60 -9.98 6.40 -38.43
CA HIS D 60 -9.72 7.21 -37.22
C HIS D 60 -8.29 6.92 -36.79
N VAL D 61 -7.60 7.95 -36.27
CA VAL D 61 -6.32 7.78 -35.60
C VAL D 61 -6.41 8.21 -34.15
N ALA D 62 -5.95 7.28 -33.25
CA ALA D 62 -6.07 7.48 -31.80
C ALA D 62 -4.69 7.53 -31.15
N ALA D 63 -4.62 8.32 -30.07
CA ALA D 63 -3.58 8.17 -29.09
C ALA D 63 -3.93 6.99 -28.24
N GLN D 64 -2.87 6.42 -27.63
CA GLN D 64 -3.03 5.30 -26.70
C GLN D 64 -3.29 5.74 -25.27
N ASN D 65 -3.18 7.05 -24.96
CA ASN D 65 -3.40 7.52 -23.58
C ASN D 65 -3.42 9.04 -23.63
N CYS D 66 -3.90 9.64 -22.57
CA CYS D 66 -3.72 11.07 -22.37
C CYS D 66 -3.94 11.39 -20.91
N TYR D 67 -3.71 12.68 -20.58
CA TYR D 67 -3.79 13.13 -19.21
C TYR D 67 -5.08 13.97 -19.10
N LYS D 68 -5.37 14.45 -17.87
CA LYS D 68 -6.71 14.97 -17.55
C LYS D 68 -6.73 16.49 -17.41
N VAL D 69 -5.69 17.16 -17.95
CA VAL D 69 -5.56 18.61 -17.93
C VAL D 69 -4.99 19.04 -19.28
N ALA D 70 -5.25 20.29 -19.71
CA ALA D 70 -4.95 20.70 -21.08
C ALA D 70 -3.47 21.02 -21.34
N SER D 71 -2.80 21.61 -20.35
CA SER D 71 -1.37 21.93 -20.43
C SER D 71 -0.87 21.96 -19.00
N GLY D 72 0.44 21.81 -18.79
CA GLY D 72 0.90 21.84 -17.40
C GLY D 72 2.26 21.15 -17.20
N ALA D 73 2.58 21.07 -15.91
CA ALA D 73 3.87 20.59 -15.42
C ALA D 73 3.63 19.12 -15.11
N PHE D 74 3.44 18.33 -16.18
CA PHE D 74 3.31 16.87 -16.08
C PHE D 74 4.26 16.24 -17.11
N THR D 75 5.56 16.23 -16.77
CA THR D 75 6.61 15.64 -17.60
C THR D 75 6.21 14.25 -18.10
N GLY D 76 6.28 14.10 -19.41
CA GLY D 76 6.03 12.82 -20.05
C GLY D 76 4.58 12.70 -20.56
N GLU D 77 3.63 13.59 -20.16
CA GLU D 77 2.21 13.41 -20.56
C GLU D 77 1.77 14.20 -21.81
N ILE D 78 0.77 13.63 -22.51
CA ILE D 78 0.22 14.27 -23.72
C ILE D 78 -1.24 14.61 -23.40
N SER D 79 -1.65 15.84 -23.69
CA SER D 79 -3.05 16.23 -23.40
C SER D 79 -3.96 15.97 -24.63
N PRO D 80 -5.30 15.98 -24.44
CA PRO D 80 -6.24 16.02 -25.56
C PRO D 80 -6.05 17.21 -26.50
N ALA D 81 -5.62 18.38 -25.91
CA ALA D 81 -5.36 19.54 -26.75
C ALA D 81 -4.22 19.22 -27.74
N MET D 82 -3.15 18.53 -27.30
CA MET D 82 -2.05 18.23 -28.22
C MET D 82 -2.43 17.18 -29.25
N ILE D 83 -3.30 16.21 -28.85
CA ILE D 83 -3.77 15.22 -29.80
C ILE D 83 -4.59 15.83 -30.98
N ARG D 84 -5.54 16.72 -30.64
CA ARG D 84 -6.29 17.53 -31.60
C ARG D 84 -5.34 18.38 -32.42
N ASP D 85 -4.34 18.95 -31.77
CA ASP D 85 -3.35 19.77 -32.47
C ASP D 85 -2.66 18.94 -33.54
N CYS D 86 -2.54 17.62 -33.34
CA CYS D 86 -1.92 16.71 -34.28
C CYS D 86 -2.91 16.18 -35.32
N GLY D 87 -4.15 16.69 -35.30
CA GLY D 87 -5.15 16.37 -36.30
C GLY D 87 -5.96 15.13 -35.89
N CYS D 88 -5.86 14.62 -34.63
CA CYS D 88 -6.44 13.30 -34.26
C CYS D 88 -7.57 13.48 -33.23
N GLU D 89 -8.61 12.63 -33.24
CA GLU D 89 -9.76 12.92 -32.38
C GLU D 89 -10.15 11.79 -31.44
N TRP D 90 -9.31 10.80 -31.32
CA TRP D 90 -9.64 9.56 -30.62
C TRP D 90 -8.53 9.30 -29.59
N VAL D 91 -8.94 8.64 -28.48
CA VAL D 91 -7.94 8.24 -27.48
C VAL D 91 -8.45 6.94 -26.86
N ILE D 92 -7.57 5.95 -26.79
CA ILE D 92 -7.81 4.79 -25.89
C ILE D 92 -7.52 5.21 -24.45
N LEU D 93 -8.43 4.91 -23.52
CA LEU D 93 -8.15 5.17 -22.11
C LEU D 93 -8.46 3.95 -21.25
N GLY D 94 -7.70 3.79 -20.17
CA GLY D 94 -7.84 2.66 -19.22
C GLY D 94 -7.46 1.30 -19.84
N HIS D 95 -6.59 1.27 -20.85
CA HIS D 95 -6.11 -0.03 -21.33
C HIS D 95 -5.61 -0.86 -20.14
N SER D 96 -5.69 -2.18 -20.26
CA SER D 96 -5.21 -3.05 -19.17
C SER D 96 -3.77 -2.80 -18.76
N GLU D 97 -2.88 -2.56 -19.73
CA GLU D 97 -1.47 -2.29 -19.43
C GLU D 97 -1.34 -0.97 -18.64
N ARG D 98 -2.21 -0.01 -18.95
CA ARG D 98 -2.21 1.28 -18.27
C ARG D 98 -2.74 1.17 -16.85
N ARG D 99 -3.62 0.21 -16.58
CA ARG D 99 -4.18 0.06 -15.22
C ARG D 99 -3.22 -0.77 -14.37
N HIS D 100 -2.73 -1.89 -14.91
CA HIS D 100 -2.06 -2.92 -14.11
C HIS D 100 -0.52 -2.76 -14.13
N ILE D 101 0.10 -2.27 -15.20
CA ILE D 101 1.54 -2.06 -15.14
C ILE D 101 1.72 -0.65 -14.61
N PHE D 102 1.03 0.34 -15.17
CA PHE D 102 1.47 1.74 -14.95
C PHE D 102 0.67 2.40 -13.86
N GLY D 103 -0.13 1.61 -13.12
CA GLY D 103 -0.77 2.10 -11.89
C GLY D 103 -1.95 3.07 -12.05
N GLU D 104 -2.61 3.17 -13.24
CA GLU D 104 -3.70 4.14 -13.34
C GLU D 104 -4.94 3.60 -12.59
N SER D 105 -5.47 4.38 -11.63
CA SER D 105 -6.69 3.99 -10.90
C SER D 105 -7.94 4.15 -11.77
N ASP D 106 -9.02 3.59 -11.25
CA ASP D 106 -10.38 3.78 -11.77
C ASP D 106 -10.78 5.26 -11.76
N GLU D 107 -10.51 5.96 -10.62
CA GLU D 107 -10.78 7.40 -10.47
C GLU D 107 -10.00 8.23 -11.51
N LEU D 108 -8.70 7.88 -11.75
CA LEU D 108 -7.93 8.57 -12.80
C LEU D 108 -8.50 8.32 -14.20
N ILE D 109 -8.84 7.07 -14.54
CA ILE D 109 -9.43 6.75 -15.87
C ILE D 109 -10.70 7.58 -16.03
N GLY D 110 -11.52 7.62 -14.97
CA GLY D 110 -12.73 8.44 -15.00
C GLY D 110 -12.45 9.90 -15.33
N GLU D 111 -11.42 10.45 -14.65
CA GLU D 111 -11.20 11.88 -14.82
C GLU D 111 -10.63 12.12 -16.22
N LYS D 112 -9.88 11.15 -16.74
CA LYS D 112 -9.33 11.33 -18.10
C LYS D 112 -10.46 11.34 -19.13
N VAL D 113 -11.39 10.40 -18.96
CA VAL D 113 -12.60 10.40 -19.81
C VAL D 113 -13.31 11.77 -19.75
N ASN D 114 -13.55 12.27 -18.52
CA ASN D 114 -14.14 13.60 -18.35
C ASN D 114 -13.42 14.61 -19.20
N HIS D 115 -12.08 14.78 -18.98
CA HIS D 115 -11.31 15.81 -19.71
C HIS D 115 -11.30 15.61 -21.22
N ALA D 116 -11.13 14.37 -21.68
CA ALA D 116 -11.15 14.10 -23.15
C ALA D 116 -12.50 14.42 -23.80
N LEU D 117 -13.57 14.00 -23.16
CA LEU D 117 -14.87 14.26 -23.76
C LEU D 117 -15.12 15.76 -23.76
N THR D 118 -14.77 16.44 -22.68
CA THR D 118 -15.00 17.89 -22.56
C THR D 118 -14.29 18.60 -23.69
N CYS D 119 -13.07 18.12 -24.01
CA CYS D 119 -12.26 18.69 -25.08
C CYS D 119 -12.67 18.21 -26.45
N GLY D 120 -13.77 17.47 -26.55
CA GLY D 120 -14.28 17.19 -27.87
C GLY D 120 -13.83 15.85 -28.45
N LEU D 121 -12.85 15.14 -27.83
CA LEU D 121 -12.39 13.88 -28.42
C LEU D 121 -13.45 12.77 -28.29
N LYS D 122 -13.20 11.65 -28.99
CA LYS D 122 -13.96 10.42 -28.85
C LYS D 122 -13.05 9.42 -28.13
N VAL D 123 -13.62 8.61 -27.23
CA VAL D 123 -12.77 7.82 -26.30
C VAL D 123 -13.09 6.35 -26.44
N VAL D 124 -12.09 5.50 -26.15
CA VAL D 124 -12.36 4.05 -26.15
C VAL D 124 -11.92 3.57 -24.77
N PRO D 125 -12.81 3.65 -23.76
CA PRO D 125 -12.38 3.20 -22.45
C PRO D 125 -12.44 1.66 -22.38
N CYS D 126 -11.46 1.10 -21.68
CA CYS D 126 -11.20 -0.35 -21.75
C CYS D 126 -11.48 -0.90 -20.36
N ILE D 127 -12.18 -2.03 -20.28
CA ILE D 127 -12.51 -2.69 -19.02
C ILE D 127 -12.21 -4.16 -19.24
N GLY D 128 -11.85 -4.85 -18.15
CA GLY D 128 -11.76 -6.32 -18.17
C GLY D 128 -10.99 -6.85 -16.96
N GLU D 129 -11.07 -8.17 -16.75
CA GLU D 129 -10.57 -8.83 -15.55
C GLU D 129 -9.35 -9.67 -15.89
N LYS D 130 -8.46 -9.82 -14.90
CA LYS D 130 -7.25 -10.64 -15.01
C LYS D 130 -7.60 -12.12 -14.80
N LEU D 131 -6.68 -13.03 -15.15
CA LEU D 131 -6.84 -14.47 -15.01
C LEU D 131 -7.26 -14.90 -13.60
N ASP D 132 -6.96 -14.08 -12.57
CA ASP D 132 -7.21 -14.43 -11.17
C ASP D 132 -8.58 -13.95 -10.70
N GLU D 133 -9.05 -12.80 -11.18
CA GLU D 133 -10.38 -12.34 -10.81
C GLU D 133 -11.47 -13.18 -11.50
N ARG D 134 -11.15 -13.73 -12.69
CA ARG D 134 -12.01 -14.70 -13.35
C ARG D 134 -12.02 -16.02 -12.57
N GLU D 135 -10.84 -16.54 -12.21
CA GLU D 135 -10.75 -17.78 -11.44
C GLU D 135 -11.32 -17.59 -10.03
N ALA D 136 -11.56 -16.33 -9.59
CA ALA D 136 -12.21 -16.01 -8.32
C ALA D 136 -13.69 -15.72 -8.49
N GLY D 137 -14.23 -15.73 -9.74
CA GLY D 137 -15.65 -15.45 -9.90
C GLY D 137 -16.04 -13.99 -9.60
N LYS D 138 -15.22 -13.02 -10.06
CA LYS D 138 -15.43 -11.61 -9.72
C LYS D 138 -15.48 -10.76 -10.98
N THR D 139 -15.60 -11.43 -12.13
CA THR D 139 -15.61 -10.74 -13.42
C THR D 139 -16.58 -9.57 -13.36
N GLU D 140 -17.78 -9.84 -12.85
CA GLU D 140 -18.87 -8.87 -12.83
C GLU D 140 -18.55 -7.71 -11.90
N GLN D 141 -18.20 -8.03 -10.65
CA GLN D 141 -17.84 -7.03 -9.66
C GLN D 141 -16.70 -6.15 -10.23
N VAL D 142 -15.66 -6.77 -10.79
CA VAL D 142 -14.58 -6.02 -11.42
C VAL D 142 -15.10 -5.14 -12.57
N CYS D 143 -15.88 -5.67 -13.51
CA CYS D 143 -16.25 -4.87 -14.67
C CYS D 143 -17.19 -3.73 -14.26
N PHE D 144 -18.00 -3.95 -13.21
CA PHE D 144 -19.00 -2.99 -12.76
C PHE D 144 -18.35 -1.78 -12.10
N ARG D 145 -17.34 -2.07 -11.28
CA ARG D 145 -16.53 -1.04 -10.60
C ARG D 145 -15.87 -0.19 -11.68
N GLN D 146 -15.29 -0.87 -12.66
CA GLN D 146 -14.65 -0.21 -13.80
C GLN D 146 -15.70 0.67 -14.49
N LEU D 147 -16.88 0.12 -14.82
CA LEU D 147 -17.98 0.86 -15.49
C LEU D 147 -18.45 2.06 -14.67
N ASP D 148 -18.62 1.89 -13.36
CA ASP D 148 -19.15 3.00 -12.57
C ASP D 148 -18.17 4.18 -12.60
N ALA D 149 -16.86 3.89 -12.52
CA ALA D 149 -15.88 4.97 -12.51
C ALA D 149 -15.79 5.63 -13.89
N ILE D 150 -16.15 4.94 -14.98
CA ILE D 150 -16.27 5.61 -16.29
C ILE D 150 -17.51 6.47 -16.36
N LYS D 151 -18.64 5.95 -15.86
CA LYS D 151 -19.88 6.74 -15.87
C LYS D 151 -19.69 8.04 -15.08
N LYS D 152 -18.99 7.96 -13.96
CA LYS D 152 -18.73 9.12 -13.12
C LYS D 152 -18.00 10.21 -13.91
N GLY D 153 -17.19 9.82 -14.91
CA GLY D 153 -16.48 10.81 -15.75
C GLY D 153 -17.23 11.22 -17.02
N ILE D 154 -18.47 10.79 -17.21
CA ILE D 154 -19.21 11.30 -18.38
C ILE D 154 -19.83 12.65 -18.01
N PRO D 155 -19.42 13.76 -18.62
CA PRO D 155 -19.82 15.09 -18.14
C PRO D 155 -21.33 15.34 -18.34
N LYS D 156 -21.96 14.55 -19.21
CA LYS D 156 -23.42 14.60 -19.45
C LYS D 156 -23.82 13.53 -20.48
N ALA D 157 -25.08 13.07 -20.34
CA ALA D 157 -25.54 11.85 -20.98
C ALA D 157 -25.28 11.93 -22.50
N GLU D 158 -25.33 13.13 -23.08
CA GLU D 158 -25.19 13.26 -24.55
C GLU D 158 -23.81 12.73 -25.00
N ASP D 159 -22.85 12.76 -24.09
CA ASP D 159 -21.46 12.48 -24.49
C ASP D 159 -21.26 10.98 -24.79
N TRP D 160 -22.22 10.12 -24.42
CA TRP D 160 -21.99 8.69 -24.62
C TRP D 160 -21.96 8.36 -26.12
N SER D 161 -22.46 9.24 -27.00
CA SER D 161 -22.35 9.02 -28.44
C SER D 161 -20.90 9.05 -28.94
N ARG D 162 -19.98 9.59 -28.11
N ARG D 162 -19.98 9.63 -28.16
CA ARG D 162 -18.56 9.64 -28.44
CA ARG D 162 -18.56 9.60 -28.51
C ARG D 162 -17.74 8.68 -27.58
C ARG D 162 -17.78 8.70 -27.56
N VAL D 163 -18.38 7.57 -27.20
CA VAL D 163 -17.77 6.54 -26.34
C VAL D 163 -17.95 5.22 -27.11
N VAL D 164 -16.86 4.45 -27.21
CA VAL D 164 -16.94 3.04 -27.58
C VAL D 164 -16.24 2.24 -26.46
N ILE D 165 -16.95 1.28 -25.91
CA ILE D 165 -16.34 0.47 -24.85
C ILE D 165 -15.58 -0.67 -25.51
N ALA D 166 -14.45 -1.05 -24.91
CA ALA D 166 -13.72 -2.24 -25.31
C ALA D 166 -13.56 -3.11 -24.07
N TYR D 167 -14.15 -4.30 -24.15
CA TYR D 167 -13.94 -5.28 -23.09
C TYR D 167 -12.79 -6.16 -23.57
N GLU D 168 -11.72 -6.19 -22.77
CA GLU D 168 -10.56 -7.05 -23.03
C GLU D 168 -10.10 -7.78 -21.75
N PRO D 169 -10.48 -9.06 -21.58
CA PRO D 169 -9.98 -9.88 -20.48
C PRO D 169 -8.46 -9.94 -20.59
N VAL D 170 -7.78 -9.55 -19.52
CA VAL D 170 -6.33 -9.58 -19.40
C VAL D 170 -5.80 -11.00 -19.69
N TRP D 171 -6.54 -12.04 -19.32
CA TRP D 171 -6.08 -13.42 -19.61
C TRP D 171 -6.14 -13.75 -21.10
N ALA D 172 -6.78 -12.87 -21.90
CA ALA D 172 -6.78 -13.12 -23.34
C ALA D 172 -5.76 -12.25 -24.08
N ILE D 173 -5.09 -11.33 -23.36
CA ILE D 173 -4.19 -10.37 -24.02
C ILE D 173 -2.81 -10.97 -24.36
N GLY D 174 -2.52 -11.06 -25.69
CA GLY D 174 -1.20 -11.49 -26.19
C GLY D 174 -0.80 -12.94 -25.83
N THR D 175 -1.78 -13.80 -25.51
CA THR D 175 -1.55 -15.18 -25.06
C THR D 175 -1.97 -16.26 -26.07
N GLY D 176 -2.86 -15.91 -27.02
CA GLY D 176 -3.62 -16.89 -27.81
C GLY D 176 -4.87 -17.43 -27.10
N LYS D 177 -5.12 -16.98 -25.85
CA LYS D 177 -6.22 -17.45 -25.01
C LYS D 177 -7.54 -16.71 -25.24
N THR D 178 -8.04 -16.75 -26.47
CA THR D 178 -9.22 -16.01 -26.89
C THR D 178 -10.42 -16.37 -26.01
N ALA D 179 -11.19 -15.38 -25.55
CA ALA D 179 -12.53 -15.71 -25.04
C ALA D 179 -13.32 -16.48 -26.09
N SER D 180 -14.10 -17.50 -25.69
CA SER D 180 -15.04 -18.13 -26.63
C SER D 180 -16.07 -17.10 -27.08
N PRO D 181 -16.74 -17.33 -28.25
CA PRO D 181 -17.86 -16.47 -28.64
C PRO D 181 -18.87 -16.35 -27.50
N GLU D 182 -19.16 -17.48 -26.81
CA GLU D 182 -20.18 -17.44 -25.78
C GLU D 182 -19.64 -16.69 -24.54
N GLN D 183 -18.32 -16.81 -24.25
CA GLN D 183 -17.76 -16.07 -23.13
C GLN D 183 -17.78 -14.55 -23.39
N ALA D 184 -17.46 -14.07 -24.60
CA ALA D 184 -17.66 -12.66 -24.93
C ALA D 184 -19.10 -12.20 -24.80
N GLN D 185 -20.02 -12.93 -25.44
CA GLN D 185 -21.43 -12.51 -25.54
C GLN D 185 -22.01 -12.34 -24.15
N GLU D 186 -21.69 -13.28 -23.25
CA GLU D 186 -22.19 -13.26 -21.88
C GLU D 186 -21.74 -12.02 -21.13
N VAL D 187 -20.45 -11.67 -21.25
CA VAL D 187 -19.95 -10.48 -20.56
C VAL D 187 -20.57 -9.25 -21.23
N HIS D 188 -20.43 -9.13 -22.56
CA HIS D 188 -21.00 -7.97 -23.23
C HIS D 188 -22.49 -7.78 -22.88
N HIS D 189 -23.26 -8.86 -22.92
CA HIS D 189 -24.68 -8.77 -22.59
C HIS D 189 -24.88 -8.14 -21.21
N ALA D 190 -24.12 -8.61 -20.21
CA ALA D 190 -24.25 -8.17 -18.84
C ALA D 190 -23.83 -6.70 -18.72
N VAL D 191 -22.79 -6.31 -19.49
CA VAL D 191 -22.33 -4.92 -19.49
C VAL D 191 -23.46 -4.02 -19.99
N ARG D 192 -24.02 -4.41 -21.15
CA ARG D 192 -25.16 -3.70 -21.71
C ARG D 192 -26.35 -3.66 -20.74
N GLN D 193 -26.66 -4.72 -20.01
CA GLN D 193 -27.73 -4.64 -18.99
C GLN D 193 -27.34 -3.63 -17.89
N TRP D 194 -26.06 -3.62 -17.45
CA TRP D 194 -25.63 -2.64 -16.42
C TRP D 194 -25.87 -1.23 -16.92
N LEU D 195 -25.52 -1.01 -18.20
CA LEU D 195 -25.70 0.30 -18.81
C LEU D 195 -27.18 0.68 -18.83
N GLU D 196 -28.02 -0.31 -19.19
CA GLU D 196 -29.45 -0.12 -19.37
C GLU D 196 -30.07 0.44 -18.10
N LYS D 197 -29.67 -0.11 -16.94
CA LYS D 197 -30.21 0.35 -15.67
C LYS D 197 -29.57 1.64 -15.16
N ASN D 198 -28.28 1.87 -15.41
CA ASN D 198 -27.61 2.91 -14.62
C ASN D 198 -27.48 4.23 -15.37
N VAL D 199 -27.68 4.20 -16.69
CA VAL D 199 -27.62 5.40 -17.53
C VAL D 199 -28.96 5.58 -18.24
N SER D 200 -29.17 4.81 -19.31
CA SER D 200 -30.26 5.07 -20.26
C SER D 200 -30.66 3.70 -20.86
N GLN D 201 -31.84 3.62 -21.46
CA GLN D 201 -32.07 2.61 -22.50
C GLN D 201 -31.51 3.18 -23.80
N ALA D 202 -31.54 4.51 -23.96
CA ALA D 202 -31.07 5.12 -25.21
C ALA D 202 -29.56 4.81 -25.35
N VAL D 203 -28.84 4.91 -24.22
CA VAL D 203 -27.37 4.77 -24.25
C VAL D 203 -27.03 3.29 -24.47
N ALA D 204 -27.61 2.38 -23.65
CA ALA D 204 -27.38 0.95 -23.82
C ALA D 204 -27.59 0.48 -25.26
N SER D 205 -28.67 0.90 -25.94
CA SER D 205 -29.01 0.27 -27.24
C SER D 205 -28.06 0.79 -28.34
N SER D 206 -27.46 1.99 -28.13
CA SER D 206 -26.60 2.58 -29.16
C SER D 206 -25.10 2.31 -28.92
N LEU D 207 -24.69 1.85 -27.73
CA LEU D 207 -23.24 1.78 -27.44
C LEU D 207 -22.60 0.51 -28.04
N ARG D 208 -21.54 0.73 -28.85
CA ARG D 208 -20.69 -0.40 -29.28
C ARG D 208 -19.83 -0.86 -28.08
N ILE D 209 -19.94 -2.15 -27.75
CA ILE D 209 -19.10 -2.78 -26.75
C ILE D 209 -18.27 -3.80 -27.54
N THR D 210 -16.97 -3.56 -27.63
CA THR D 210 -16.08 -4.34 -28.51
C THR D 210 -15.22 -5.29 -27.69
N TYR D 211 -14.72 -6.36 -28.34
CA TYR D 211 -13.87 -7.35 -27.70
C TYR D 211 -12.46 -7.19 -28.21
N GLY D 212 -11.47 -7.42 -27.34
CA GLY D 212 -10.10 -7.49 -27.80
C GLY D 212 -9.46 -8.60 -26.97
N GLY D 213 -8.31 -9.05 -27.39
CA GLY D 213 -7.64 -10.07 -26.59
C GLY D 213 -7.45 -11.30 -27.48
N SER D 214 -6.35 -11.34 -28.24
CA SER D 214 -6.07 -12.49 -29.11
C SER D 214 -7.06 -12.61 -30.26
N VAL D 215 -7.58 -11.47 -30.74
CA VAL D 215 -8.42 -11.43 -31.94
C VAL D 215 -7.51 -11.66 -33.14
N THR D 216 -7.89 -12.65 -33.98
CA THR D 216 -7.16 -12.86 -35.24
C THR D 216 -8.11 -13.07 -36.39
N ALA D 217 -7.57 -13.12 -37.61
CA ALA D 217 -8.36 -13.43 -38.80
C ALA D 217 -9.05 -14.79 -38.68
N ALA D 218 -8.56 -15.70 -37.83
CA ALA D 218 -9.13 -17.05 -37.77
C ALA D 218 -10.33 -17.16 -36.82
N ASN D 219 -10.43 -16.29 -35.80
CA ASN D 219 -11.51 -16.40 -34.82
C ASN D 219 -12.51 -15.21 -34.88
N CYS D 220 -12.26 -14.17 -35.69
CA CYS D 220 -13.07 -12.94 -35.55
C CYS D 220 -14.55 -13.12 -35.93
N LYS D 221 -14.81 -13.98 -36.92
CA LYS D 221 -16.19 -14.09 -37.45
C LYS D 221 -17.13 -14.71 -36.43
N GLU D 222 -16.67 -15.74 -35.70
CA GLU D 222 -17.54 -16.39 -34.71
C GLU D 222 -17.84 -15.42 -33.54
N LEU D 223 -16.86 -14.61 -33.12
CA LEU D 223 -17.09 -13.58 -32.11
C LEU D 223 -18.03 -12.48 -32.62
N ALA D 224 -17.85 -12.05 -33.87
CA ALA D 224 -18.63 -10.98 -34.47
C ALA D 224 -20.10 -11.38 -34.67
N LYS D 225 -20.41 -12.69 -34.83
CA LYS D 225 -21.78 -13.19 -34.95
C LYS D 225 -22.62 -12.91 -33.71
N LYS D 226 -21.97 -12.81 -32.52
CA LYS D 226 -22.69 -12.67 -31.27
C LYS D 226 -23.37 -11.29 -31.20
N PRO D 227 -24.63 -11.17 -30.71
CA PRO D 227 -25.36 -9.94 -30.98
C PRO D 227 -24.92 -8.74 -30.13
N ASP D 228 -24.27 -8.95 -28.96
CA ASP D 228 -23.85 -7.79 -28.14
C ASP D 228 -22.34 -7.54 -28.22
N VAL D 229 -21.65 -8.20 -29.15
CA VAL D 229 -20.24 -7.92 -29.47
C VAL D 229 -20.21 -7.07 -30.75
N ASP D 230 -19.80 -5.81 -30.67
CA ASP D 230 -20.09 -4.88 -31.76
C ASP D 230 -18.84 -4.62 -32.59
N GLY D 231 -17.81 -5.41 -32.32
CA GLY D 231 -16.56 -5.23 -33.03
C GLY D 231 -15.37 -5.57 -32.13
N PHE D 232 -14.23 -5.00 -32.45
CA PHE D 232 -12.95 -5.40 -31.86
C PHE D 232 -12.02 -4.25 -31.52
N LEU D 233 -11.18 -4.52 -30.50
CA LEU D 233 -9.91 -3.81 -30.32
C LEU D 233 -8.76 -4.81 -30.49
N VAL D 234 -8.08 -4.77 -31.63
CA VAL D 234 -7.05 -5.77 -31.98
C VAL D 234 -5.68 -5.22 -31.61
N GLY D 235 -4.89 -6.02 -30.88
CA GLY D 235 -3.47 -5.67 -30.64
C GLY D 235 -2.51 -6.29 -31.64
N GLY D 236 -1.79 -7.34 -31.22
CA GLY D 236 -0.81 -8.04 -32.02
C GLY D 236 -1.13 -8.15 -33.50
N ALA D 237 -2.38 -8.55 -33.83
CA ALA D 237 -2.77 -8.76 -35.22
C ALA D 237 -3.00 -7.43 -35.93
N SER D 238 -2.95 -6.29 -35.23
CA SER D 238 -3.04 -4.99 -35.91
C SER D 238 -1.76 -4.60 -36.63
N LEU D 239 -0.64 -5.31 -36.35
CA LEU D 239 0.62 -5.06 -36.99
C LEU D 239 0.79 -5.92 -38.24
N LYS D 240 -0.09 -6.93 -38.41
CA LYS D 240 -0.03 -7.89 -39.51
C LYS D 240 -1.09 -7.59 -40.58
N PRO D 241 -0.93 -8.07 -41.84
CA PRO D 241 -1.88 -7.76 -42.90
C PRO D 241 -3.29 -8.32 -42.69
N GLU D 242 -3.38 -9.43 -41.94
CA GLU D 242 -4.68 -10.00 -41.59
C GLU D 242 -5.52 -8.98 -40.78
N PHE D 243 -4.94 -7.84 -40.35
CA PHE D 243 -5.78 -6.83 -39.69
C PHE D 243 -6.93 -6.46 -40.64
N VAL D 244 -6.64 -6.40 -41.95
CA VAL D 244 -7.70 -6.09 -42.93
C VAL D 244 -8.84 -7.10 -42.87
N ASP D 245 -8.54 -8.40 -42.67
CA ASP D 245 -9.57 -9.43 -42.64
C ASP D 245 -10.40 -9.29 -41.37
N ILE D 246 -9.79 -8.81 -40.30
CA ILE D 246 -10.52 -8.64 -39.02
C ILE D 246 -11.48 -7.45 -39.16
N CYS D 247 -11.08 -6.43 -39.92
CA CYS D 247 -11.94 -5.32 -40.33
C CYS D 247 -13.15 -5.85 -41.11
N ASN D 248 -13.04 -7.00 -41.79
CA ASN D 248 -14.14 -7.54 -42.57
C ASN D 248 -14.89 -8.65 -41.84
N ALA D 249 -14.81 -8.75 -40.50
CA ALA D 249 -15.36 -9.91 -39.78
C ALA D 249 -16.88 -9.94 -39.73
N ASN D 250 -17.56 -8.79 -39.81
CA ASN D 250 -19.02 -8.75 -39.85
C ASN D 250 -19.58 -8.97 -41.24
N ALA E 1 42.17 18.89 36.98
CA ALA E 1 42.87 19.24 35.70
C ALA E 1 41.95 20.02 34.75
N SER E 2 40.68 19.62 34.65
CA SER E 2 39.73 20.21 33.71
C SER E 2 39.10 21.48 34.28
N ASN E 3 38.67 22.36 33.36
CA ASN E 3 37.76 23.45 33.69
C ASN E 3 36.28 22.98 33.61
N ARG E 4 35.99 21.67 33.55
CA ARG E 4 34.60 21.23 33.26
C ARG E 4 33.77 21.00 34.54
N LYS E 5 32.82 21.93 34.82
CA LYS E 5 32.01 21.66 36.02
C LYS E 5 31.02 20.49 35.79
N PHE E 6 30.87 19.69 36.82
CA PHE E 6 30.01 18.53 36.76
C PHE E 6 28.58 18.96 36.41
N PHE E 7 27.95 18.21 35.48
CA PHE E 7 26.59 18.54 35.01
C PHE E 7 25.64 17.33 35.23
N VAL E 8 24.48 17.59 35.87
CA VAL E 8 23.55 16.48 36.10
C VAL E 8 22.19 16.90 35.54
N GLY E 9 21.75 16.11 34.56
CA GLY E 9 20.39 16.23 34.06
C GLY E 9 19.45 15.11 34.50
N GLY E 10 18.22 15.51 34.80
CA GLY E 10 17.08 14.62 35.02
C GLY E 10 16.00 14.69 33.91
N ASN E 11 15.97 13.66 33.03
CA ASN E 11 14.94 13.57 31.99
C ASN E 11 13.71 12.84 32.56
N TRP E 12 12.60 13.56 32.84
CA TRP E 12 11.38 12.91 33.33
C TRP E 12 10.65 12.20 32.19
N LYS E 13 10.98 12.56 30.93
CA LYS E 13 10.42 11.89 29.77
C LYS E 13 8.88 12.09 29.79
N MET E 14 8.10 11.04 29.47
CA MET E 14 6.64 11.22 29.45
C MET E 14 6.01 10.72 30.77
N ASN E 15 6.28 11.49 31.86
CA ASN E 15 5.74 11.17 33.20
C ASN E 15 5.43 12.49 33.88
N GLY E 16 4.52 12.45 34.85
CA GLY E 16 4.18 13.65 35.60
C GLY E 16 2.73 14.11 35.48
N SER E 17 2.33 14.81 36.54
CA SER E 17 1.00 15.33 36.83
C SER E 17 1.21 16.54 37.76
N LYS E 18 0.21 17.40 37.88
CA LYS E 18 0.42 18.51 38.81
C LYS E 18 0.73 17.97 40.21
N GLU E 19 0.00 16.97 40.71
CA GLU E 19 0.21 16.66 42.12
C GLU E 19 1.45 15.78 42.34
N SER E 20 1.95 15.14 41.27
CA SER E 20 3.23 14.45 41.27
C SER E 20 4.39 15.44 41.17
N ASN E 21 4.28 16.46 40.28
CA ASN E 21 5.38 17.42 40.11
C ASN E 21 5.52 18.34 41.34
N GLN E 22 4.41 18.78 41.96
CA GLN E 22 4.58 19.64 43.15
C GLN E 22 5.40 18.97 44.26
N LYS E 23 5.16 17.65 44.50
CA LYS E 23 5.88 16.87 45.51
C LYS E 23 7.36 16.71 45.14
N LEU E 24 7.64 16.30 43.89
CA LEU E 24 9.00 16.17 43.33
C LEU E 24 9.81 17.47 43.46
N LEU E 25 9.25 18.58 42.99
CA LEU E 25 9.89 19.89 42.96
C LEU E 25 10.17 20.38 44.39
N LYS E 26 9.26 20.07 45.33
CA LYS E 26 9.56 20.30 46.74
C LYS E 26 10.87 19.63 47.20
N THR E 27 10.93 18.30 47.16
CA THR E 27 12.16 17.52 47.34
C THR E 27 13.38 18.24 46.76
N LEU E 28 13.32 18.61 45.48
CA LEU E 28 14.39 19.34 44.78
C LEU E 28 14.73 20.67 45.50
N SER E 29 13.76 21.54 45.75
CA SER E 29 14.06 22.81 46.44
C SER E 29 14.48 22.58 47.90
N ASP E 30 14.24 21.37 48.45
CA ASP E 30 14.53 21.07 49.84
C ASP E 30 16.01 20.77 50.05
N ALA E 31 16.63 20.10 49.05
CA ALA E 31 18.06 19.79 49.09
C ALA E 31 18.85 21.10 49.22
N LYS E 32 20.13 21.02 49.61
CA LYS E 32 20.92 22.22 49.83
C LYS E 32 21.46 22.69 48.48
N PRO E 33 21.44 24.00 48.16
CA PRO E 33 22.20 24.52 47.02
C PRO E 33 23.61 23.93 46.96
N ASP E 34 24.04 23.59 45.75
CA ASP E 34 25.33 23.00 45.48
C ASP E 34 26.02 23.82 44.39
N ALA E 35 26.96 24.73 44.77
CA ALA E 35 27.49 25.67 43.79
C ALA E 35 28.42 24.96 42.82
N ASN E 36 28.64 23.65 43.01
CA ASN E 36 29.61 22.92 42.21
C ASN E 36 28.93 22.02 41.19
N THR E 37 27.59 21.90 41.26
CA THR E 37 26.91 20.99 40.31
C THR E 37 25.93 21.81 39.46
N GLU E 38 25.97 21.59 38.13
CA GLU E 38 25.00 22.18 37.22
C GLU E 38 23.90 21.13 37.13
N ILE E 39 22.65 21.52 37.51
CA ILE E 39 21.50 20.59 37.55
C ILE E 39 20.39 21.11 36.64
N LEU E 40 19.87 20.19 35.84
CA LEU E 40 18.80 20.45 34.89
C LEU E 40 17.69 19.46 35.18
N VAL E 41 16.43 19.87 34.96
CA VAL E 41 15.32 18.92 34.75
C VAL E 41 14.62 19.23 33.42
N ALA E 42 14.34 18.14 32.71
CA ALA E 42 13.65 18.16 31.41
C ALA E 42 12.24 17.63 31.65
N VAL E 43 11.32 18.59 31.53
CA VAL E 43 9.92 18.34 31.87
C VAL E 43 9.00 18.46 30.66
N PRO E 44 7.86 17.74 30.70
CA PRO E 44 6.88 17.79 29.62
C PRO E 44 6.37 19.19 29.24
N PHE E 45 6.14 19.43 27.94
CA PHE E 45 5.81 20.76 27.48
C PHE E 45 4.67 21.35 28.32
N VAL E 46 3.66 20.56 28.68
CA VAL E 46 2.44 21.18 29.26
C VAL E 46 2.74 21.67 30.67
N TYR E 47 3.91 21.31 31.22
CA TYR E 47 4.23 21.76 32.59
C TYR E 47 5.45 22.69 32.61
N LEU E 48 6.04 22.97 31.42
CA LEU E 48 7.37 23.63 31.33
C LEU E 48 7.39 24.99 32.07
N LYS E 49 6.39 25.82 31.68
CA LYS E 49 6.06 27.11 32.27
C LYS E 49 5.88 26.95 33.79
N ASP E 50 5.04 25.98 34.21
CA ASP E 50 4.70 25.90 35.63
C ASP E 50 5.89 25.41 36.46
N VAL E 51 6.64 24.40 35.96
CA VAL E 51 7.87 23.92 36.63
C VAL E 51 8.85 25.10 36.83
N ARG E 52 9.05 25.80 35.70
CA ARG E 52 9.98 26.94 35.67
C ARG E 52 9.65 27.94 36.79
N GLU E 53 8.34 28.15 37.08
CA GLU E 53 8.02 29.18 38.08
C GLU E 53 8.00 28.56 39.48
N HIS E 54 8.25 27.23 39.55
CA HIS E 54 8.17 26.49 40.80
C HIS E 54 9.56 25.98 41.22
N LEU E 55 10.65 26.46 40.59
CA LEU E 55 12.00 26.18 41.14
C LEU E 55 12.77 27.48 41.04
N ASP E 56 13.58 27.80 42.06
CA ASP E 56 14.58 28.89 41.98
C ASP E 56 15.44 28.72 40.72
N LYS E 57 15.93 29.84 40.15
CA LYS E 57 16.67 29.95 38.88
C LYS E 57 17.98 29.15 38.89
N ARG E 58 18.38 28.71 40.08
CA ARG E 58 19.49 27.77 40.22
C ARG E 58 19.32 26.63 39.17
N PHE E 59 18.22 25.86 39.26
CA PHE E 59 18.03 24.69 38.39
C PHE E 59 17.65 25.16 36.99
N HIS E 60 18.32 24.54 35.97
CA HIS E 60 17.93 24.73 34.57
C HIS E 60 16.67 23.84 34.34
N VAL E 61 15.72 24.36 33.52
CA VAL E 61 14.51 23.64 33.13
C VAL E 61 14.52 23.55 31.61
N ALA E 62 14.42 22.32 31.09
CA ALA E 62 14.63 22.03 29.66
C ALA E 62 13.32 21.51 29.12
N ALA E 63 13.06 21.79 27.83
CA ALA E 63 12.04 21.09 27.09
C ALA E 63 12.61 19.81 26.56
N GLN E 64 11.73 18.86 26.23
CA GLN E 64 12.29 17.54 25.89
C GLN E 64 12.59 17.40 24.40
N ASN E 65 12.30 18.45 23.63
CA ASN E 65 12.45 18.44 22.16
C ASN E 65 12.03 19.86 21.70
N CYS E 66 12.24 20.15 20.44
CA CYS E 66 11.61 21.30 19.84
C CYS E 66 11.78 21.11 18.35
N TYR E 67 11.18 22.04 17.58
CA TYR E 67 11.38 22.08 16.13
C TYR E 67 12.35 23.25 15.80
N LYS E 68 12.57 23.41 14.48
CA LYS E 68 13.71 24.12 13.91
C LYS E 68 13.39 25.50 13.30
N VAL E 69 12.19 26.08 13.57
CA VAL E 69 11.82 27.45 13.16
C VAL E 69 11.02 28.08 14.30
N ALA E 70 10.78 29.43 14.26
CA ALA E 70 10.19 30.13 15.38
C ALA E 70 8.68 29.88 15.44
N SER E 71 8.04 29.81 14.27
CA SER E 71 6.61 29.58 14.16
C SER E 71 6.31 29.03 12.76
N GLY E 72 5.06 28.61 12.56
CA GLY E 72 4.66 28.05 11.26
C GLY E 72 3.69 26.87 11.34
N ALA E 73 3.52 26.24 10.18
CA ALA E 73 2.46 25.26 9.92
C ALA E 73 3.01 23.89 10.32
N PHE E 74 3.19 23.66 11.63
CA PHE E 74 3.75 22.40 12.14
C PHE E 74 2.91 22.00 13.34
N THR E 75 1.72 21.51 13.06
CA THR E 75 0.78 21.04 14.08
C THR E 75 1.51 20.10 15.04
N GLY E 76 1.38 20.45 16.34
CA GLY E 76 1.90 19.61 17.44
C GLY E 76 3.38 19.84 17.75
N GLU E 77 4.05 20.80 17.07
CA GLU E 77 5.48 21.10 17.33
C GLU E 77 5.67 22.31 18.27
N ILE E 78 6.83 22.35 18.95
CA ILE E 78 7.24 23.46 19.86
C ILE E 78 8.58 24.07 19.42
N SER E 79 8.68 25.41 19.53
CA SER E 79 9.83 26.17 19.03
C SER E 79 10.69 26.69 20.20
N PRO E 80 12.01 26.91 20.00
CA PRO E 80 12.79 27.64 21.00
C PRO E 80 12.16 28.95 21.44
N ALA E 81 11.52 29.69 20.49
CA ALA E 81 10.88 30.93 20.91
C ALA E 81 9.79 30.68 21.98
N MET E 82 8.98 29.60 21.82
CA MET E 82 7.97 29.31 22.82
C MET E 82 8.61 28.85 24.12
N ILE E 83 9.71 28.11 24.04
CA ILE E 83 10.33 27.62 25.29
C ILE E 83 10.86 28.77 26.17
N ARG E 84 11.54 29.73 25.52
CA ARG E 84 12.05 30.98 26.12
C ARG E 84 10.89 31.81 26.67
N ASP E 85 9.77 31.78 25.96
CA ASP E 85 8.61 32.54 26.37
C ASP E 85 8.06 31.94 27.66
N CYS E 86 8.30 30.63 27.85
CA CYS E 86 7.91 29.90 29.06
C CYS E 86 8.98 30.06 30.16
N GLY E 87 10.02 30.87 29.91
CA GLY E 87 10.96 31.18 30.98
C GLY E 87 12.17 30.23 30.99
N CYS E 88 12.36 29.44 29.89
CA CYS E 88 13.30 28.31 29.87
C CYS E 88 14.46 28.54 28.90
N GLU E 89 15.59 27.95 29.19
CA GLU E 89 16.84 28.15 28.46
C GLU E 89 17.52 26.92 27.86
N TRP E 90 16.91 25.76 28.13
CA TRP E 90 17.48 24.45 27.77
C TRP E 90 16.50 23.63 26.93
N VAL E 91 17.06 22.75 26.09
CA VAL E 91 16.28 21.74 25.37
C VAL E 91 17.14 20.48 25.14
N ILE E 92 16.54 19.32 25.37
CA ILE E 92 17.18 18.07 24.94
C ILE E 92 16.87 17.81 23.46
N LEU E 93 17.92 17.49 22.69
CA LEU E 93 17.75 17.20 21.26
C LEU E 93 18.34 15.85 20.84
N GLY E 94 17.59 15.17 19.95
CA GLY E 94 18.01 13.89 19.38
C GLY E 94 18.18 12.79 20.44
N HIS E 95 17.36 12.81 21.49
CA HIS E 95 17.26 11.68 22.39
C HIS E 95 17.00 10.40 21.59
N SER E 96 17.56 9.28 22.10
CA SER E 96 17.45 8.00 21.39
C SER E 96 15.99 7.70 21.02
N GLU E 97 15.04 8.00 21.89
CA GLU E 97 13.63 7.82 21.67
C GLU E 97 13.12 8.68 20.49
N ARG E 98 13.55 9.95 20.34
CA ARG E 98 13.25 10.72 19.11
C ARG E 98 13.88 10.06 17.91
N ARG E 99 15.11 9.56 18.04
CA ARG E 99 15.81 9.01 16.88
C ARG E 99 15.22 7.63 16.55
N HIS E 100 15.04 6.76 17.58
CA HIS E 100 14.61 5.35 17.43
C HIS E 100 13.30 5.06 18.18
N ILE E 101 12.25 5.72 17.73
CA ILE E 101 10.85 5.44 18.02
C ILE E 101 10.13 6.41 17.11
N PHE E 102 10.61 7.66 17.10
CA PHE E 102 10.06 8.69 16.21
C PHE E 102 10.84 8.90 14.92
N GLY E 103 11.92 8.13 14.70
CA GLY E 103 12.75 8.12 13.50
C GLY E 103 13.42 9.43 13.09
N GLU E 104 13.72 10.36 14.03
CA GLU E 104 14.31 11.65 13.61
C GLU E 104 15.73 11.47 13.10
N SER E 105 15.98 12.14 11.95
CA SER E 105 17.21 12.04 11.19
C SER E 105 18.35 12.82 11.84
N ASP E 106 19.58 12.23 11.77
CA ASP E 106 20.80 12.92 12.20
C ASP E 106 20.78 14.36 11.65
N GLU E 107 20.37 14.52 10.39
CA GLU E 107 20.25 15.84 9.73
C GLU E 107 19.30 16.79 10.45
N LEU E 108 18.07 16.31 10.77
CA LEU E 108 17.03 17.12 11.40
C LEU E 108 17.49 17.57 12.78
N ILE E 109 18.14 16.66 13.57
CA ILE E 109 18.68 17.00 14.89
C ILE E 109 19.68 18.16 14.69
N GLY E 110 20.57 18.01 13.69
CA GLY E 110 21.48 19.10 13.30
C GLY E 110 20.77 20.45 13.13
N GLU E 111 19.70 20.48 12.33
CA GLU E 111 18.99 21.73 12.04
C GLU E 111 18.37 22.26 13.34
N LYS E 112 17.96 21.36 14.22
CA LYS E 112 17.31 21.80 15.44
C LYS E 112 18.38 22.44 16.31
N VAL E 113 19.51 21.71 16.47
CA VAL E 113 20.67 22.27 17.16
C VAL E 113 20.92 23.71 16.67
N ASN E 114 21.07 23.83 15.34
CA ASN E 114 21.36 25.08 14.66
C ASN E 114 20.38 26.14 15.15
N HIS E 115 19.07 25.91 14.90
CA HIS E 115 18.05 26.92 15.26
C HIS E 115 18.03 27.19 16.76
N ALA E 116 18.06 26.12 17.58
CA ALA E 116 18.04 26.34 19.03
C ALA E 116 19.19 27.31 19.44
N LEU E 117 20.39 27.01 18.97
CA LEU E 117 21.52 27.82 19.33
C LEU E 117 21.37 29.22 18.73
N THR E 118 20.88 29.35 17.50
CA THR E 118 20.63 30.68 16.96
C THR E 118 19.65 31.50 17.81
N CYS E 119 18.65 30.85 18.43
CA CYS E 119 17.74 31.52 19.36
C CYS E 119 18.34 31.88 20.72
N GLY E 120 19.57 31.44 21.02
CA GLY E 120 20.22 31.80 22.28
C GLY E 120 19.87 30.77 23.36
N LEU E 121 19.56 29.50 22.95
CA LEU E 121 19.14 28.54 23.98
C LEU E 121 20.33 27.62 24.19
N LYS E 122 20.38 26.87 25.31
CA LYS E 122 21.45 25.88 25.44
C LYS E 122 20.87 24.48 25.12
N VAL E 123 21.67 23.58 24.53
CA VAL E 123 21.09 22.31 24.03
C VAL E 123 21.83 21.14 24.69
N VAL E 124 21.15 19.97 24.72
CA VAL E 124 21.80 18.72 25.16
C VAL E 124 21.59 17.71 24.03
N PRO E 125 22.51 17.64 23.04
CA PRO E 125 22.36 16.70 21.93
C PRO E 125 22.81 15.32 22.45
N CYS E 126 22.01 14.29 22.18
CA CYS E 126 22.32 12.96 22.72
C CYS E 126 22.88 12.11 21.57
N ILE E 127 23.82 11.22 21.88
CA ILE E 127 24.41 10.30 20.90
C ILE E 127 24.41 8.94 21.60
N GLY E 128 24.39 7.83 20.85
CA GLY E 128 24.76 6.51 21.36
C GLY E 128 24.25 5.36 20.47
N GLU E 129 24.69 4.13 20.78
CA GLU E 129 24.50 3.01 19.87
C GLU E 129 23.50 2.05 20.51
N LYS E 130 22.82 1.26 19.66
CA LYS E 130 21.83 0.31 20.19
C LYS E 130 22.52 -1.02 20.49
N LEU E 131 21.85 -1.87 21.29
CA LEU E 131 22.30 -3.22 21.60
C LEU E 131 22.69 -3.98 20.34
N ASP E 132 21.74 -4.15 19.42
CA ASP E 132 22.00 -4.79 18.13
C ASP E 132 23.29 -4.22 17.52
N GLU E 133 23.58 -2.94 17.80
CA GLU E 133 24.77 -2.29 17.24
C GLU E 133 25.99 -2.59 18.13
N ARG E 134 25.73 -2.87 19.42
CA ARG E 134 26.78 -3.19 20.38
C ARG E 134 27.22 -4.64 20.19
N GLU E 135 26.23 -5.55 20.06
CA GLU E 135 26.46 -6.95 19.71
C GLU E 135 27.25 -7.07 18.42
N ALA E 136 27.01 -6.18 17.45
CA ALA E 136 27.67 -6.18 16.15
C ALA E 136 28.94 -5.31 16.16
N GLY E 137 29.30 -4.72 17.30
CA GLY E 137 30.52 -3.93 17.38
C GLY E 137 30.49 -2.74 16.42
N LYS E 138 29.39 -1.96 16.47
CA LYS E 138 29.25 -0.75 15.67
C LYS E 138 29.18 0.49 16.57
N THR E 139 29.80 0.41 17.75
CA THR E 139 29.67 1.48 18.75
C THR E 139 30.23 2.79 18.23
N GLU E 140 31.43 2.79 17.65
CA GLU E 140 32.10 4.08 17.49
C GLU E 140 31.81 4.68 16.12
N GLN E 141 31.37 3.87 15.17
CA GLN E 141 30.98 4.43 13.89
C GLN E 141 29.62 5.12 14.03
N VAL E 142 28.77 4.60 14.93
CA VAL E 142 27.48 5.24 15.23
C VAL E 142 27.74 6.58 15.92
N CYS E 143 28.59 6.58 16.95
CA CYS E 143 28.86 7.80 17.72
C CYS E 143 29.44 8.93 16.86
N PHE E 144 30.33 8.54 15.95
CA PHE E 144 31.04 9.48 15.10
C PHE E 144 30.10 10.14 14.09
N ARG E 145 29.24 9.33 13.43
CA ARG E 145 28.28 9.82 12.44
C ARG E 145 27.32 10.80 13.12
N GLN E 146 26.89 10.46 14.33
CA GLN E 146 26.00 11.35 15.07
C GLN E 146 26.72 12.66 15.45
N LEU E 147 27.99 12.62 15.94
CA LEU E 147 28.63 13.87 16.32
C LEU E 147 28.96 14.71 15.08
N ASP E 148 29.17 14.05 13.93
CA ASP E 148 29.44 14.73 12.67
C ASP E 148 28.23 15.61 12.33
N ALA E 149 27.03 14.99 12.34
CA ALA E 149 25.78 15.71 12.10
C ALA E 149 25.54 16.80 13.14
N ILE E 150 25.99 16.63 14.40
CA ILE E 150 25.82 17.65 15.44
C ILE E 150 26.68 18.89 15.15
N LYS E 151 28.00 18.69 14.97
CA LYS E 151 28.91 19.80 14.61
C LYS E 151 28.41 20.55 13.38
N LYS E 152 27.98 19.77 12.38
CA LYS E 152 27.45 20.30 11.12
C LYS E 152 26.28 21.26 11.33
N GLY E 153 25.54 21.18 12.45
CA GLY E 153 24.49 22.13 12.79
C GLY E 153 24.90 23.27 13.73
N ILE E 154 26.14 23.29 14.24
CA ILE E 154 26.60 24.31 15.19
C ILE E 154 26.77 25.69 14.53
N PRO E 155 25.96 26.73 14.81
CA PRO E 155 26.18 28.01 14.13
C PRO E 155 27.67 28.42 14.12
N LYS E 156 28.19 28.92 15.24
CA LYS E 156 29.59 29.38 15.29
C LYS E 156 30.46 28.52 16.23
N ALA E 157 31.77 28.80 16.30
CA ALA E 157 32.67 28.07 17.19
C ALA E 157 32.38 28.34 18.67
N GLU E 158 32.09 29.61 19.05
CA GLU E 158 31.84 29.94 20.45
C GLU E 158 30.55 29.29 20.98
N ASP E 159 29.64 28.85 20.10
CA ASP E 159 28.37 28.28 20.59
C ASP E 159 28.59 26.95 21.33
N TRP E 160 29.71 26.26 21.07
CA TRP E 160 30.03 25.03 21.81
C TRP E 160 29.98 25.20 23.34
N SER E 161 30.24 26.41 23.80
CA SER E 161 29.97 26.77 25.20
C SER E 161 28.50 26.59 25.59
N ARG E 162 27.53 26.40 24.64
CA ARG E 162 26.13 26.22 25.06
C ARG E 162 25.67 24.76 24.81
N VAL E 163 26.62 23.82 24.78
CA VAL E 163 26.35 22.46 24.28
C VAL E 163 26.85 21.57 25.43
N VAL E 164 26.05 20.57 25.83
CA VAL E 164 26.50 19.48 26.70
C VAL E 164 26.08 18.22 26.00
N ILE E 165 27.06 17.38 25.72
CA ILE E 165 26.68 16.18 25.01
C ILE E 165 26.29 15.11 26.04
N ALA E 166 25.35 14.23 25.70
CA ALA E 166 25.10 13.10 26.58
C ALA E 166 25.35 11.83 25.78
N TYR E 167 26.20 10.92 26.32
CA TYR E 167 26.32 9.62 25.64
C TYR E 167 25.37 8.60 26.28
N GLU E 168 24.43 8.03 25.51
CA GLU E 168 23.49 7.11 26.10
C GLU E 168 23.44 5.83 25.27
N PRO E 169 24.05 4.72 25.72
CA PRO E 169 23.90 3.45 24.99
C PRO E 169 22.42 3.05 25.02
N VAL E 170 21.83 2.81 23.85
CA VAL E 170 20.40 2.46 23.80
C VAL E 170 20.12 1.23 24.66
N TRP E 171 21.06 0.26 24.68
CA TRP E 171 20.88 -0.96 25.43
C TRP E 171 20.80 -0.71 26.93
N ALA E 172 21.22 0.51 27.32
CA ALA E 172 21.34 0.88 28.72
C ALA E 172 20.14 1.73 29.16
N ILE E 173 19.28 2.13 28.24
CA ILE E 173 18.14 2.98 28.60
C ILE E 173 16.99 2.08 29.06
N GLY E 174 16.62 2.19 30.34
CA GLY E 174 15.44 1.51 30.87
C GLY E 174 15.73 0.04 31.23
N THR E 175 16.87 -0.51 30.76
CA THR E 175 17.18 -1.92 30.82
C THR E 175 17.69 -2.37 32.19
N GLY E 176 18.20 -1.42 32.99
CA GLY E 176 18.87 -1.67 34.25
C GLY E 176 20.34 -2.08 34.06
N LYS E 177 20.78 -2.16 32.79
CA LYS E 177 22.14 -2.53 32.42
C LYS E 177 22.99 -1.29 32.14
N THR E 178 23.30 -0.52 33.20
CA THR E 178 24.20 0.63 33.12
C THR E 178 25.54 0.19 32.52
N ALA E 179 26.09 0.95 31.56
CA ALA E 179 27.50 0.79 31.19
C ALA E 179 28.38 0.76 32.45
N SER E 180 29.37 -0.14 32.47
CA SER E 180 30.38 -0.17 33.55
C SER E 180 31.16 1.14 33.45
N PRO E 181 31.80 1.62 34.54
CA PRO E 181 32.68 2.79 34.44
C PRO E 181 33.71 2.74 33.31
N GLU E 182 34.23 1.53 33.02
CA GLU E 182 35.24 1.33 31.98
C GLU E 182 34.63 1.47 30.58
N GLN E 183 33.44 0.88 30.36
CA GLN E 183 32.70 1.04 29.11
C GLN E 183 32.38 2.52 28.82
N ALA E 184 31.85 3.25 29.82
CA ALA E 184 31.53 4.67 29.63
C ALA E 184 32.79 5.50 29.31
N GLN E 185 33.84 5.24 30.13
CA GLN E 185 35.14 5.92 30.03
C GLN E 185 35.69 5.78 28.62
N GLU E 186 35.64 4.54 28.11
CA GLU E 186 36.09 4.16 26.77
C GLU E 186 35.41 5.01 25.69
N VAL E 187 34.09 5.20 25.80
CA VAL E 187 33.31 5.93 24.79
C VAL E 187 33.57 7.44 24.93
N HIS E 188 33.34 7.96 26.12
CA HIS E 188 33.62 9.35 26.45
C HIS E 188 35.02 9.76 25.98
N HIS E 189 36.01 8.96 26.37
CA HIS E 189 37.38 9.19 25.91
C HIS E 189 37.44 9.29 24.39
N ALA E 190 36.75 8.40 23.66
CA ALA E 190 36.79 8.41 22.21
C ALA E 190 36.13 9.68 21.62
N VAL E 191 35.04 10.12 22.29
CA VAL E 191 34.28 11.34 22.00
C VAL E 191 35.21 12.56 22.11
N ARG E 192 35.91 12.63 23.27
CA ARG E 192 36.77 13.78 23.60
C ARG E 192 37.88 13.92 22.54
N GLN E 193 38.62 12.84 22.21
CA GLN E 193 39.58 12.84 21.09
C GLN E 193 38.91 13.15 19.74
N TRP E 194 37.70 12.60 19.48
CA TRP E 194 36.94 12.93 18.27
C TRP E 194 36.73 14.44 18.12
N LEU E 195 36.34 15.10 19.22
CA LEU E 195 36.20 16.57 19.31
C LEU E 195 37.54 17.28 19.15
N GLU E 196 38.62 16.63 19.59
CA GLU E 196 39.95 17.14 19.34
C GLU E 196 40.27 17.09 17.83
N LYS E 197 40.06 15.93 17.19
CA LYS E 197 40.42 15.66 15.80
C LYS E 197 39.47 16.38 14.82
N ASN E 198 38.17 16.41 15.11
CA ASN E 198 37.16 16.81 14.14
C ASN E 198 36.66 18.24 14.39
N VAL E 199 36.91 18.71 15.63
CA VAL E 199 36.50 20.04 16.05
C VAL E 199 37.75 20.84 16.47
N SER E 200 38.20 20.72 17.72
CA SER E 200 39.31 21.54 18.25
C SER E 200 39.69 21.12 19.67
N GLN E 201 41.01 21.03 19.94
CA GLN E 201 41.46 20.77 21.31
C GLN E 201 40.69 21.65 22.30
N ALA E 202 40.55 22.97 22.01
CA ALA E 202 39.99 23.89 22.99
C ALA E 202 38.50 23.52 23.19
N VAL E 203 37.81 23.17 22.08
CA VAL E 203 36.46 22.59 22.18
C VAL E 203 36.47 21.29 23.01
N ALA E 204 37.28 20.28 22.60
CA ALA E 204 37.38 19.03 23.39
C ALA E 204 37.67 19.27 24.88
N SER E 205 38.55 20.23 25.23
CA SER E 205 39.01 20.48 26.61
C SER E 205 37.81 20.85 27.51
N SER E 206 36.93 21.68 26.93
CA SER E 206 35.91 22.36 27.73
C SER E 206 34.51 21.74 27.55
N LEU E 207 34.37 20.71 26.71
CA LEU E 207 33.00 20.19 26.61
C LEU E 207 32.68 19.14 27.68
N ARG E 208 31.55 19.30 28.35
CA ARG E 208 31.09 18.32 29.33
C ARG E 208 30.29 17.16 28.68
N ILE E 209 30.93 15.99 28.59
CA ILE E 209 30.38 14.77 28.02
C ILE E 209 29.74 13.91 29.14
N THR E 210 28.40 13.79 29.12
CA THR E 210 27.63 13.22 30.25
C THR E 210 27.22 11.79 29.82
N TYR E 211 27.05 10.89 30.81
CA TYR E 211 26.66 9.50 30.56
C TYR E 211 25.15 9.38 30.78
N GLY E 212 24.44 8.68 29.90
CA GLY E 212 23.06 8.35 30.21
C GLY E 212 22.86 6.85 30.00
N GLY E 213 21.97 6.25 30.80
CA GLY E 213 21.63 4.84 30.60
C GLY E 213 21.66 4.08 31.92
N SER E 214 20.47 3.96 32.55
CA SER E 214 20.28 3.33 33.86
C SER E 214 21.17 3.89 34.99
N VAL E 215 21.21 5.22 35.20
CA VAL E 215 21.95 5.85 36.29
C VAL E 215 21.14 5.77 37.57
N THR E 216 21.77 5.31 38.65
CA THR E 216 21.09 5.13 39.94
C THR E 216 21.98 5.76 41.01
N ALA E 217 21.43 6.00 42.22
CA ALA E 217 22.26 6.41 43.36
C ALA E 217 23.38 5.40 43.68
N ALA E 218 23.22 4.12 43.30
CA ALA E 218 24.15 3.05 43.61
C ALA E 218 25.35 3.02 42.66
N ASN E 219 25.23 3.54 41.43
CA ASN E 219 26.32 3.41 40.43
C ASN E 219 26.97 4.75 40.07
N CYS E 220 26.40 5.86 40.50
CA CYS E 220 26.78 7.19 39.98
C CYS E 220 28.18 7.65 40.42
N LYS E 221 28.58 7.26 41.63
CA LYS E 221 29.84 7.71 42.22
C LYS E 221 31.04 7.13 41.48
N GLU E 222 30.95 5.86 41.04
CA GLU E 222 32.09 5.26 40.34
C GLU E 222 32.17 5.76 38.89
N LEU E 223 31.02 5.94 38.21
CA LEU E 223 31.04 6.59 36.90
C LEU E 223 31.66 7.98 36.97
N ALA E 224 31.23 8.81 37.93
CA ALA E 224 31.62 10.21 38.03
C ALA E 224 33.11 10.37 38.35
N LYS E 225 33.73 9.32 38.93
CA LYS E 225 35.17 9.32 39.20
C LYS E 225 36.02 9.28 37.92
N LYS E 226 35.47 8.73 36.82
CA LYS E 226 36.26 8.52 35.62
C LYS E 226 36.56 9.90 34.99
N PRO E 227 37.76 10.12 34.41
CA PRO E 227 38.20 11.49 34.13
C PRO E 227 37.49 12.17 32.96
N ASP E 228 36.95 11.37 32.01
CA ASP E 228 36.23 11.95 30.85
C ASP E 228 34.71 12.02 30.99
N VAL E 229 34.19 11.56 32.16
CA VAL E 229 32.77 11.65 32.51
C VAL E 229 32.48 12.95 33.27
N ASP E 230 31.72 13.92 32.68
CA ASP E 230 31.49 15.21 33.32
C ASP E 230 30.12 15.28 33.98
N GLY E 231 29.42 14.14 34.09
CA GLY E 231 28.12 14.15 34.71
C GLY E 231 27.15 13.15 34.06
N PHE E 232 25.86 13.38 34.25
CA PHE E 232 24.90 12.40 33.73
C PHE E 232 23.67 13.03 33.07
N LEU E 233 22.97 12.22 32.25
CA LEU E 233 21.56 12.36 31.95
C LEU E 233 20.76 11.18 32.53
N VAL E 234 20.06 11.45 33.65
CA VAL E 234 19.30 10.47 34.45
C VAL E 234 17.83 10.44 33.96
N GLY E 235 17.31 9.23 33.64
CA GLY E 235 15.92 9.03 33.22
C GLY E 235 15.05 8.68 34.42
N GLY E 236 14.78 7.37 34.61
CA GLY E 236 13.88 6.88 35.66
C GLY E 236 14.08 7.52 37.04
N ALA E 237 15.34 7.47 37.52
CA ALA E 237 15.76 7.96 38.84
C ALA E 237 15.45 9.44 39.01
N SER E 238 15.31 10.18 37.88
CA SER E 238 15.12 11.63 37.99
C SER E 238 13.74 11.93 38.59
N LEU E 239 12.89 10.91 38.68
CA LEU E 239 11.53 11.13 39.20
C LEU E 239 11.44 10.78 40.69
N LYS E 240 12.51 10.30 41.29
CA LYS E 240 12.51 9.86 42.67
C LYS E 240 13.45 10.72 43.53
N PRO E 241 13.34 10.65 44.86
CA PRO E 241 14.14 11.51 45.71
C PRO E 241 15.63 11.26 45.54
N GLU E 242 16.03 10.01 45.19
CA GLU E 242 17.43 9.64 45.00
C GLU E 242 18.11 10.43 43.87
N PHE E 243 17.29 11.19 43.11
CA PHE E 243 17.86 12.12 42.12
C PHE E 243 18.84 13.05 42.85
N VAL E 244 18.52 13.38 44.09
CA VAL E 244 19.33 14.28 44.92
C VAL E 244 20.70 13.67 45.15
N ASP E 245 20.69 12.35 45.39
CA ASP E 245 21.93 11.63 45.67
C ASP E 245 22.80 11.69 44.42
N ILE E 246 22.16 11.54 43.26
CA ILE E 246 22.91 11.43 42.02
C ILE E 246 23.53 12.78 41.66
N CYS E 247 22.84 13.88 42.01
CA CYS E 247 23.35 15.24 41.90
C CYS E 247 24.70 15.43 42.65
N ASN E 248 24.82 14.72 43.77
CA ASN E 248 26.01 14.80 44.60
C ASN E 248 26.99 13.66 44.28
N ALA E 249 27.01 13.13 43.05
CA ALA E 249 27.83 11.98 42.66
C ALA E 249 29.32 12.33 42.52
N ASN E 250 29.66 13.63 42.46
CA ASN E 250 31.07 14.04 42.33
C ASN E 250 31.64 14.57 43.67
N ALA F 1 -31.76 19.08 7.55
CA ALA F 1 -32.64 18.00 8.01
C ALA F 1 -31.90 16.98 8.90
N SER F 2 -30.58 17.16 9.12
CA SER F 2 -29.81 16.21 9.92
C SER F 2 -29.85 16.66 11.38
N ASN F 3 -29.33 15.79 12.24
CA ASN F 3 -29.16 16.14 13.65
C ASN F 3 -27.77 16.72 13.91
N ARG F 4 -26.98 17.12 12.87
CA ARG F 4 -25.52 17.30 13.00
C ARG F 4 -25.16 18.74 13.44
N LYS F 5 -24.68 18.90 14.69
CA LYS F 5 -24.33 20.23 15.21
C LYS F 5 -23.08 20.82 14.52
N PHE F 6 -23.15 22.15 14.20
CA PHE F 6 -22.09 22.82 13.43
C PHE F 6 -20.82 22.85 14.30
N PHE F 7 -19.66 22.55 13.69
CA PHE F 7 -18.41 22.41 14.45
C PHE F 7 -17.34 23.27 13.79
N VAL F 8 -16.81 24.26 14.52
CA VAL F 8 -15.68 25.03 13.97
C VAL F 8 -14.52 24.96 14.94
N GLY F 9 -13.40 24.34 14.48
CA GLY F 9 -12.15 24.40 15.26
C GLY F 9 -11.03 25.29 14.70
N GLY F 10 -10.26 25.95 15.59
CA GLY F 10 -9.12 26.80 15.23
C GLY F 10 -7.81 26.13 15.65
N ASN F 11 -7.05 25.63 14.67
CA ASN F 11 -5.76 25.00 14.90
C ASN F 11 -4.67 26.07 14.72
N TRP F 12 -4.07 26.48 15.86
CA TRP F 12 -3.07 27.54 15.82
C TRP F 12 -1.75 26.98 15.30
N LYS F 13 -1.63 25.64 15.25
CA LYS F 13 -0.37 25.00 14.85
C LYS F 13 0.74 25.58 15.75
N MET F 14 1.95 25.77 15.18
CA MET F 14 3.11 26.16 15.97
C MET F 14 3.17 27.69 15.90
N ASN F 15 2.15 28.33 16.45
CA ASN F 15 2.17 29.79 16.60
C ASN F 15 1.55 30.10 17.95
N GLY F 16 2.15 31.07 18.66
CA GLY F 16 1.55 31.46 19.93
C GLY F 16 2.62 32.06 20.88
N SER F 17 2.18 32.89 21.84
CA SER F 17 3.03 33.60 22.82
C SER F 17 2.10 34.03 23.93
N LYS F 18 2.57 34.17 25.18
CA LYS F 18 1.61 34.56 26.21
C LYS F 18 0.93 35.89 25.80
N GLU F 19 1.70 36.73 25.08
CA GLU F 19 1.21 38.04 24.63
C GLU F 19 0.07 37.85 23.63
N SER F 20 0.39 37.25 22.46
CA SER F 20 -0.58 37.16 21.36
C SER F 20 -1.73 36.19 21.67
N ASN F 21 -1.51 35.21 22.61
CA ASN F 21 -2.59 34.37 23.12
C ASN F 21 -3.61 35.19 23.90
N GLN F 22 -3.13 36.08 24.76
CA GLN F 22 -4.07 36.92 25.51
C GLN F 22 -4.92 37.72 24.52
N LYS F 23 -4.25 38.34 23.53
CA LYS F 23 -4.94 39.13 22.50
C LYS F 23 -5.95 38.29 21.70
N LEU F 24 -5.57 37.08 21.18
CA LEU F 24 -6.47 36.19 20.45
C LEU F 24 -7.71 35.88 21.27
N LEU F 25 -7.46 35.47 22.52
CA LEU F 25 -8.55 34.91 23.33
C LEU F 25 -9.52 36.03 23.69
N LYS F 26 -8.99 37.26 23.78
CA LYS F 26 -9.81 38.44 24.06
C LYS F 26 -10.84 38.65 22.96
N THR F 27 -10.38 38.67 21.70
CA THR F 27 -11.28 38.77 20.55
C THR F 27 -12.38 37.72 20.66
N LEU F 28 -11.99 36.46 20.97
CA LEU F 28 -12.94 35.36 20.98
C LEU F 28 -13.82 35.41 22.24
N SER F 29 -13.22 35.67 23.41
CA SER F 29 -13.90 35.86 24.68
C SER F 29 -14.98 36.95 24.57
N ASP F 30 -14.61 38.08 23.94
CA ASP F 30 -15.41 39.31 24.00
C ASP F 30 -16.59 39.17 23.02
N ALA F 31 -16.32 38.67 21.81
CA ALA F 31 -17.37 38.41 20.85
C ALA F 31 -18.25 37.28 21.36
N LYS F 32 -19.44 37.14 20.77
CA LYS F 32 -20.37 36.08 21.11
C LYS F 32 -20.75 35.29 19.85
N PRO F 33 -19.87 34.42 19.28
CA PRO F 33 -20.29 33.57 18.15
C PRO F 33 -21.45 32.65 18.51
N ASP F 34 -22.26 32.36 17.50
CA ASP F 34 -23.46 31.55 17.64
C ASP F 34 -23.43 30.31 18.53
N ALA F 35 -24.22 30.35 19.61
CA ALA F 35 -24.34 29.21 20.52
C ALA F 35 -24.74 27.92 19.79
N ASN F 36 -25.06 28.04 18.49
CA ASN F 36 -25.46 26.91 17.67
C ASN F 36 -24.24 26.22 17.07
N THR F 37 -23.04 26.75 17.39
CA THR F 37 -21.81 26.14 16.91
C THR F 37 -20.95 25.70 18.07
N GLU F 38 -20.40 24.48 17.97
CA GLU F 38 -19.27 24.04 18.78
C GLU F 38 -18.02 24.74 18.28
N ILE F 39 -17.34 25.44 19.21
CA ILE F 39 -16.07 26.11 18.95
C ILE F 39 -14.92 25.43 19.69
N LEU F 40 -13.88 25.11 18.91
CA LEU F 40 -12.74 24.33 19.38
C LEU F 40 -11.49 25.16 19.11
N VAL F 41 -10.56 25.14 20.06
CA VAL F 41 -9.27 25.80 19.86
C VAL F 41 -8.16 24.79 20.16
N ALA F 42 -7.24 24.58 19.20
CA ALA F 42 -6.13 23.63 19.35
C ALA F 42 -4.82 24.40 19.32
N VAL F 43 -4.13 24.34 20.48
CA VAL F 43 -3.06 25.30 20.77
C VAL F 43 -1.76 24.52 21.00
N PRO F 44 -0.61 25.20 21.01
CA PRO F 44 0.64 24.57 21.46
C PRO F 44 0.66 24.01 22.89
N PHE F 45 1.38 22.90 23.05
CA PHE F 45 1.41 22.17 24.32
C PHE F 45 1.80 23.11 25.46
N VAL F 46 2.80 24.00 25.22
CA VAL F 46 3.43 24.76 26.32
C VAL F 46 2.38 25.69 26.96
N TYR F 47 1.35 26.11 26.21
CA TYR F 47 0.37 27.04 26.72
C TYR F 47 -0.95 26.33 27.03
N LEU F 48 -1.04 25.01 26.75
CA LEU F 48 -2.36 24.32 26.77
C LEU F 48 -3.19 24.72 28.00
N LYS F 49 -2.55 24.60 29.19
CA LYS F 49 -3.29 24.72 30.45
C LYS F 49 -3.81 26.13 30.67
N ASP F 50 -2.99 27.11 30.30
CA ASP F 50 -3.30 28.54 30.51
C ASP F 50 -4.49 28.93 29.64
N VAL F 51 -4.50 28.44 28.36
CA VAL F 51 -5.60 28.73 27.45
C VAL F 51 -6.94 28.15 28.00
N ARG F 52 -6.96 26.84 28.36
CA ARG F 52 -8.09 26.20 29.08
C ARG F 52 -8.53 27.01 30.31
N GLU F 53 -7.56 27.52 31.08
CA GLU F 53 -7.82 28.26 32.31
C GLU F 53 -8.38 29.64 32.03
N HIS F 54 -8.09 30.20 30.86
CA HIS F 54 -8.46 31.57 30.54
C HIS F 54 -9.55 31.66 29.46
N LEU F 55 -10.29 30.57 29.25
CA LEU F 55 -11.26 30.51 28.14
C LEU F 55 -12.52 29.81 28.65
N ASP F 56 -13.71 30.37 28.33
CA ASP F 56 -15.01 29.97 28.82
C ASP F 56 -15.31 28.52 28.43
N LYS F 57 -16.12 27.86 29.30
CA LYS F 57 -16.72 26.54 29.12
C LYS F 57 -17.34 26.40 27.73
N ARG F 58 -17.81 27.52 27.18
CA ARG F 58 -18.33 27.66 25.81
C ARG F 58 -17.41 26.95 24.81
N PHE F 59 -16.10 27.07 25.07
CA PHE F 59 -15.03 26.68 24.17
C PHE F 59 -14.46 25.32 24.56
N HIS F 60 -14.09 24.52 23.50
CA HIS F 60 -13.24 23.33 23.63
C HIS F 60 -11.81 23.78 23.44
N VAL F 61 -10.89 23.27 24.28
CA VAL F 61 -9.46 23.46 24.08
C VAL F 61 -8.83 22.10 23.81
N ALA F 62 -8.07 22.05 22.69
CA ALA F 62 -7.42 20.82 22.26
C ALA F 62 -5.88 20.87 22.27
N ALA F 63 -5.30 19.70 22.45
CA ALA F 63 -3.91 19.43 22.05
C ALA F 63 -3.88 19.19 20.56
N GLN F 64 -2.75 19.54 19.94
CA GLN F 64 -2.47 19.29 18.53
C GLN F 64 -1.99 17.86 18.21
N ASN F 65 -1.77 17.05 19.25
CA ASN F 65 -1.19 15.72 19.07
C ASN F 65 -1.18 15.08 20.45
N CYS F 66 -1.10 13.74 20.46
CA CYS F 66 -0.79 13.02 21.71
C CYS F 66 -0.18 11.65 21.36
N TYR F 67 0.22 10.89 22.39
CA TYR F 67 0.87 9.61 22.19
C TYR F 67 -0.10 8.52 22.62
N LYS F 68 0.26 7.24 22.40
CA LYS F 68 -0.73 6.13 22.41
C LYS F 68 -0.61 5.25 23.66
N VAL F 69 0.14 5.74 24.66
CA VAL F 69 0.28 5.12 25.98
C VAL F 69 0.30 6.23 27.07
N ALA F 70 -0.13 5.91 28.31
CA ALA F 70 -0.47 6.93 29.33
C ALA F 70 0.74 7.62 30.00
N SER F 71 1.85 6.88 30.07
CA SER F 71 3.08 7.30 30.75
C SER F 71 4.20 6.41 30.20
N GLY F 72 5.48 6.82 30.33
CA GLY F 72 6.52 5.98 29.75
C GLY F 72 7.75 6.75 29.23
N ALA F 73 8.70 5.95 28.70
CA ALA F 73 9.99 6.45 28.28
C ALA F 73 9.82 6.94 26.85
N PHE F 74 9.04 8.01 26.66
CA PHE F 74 8.81 8.53 25.31
C PHE F 74 9.16 10.02 25.29
N THR F 75 10.49 10.28 25.25
CA THR F 75 10.98 11.67 25.35
C THR F 75 10.29 12.58 24.32
N GLY F 76 9.70 13.69 24.81
CA GLY F 76 9.11 14.71 23.96
C GLY F 76 7.59 14.51 23.83
N GLU F 77 7.02 13.34 24.19
CA GLU F 77 5.57 13.07 23.95
C GLU F 77 4.68 13.47 25.15
N ILE F 78 3.41 13.79 24.80
CA ILE F 78 2.36 14.13 25.77
C ILE F 78 1.28 13.08 25.59
N SER F 79 0.75 12.64 26.75
CA SER F 79 -0.30 11.63 26.79
C SER F 79 -1.68 12.30 26.96
N PRO F 80 -2.76 11.59 26.61
CA PRO F 80 -4.12 12.01 26.98
C PRO F 80 -4.31 12.26 28.48
N ALA F 81 -3.56 11.49 29.32
CA ALA F 81 -3.59 11.66 30.77
C ALA F 81 -3.12 13.08 31.17
N MET F 82 -2.03 13.55 30.54
CA MET F 82 -1.49 14.89 30.82
C MET F 82 -2.37 16.01 30.29
N ILE F 83 -3.00 15.75 29.11
CA ILE F 83 -3.98 16.66 28.55
C ILE F 83 -5.19 16.88 29.49
N ARG F 84 -5.83 15.78 29.91
CA ARG F 84 -6.86 15.85 30.95
C ARG F 84 -6.39 16.56 32.23
N ASP F 85 -5.18 16.21 32.68
CA ASP F 85 -4.62 16.76 33.92
C ASP F 85 -4.59 18.28 33.79
N CYS F 86 -4.46 18.78 32.55
CA CYS F 86 -4.42 20.21 32.25
C CYS F 86 -5.82 20.81 32.01
N GLY F 87 -6.87 20.00 32.18
CA GLY F 87 -8.25 20.48 32.15
C GLY F 87 -8.85 20.41 30.74
N CYS F 88 -8.19 19.70 29.80
CA CYS F 88 -8.60 19.74 28.39
C CYS F 88 -9.09 18.37 27.93
N GLU F 89 -10.11 18.30 27.04
CA GLU F 89 -10.70 17.02 26.70
C GLU F 89 -10.61 16.63 25.21
N TRP F 90 -9.87 17.38 24.41
CA TRP F 90 -9.91 17.28 22.95
C TRP F 90 -8.47 17.12 22.44
N VAL F 91 -8.36 16.40 21.32
CA VAL F 91 -7.05 16.29 20.69
C VAL F 91 -7.23 16.06 19.20
N ILE F 92 -6.48 16.82 18.39
CA ILE F 92 -6.38 16.60 16.94
C ILE F 92 -5.39 15.46 16.73
N LEU F 93 -5.69 14.51 15.85
CA LEU F 93 -4.78 13.39 15.57
C LEU F 93 -4.73 13.16 14.07
N GLY F 94 -3.53 12.84 13.56
CA GLY F 94 -3.35 12.50 12.15
C GLY F 94 -3.41 13.77 11.31
N HIS F 95 -3.07 14.93 11.88
CA HIS F 95 -3.01 16.15 11.06
C HIS F 95 -2.09 15.92 9.85
N SER F 96 -2.27 16.61 8.71
CA SER F 96 -1.43 16.41 7.53
C SER F 96 0.06 16.57 7.86
N GLU F 97 0.37 17.57 8.67
CA GLU F 97 1.75 17.86 9.07
C GLU F 97 2.30 16.69 9.85
N ARG F 98 1.48 16.11 10.72
CA ARG F 98 1.90 14.97 11.53
C ARG F 98 2.14 13.75 10.66
N ARG F 99 1.32 13.47 9.64
N ARG F 99 1.40 13.48 9.59
CA ARG F 99 1.52 12.32 8.76
CA ARG F 99 1.62 12.23 8.85
C ARG F 99 2.78 12.45 7.92
C ARG F 99 2.67 12.38 7.74
N HIS F 100 2.90 13.60 7.23
CA HIS F 100 3.74 13.80 6.06
C HIS F 100 5.11 14.35 6.45
N ILE F 101 5.18 15.27 7.42
CA ILE F 101 6.50 15.76 7.84
C ILE F 101 7.00 14.72 8.86
N PHE F 102 6.18 14.40 9.87
CA PHE F 102 6.73 13.73 11.06
C PHE F 102 6.65 12.21 11.03
N GLY F 103 6.24 11.66 9.88
CA GLY F 103 6.27 10.21 9.66
C GLY F 103 5.33 9.38 10.55
N GLU F 104 4.24 9.97 11.07
CA GLU F 104 3.19 9.16 11.67
C GLU F 104 2.42 8.32 10.62
N SER F 105 2.38 7.00 10.84
CA SER F 105 1.71 6.01 10.00
C SER F 105 0.20 5.98 10.27
N ASP F 106 -0.50 5.28 9.37
CA ASP F 106 -1.90 4.94 9.55
C ASP F 106 -2.11 4.12 10.83
N GLU F 107 -1.24 3.11 11.10
CA GLU F 107 -1.38 2.19 12.23
C GLU F 107 -1.13 2.95 13.51
N LEU F 108 -0.09 3.83 13.50
CA LEU F 108 0.13 4.77 14.60
C LEU F 108 -1.10 5.61 14.90
N ILE F 109 -1.70 6.21 13.86
CA ILE F 109 -2.77 7.19 14.11
C ILE F 109 -3.98 6.44 14.62
N GLY F 110 -4.23 5.21 14.10
CA GLY F 110 -5.20 4.27 14.63
C GLY F 110 -5.03 4.04 16.14
N GLU F 111 -3.78 3.75 16.51
CA GLU F 111 -3.47 3.41 17.89
C GLU F 111 -3.67 4.64 18.79
N LYS F 112 -3.42 5.84 18.25
CA LYS F 112 -3.59 7.07 19.05
C LYS F 112 -5.06 7.35 19.25
N VAL F 113 -5.85 7.09 18.19
CA VAL F 113 -7.30 7.29 18.39
C VAL F 113 -7.74 6.33 19.53
N ASN F 114 -7.33 5.06 19.36
CA ASN F 114 -7.68 4.04 20.34
C ASN F 114 -7.40 4.56 21.75
N HIS F 115 -6.13 4.92 22.06
CA HIS F 115 -5.74 5.30 23.43
C HIS F 115 -6.44 6.58 23.92
N ALA F 116 -6.60 7.57 23.01
CA ALA F 116 -7.37 8.80 23.37
C ALA F 116 -8.84 8.50 23.69
N LEU F 117 -9.52 7.73 22.82
CA LEU F 117 -10.93 7.49 23.11
C LEU F 117 -10.98 6.70 24.43
N THR F 118 -10.07 5.75 24.60
CA THR F 118 -10.20 4.86 25.75
C THR F 118 -10.04 5.65 27.03
N CYS F 119 -9.19 6.71 27.00
CA CYS F 119 -9.00 7.58 28.16
C CYS F 119 -10.07 8.64 28.27
N GLY F 120 -11.06 8.56 27.38
CA GLY F 120 -12.23 9.43 27.55
C GLY F 120 -12.10 10.76 26.87
N LEU F 121 -11.00 11.03 26.15
CA LEU F 121 -10.95 12.29 25.38
C LEU F 121 -11.89 12.27 24.17
N LYS F 122 -12.03 13.41 23.49
CA LYS F 122 -12.69 13.50 22.17
C LYS F 122 -11.62 13.77 21.11
N VAL F 123 -11.74 13.19 19.91
CA VAL F 123 -10.63 13.24 18.93
C VAL F 123 -11.10 13.93 17.65
N VAL F 124 -10.18 14.56 16.93
CA VAL F 124 -10.55 15.13 15.61
C VAL F 124 -9.54 14.49 14.66
N PRO F 125 -9.82 13.27 14.15
CA PRO F 125 -8.87 12.62 13.24
C PRO F 125 -8.90 13.28 11.86
N CYS F 126 -7.71 13.47 11.25
CA CYS F 126 -7.53 14.23 9.99
C CYS F 126 -7.22 13.26 8.87
N ILE F 127 -7.89 13.46 7.69
CA ILE F 127 -7.68 12.69 6.46
C ILE F 127 -7.54 13.69 5.32
N GLY F 128 -6.77 13.29 4.31
CA GLY F 128 -6.73 14.06 3.08
C GLY F 128 -5.56 13.66 2.19
N GLU F 129 -5.66 14.06 0.92
CA GLU F 129 -4.71 13.70 -0.13
C GLU F 129 -3.82 14.89 -0.45
N LYS F 130 -2.57 14.57 -0.86
CA LYS F 130 -1.66 15.59 -1.37
C LYS F 130 -2.02 15.96 -2.82
N LEU F 131 -1.43 17.09 -3.29
CA LEU F 131 -1.53 17.54 -4.67
C LEU F 131 -1.26 16.39 -5.65
N ASP F 132 -0.28 15.55 -5.37
CA ASP F 132 0.12 14.47 -6.27
C ASP F 132 -0.92 13.37 -6.41
N GLU F 133 -1.51 12.98 -5.29
CA GLU F 133 -2.45 11.88 -5.21
C GLU F 133 -3.77 12.29 -5.88
N ARG F 134 -4.12 13.58 -5.82
CA ARG F 134 -5.30 14.11 -6.52
C ARG F 134 -5.07 14.02 -8.04
N GLU F 135 -3.93 14.57 -8.49
CA GLU F 135 -3.48 14.50 -9.88
C GLU F 135 -3.27 13.05 -10.37
N ALA F 136 -3.20 12.06 -9.44
CA ALA F 136 -3.09 10.64 -9.77
C ALA F 136 -4.45 9.93 -9.70
N GLY F 137 -5.51 10.68 -9.36
CA GLY F 137 -6.87 10.11 -9.22
C GLY F 137 -6.99 9.12 -8.04
N LYS F 138 -6.34 9.43 -6.91
CA LYS F 138 -6.28 8.45 -5.81
C LYS F 138 -6.95 9.01 -4.56
N THR F 139 -7.70 10.12 -4.72
CA THR F 139 -8.28 10.80 -3.57
C THR F 139 -9.06 9.81 -2.71
N GLU F 140 -9.89 8.99 -3.36
CA GLU F 140 -10.74 8.00 -2.70
C GLU F 140 -9.92 6.87 -2.05
N GLN F 141 -9.01 6.26 -2.82
CA GLN F 141 -8.17 5.19 -2.28
C GLN F 141 -7.39 5.73 -1.08
N VAL F 142 -6.85 6.96 -1.18
CA VAL F 142 -6.09 7.56 -0.08
C VAL F 142 -6.98 7.71 1.14
N CYS F 143 -8.14 8.40 1.00
CA CYS F 143 -8.94 8.76 2.19
C CYS F 143 -9.56 7.50 2.82
N PHE F 144 -9.91 6.48 1.99
CA PHE F 144 -10.46 5.20 2.47
C PHE F 144 -9.50 4.42 3.39
N ARG F 145 -8.24 4.38 2.93
CA ARG F 145 -7.14 3.74 3.66
C ARG F 145 -7.04 4.47 5.01
N GLN F 146 -7.16 5.81 4.96
CA GLN F 146 -7.05 6.66 6.14
C GLN F 146 -8.20 6.33 7.10
N LEU F 147 -9.40 6.26 6.54
CA LEU F 147 -10.63 5.97 7.28
C LEU F 147 -10.58 4.58 7.86
N ASP F 148 -10.18 3.58 7.07
CA ASP F 148 -10.10 2.23 7.63
C ASP F 148 -9.14 2.18 8.86
N ALA F 149 -7.99 2.87 8.81
CA ALA F 149 -7.09 2.82 9.96
C ALA F 149 -7.65 3.55 11.18
N ILE F 150 -8.49 4.59 10.96
CA ILE F 150 -9.23 5.20 12.08
C ILE F 150 -10.30 4.25 12.65
N LYS F 151 -11.16 3.65 11.81
CA LYS F 151 -12.19 2.73 12.29
C LYS F 151 -11.61 1.68 13.25
N LYS F 152 -10.42 1.15 12.92
CA LYS F 152 -9.77 0.02 13.61
C LYS F 152 -9.40 0.43 15.04
N GLY F 153 -9.00 1.71 15.18
CA GLY F 153 -8.66 2.27 16.49
C GLY F 153 -9.89 2.68 17.27
N ILE F 154 -11.07 2.48 16.72
CA ILE F 154 -12.24 2.83 17.54
C ILE F 154 -12.60 1.64 18.41
N PRO F 155 -12.50 1.75 19.76
CA PRO F 155 -12.64 0.61 20.68
C PRO F 155 -14.05 -0.01 20.72
N LYS F 156 -15.07 0.74 20.24
CA LYS F 156 -16.44 0.29 20.11
C LYS F 156 -17.30 1.42 19.50
N ALA F 157 -18.30 1.01 18.72
CA ALA F 157 -19.13 1.88 17.87
C ALA F 157 -19.71 3.08 18.64
N GLU F 158 -19.84 2.96 19.95
CA GLU F 158 -20.33 4.03 20.73
C GLU F 158 -19.43 5.28 20.71
N ASP F 159 -18.14 5.03 20.67
CA ASP F 159 -17.13 6.07 20.81
C ASP F 159 -17.17 6.99 19.61
N TRP F 160 -17.86 6.59 18.54
CA TRP F 160 -17.90 7.48 17.39
C TRP F 160 -18.59 8.81 17.71
N SER F 161 -19.42 8.88 18.77
CA SER F 161 -20.05 10.14 19.12
C SER F 161 -19.04 11.18 19.66
N ARG F 162 -17.79 10.73 19.95
CA ARG F 162 -16.70 11.63 20.34
C ARG F 162 -15.61 11.73 19.26
N VAL F 163 -16.04 11.67 18.00
CA VAL F 163 -15.16 11.83 16.84
C VAL F 163 -15.76 12.97 16.05
N VAL F 164 -14.92 13.90 15.66
CA VAL F 164 -15.29 14.78 14.54
C VAL F 164 -14.22 14.59 13.47
N ILE F 165 -14.61 14.31 12.25
CA ILE F 165 -13.62 14.14 11.19
C ILE F 165 -13.32 15.51 10.58
N ALA F 166 -12.04 15.72 10.26
CA ALA F 166 -11.59 16.85 9.48
C ALA F 166 -10.91 16.31 8.22
N TYR F 167 -11.55 16.65 7.09
CA TYR F 167 -10.99 16.40 5.76
C TYR F 167 -10.25 17.70 5.45
N GLU F 168 -8.95 17.57 5.16
CA GLU F 168 -8.14 18.72 4.76
C GLU F 168 -7.09 18.42 3.66
N PRO F 169 -7.49 18.52 2.39
CA PRO F 169 -6.55 18.28 1.28
C PRO F 169 -5.27 19.10 1.54
N VAL F 170 -4.11 18.43 1.42
CA VAL F 170 -2.80 19.01 1.69
C VAL F 170 -2.58 20.13 0.68
N TRP F 171 -3.08 19.95 -0.54
CA TRP F 171 -2.98 21.00 -1.56
C TRP F 171 -3.73 22.28 -1.20
N ALA F 172 -4.58 22.23 -0.18
CA ALA F 172 -5.33 23.43 0.20
C ALA F 172 -4.78 24.09 1.49
N ILE F 173 -3.76 23.45 2.12
CA ILE F 173 -3.26 23.94 3.42
C ILE F 173 -2.25 25.05 3.23
N GLY F 174 -2.60 26.24 3.74
CA GLY F 174 -1.69 27.39 3.70
C GLY F 174 -1.20 27.72 2.28
N THR F 175 -2.08 27.56 1.28
CA THR F 175 -1.64 27.86 -0.08
C THR F 175 -2.70 28.71 -0.79
N GLY F 176 -3.70 29.22 -0.02
CA GLY F 176 -4.80 29.99 -0.56
C GLY F 176 -5.58 29.23 -1.64
N LYS F 177 -5.29 27.92 -1.76
CA LYS F 177 -5.89 27.10 -2.81
C LYS F 177 -7.09 26.30 -2.27
N THR F 178 -8.13 27.03 -1.85
CA THR F 178 -9.32 26.47 -1.21
C THR F 178 -10.05 25.51 -2.16
N ALA F 179 -10.44 24.32 -1.67
CA ALA F 179 -11.43 23.47 -2.32
C ALA F 179 -12.68 24.29 -2.64
N SER F 180 -13.20 24.18 -3.87
CA SER F 180 -14.54 24.71 -4.17
C SER F 180 -15.59 24.09 -3.24
N PRO F 181 -16.76 24.77 -3.09
CA PRO F 181 -17.89 24.19 -2.36
C PRO F 181 -18.22 22.79 -2.88
N GLU F 182 -18.09 22.60 -4.21
CA GLU F 182 -18.56 21.36 -4.79
C GLU F 182 -17.45 20.31 -4.63
N GLN F 183 -16.16 20.73 -4.55
CA GLN F 183 -15.08 19.77 -4.32
C GLN F 183 -15.16 19.14 -2.92
N ALA F 184 -15.42 19.99 -1.90
CA ALA F 184 -15.64 19.57 -0.53
C ALA F 184 -16.87 18.65 -0.41
N GLN F 185 -18.01 19.10 -0.98
CA GLN F 185 -19.25 18.34 -0.86
C GLN F 185 -19.09 16.94 -1.41
N GLU F 186 -18.48 16.85 -2.60
CA GLU F 186 -18.26 15.58 -3.29
C GLU F 186 -17.43 14.63 -2.42
N VAL F 187 -16.27 15.12 -1.94
CA VAL F 187 -15.45 14.27 -1.07
C VAL F 187 -16.22 13.93 0.23
N HIS F 188 -16.73 14.96 0.93
CA HIS F 188 -17.45 14.72 2.21
C HIS F 188 -18.60 13.73 2.04
N HIS F 189 -19.37 13.83 0.93
CA HIS F 189 -20.48 12.92 0.69
C HIS F 189 -19.98 11.47 0.62
N ALA F 190 -18.89 11.26 -0.13
CA ALA F 190 -18.31 9.93 -0.34
C ALA F 190 -17.72 9.38 0.98
N VAL F 191 -17.25 10.28 1.87
CA VAL F 191 -16.72 9.88 3.16
C VAL F 191 -17.88 9.34 3.99
N ARG F 192 -18.96 10.13 4.00
CA ARG F 192 -20.12 9.69 4.72
C ARG F 192 -20.71 8.41 4.10
N GLN F 193 -20.71 8.21 2.77
CA GLN F 193 -21.13 6.90 2.25
C GLN F 193 -20.26 5.74 2.81
N TRP F 194 -18.92 5.96 2.91
CA TRP F 194 -18.00 4.90 3.33
C TRP F 194 -18.36 4.50 4.75
N LEU F 195 -18.66 5.56 5.53
CA LEU F 195 -19.06 5.38 6.92
C LEU F 195 -20.33 4.54 6.98
N GLU F 196 -21.24 4.77 6.02
CA GLU F 196 -22.60 4.26 6.05
C GLU F 196 -22.61 2.76 5.82
N LYS F 197 -21.60 2.25 5.11
CA LYS F 197 -21.49 0.82 4.85
C LYS F 197 -20.64 0.10 5.92
N ASN F 198 -19.51 0.70 6.35
CA ASN F 198 -18.51 -0.03 7.12
C ASN F 198 -18.78 -0.01 8.64
N VAL F 199 -19.61 0.95 9.10
CA VAL F 199 -19.87 1.11 10.53
C VAL F 199 -21.37 0.97 10.86
N SER F 200 -22.12 2.00 10.47
CA SER F 200 -23.52 2.16 10.89
C SER F 200 -24.21 2.98 9.83
N GLN F 201 -25.54 3.08 9.95
CA GLN F 201 -26.30 4.23 9.45
C GLN F 201 -26.29 5.30 10.54
N ALA F 202 -26.32 4.84 11.79
CA ALA F 202 -26.37 5.77 12.91
C ALA F 202 -25.11 6.61 12.90
N VAL F 203 -23.94 6.00 12.57
CA VAL F 203 -22.69 6.74 12.73
C VAL F 203 -22.60 7.73 11.54
N ALA F 204 -22.81 7.28 10.30
CA ALA F 204 -22.87 8.13 9.09
C ALA F 204 -23.66 9.43 9.31
N SER F 205 -24.88 9.28 9.89
CA SER F 205 -25.89 10.35 9.89
C SER F 205 -25.47 11.49 10.81
N SER F 206 -24.92 11.06 11.96
CA SER F 206 -24.59 11.93 13.09
C SER F 206 -23.13 12.49 13.07
N LEU F 207 -22.22 11.95 12.20
CA LEU F 207 -20.83 12.40 12.28
C LEU F 207 -20.59 13.75 11.55
N ARG F 208 -20.06 14.75 12.28
CA ARG F 208 -19.63 15.98 11.57
C ARG F 208 -18.33 15.66 10.78
N ILE F 209 -18.35 15.89 9.45
CA ILE F 209 -17.14 15.82 8.62
C ILE F 209 -16.82 17.25 8.17
N THR F 210 -15.79 17.82 8.77
CA THR F 210 -15.46 19.24 8.61
C THR F 210 -14.36 19.41 7.55
N TYR F 211 -14.24 20.63 6.99
CA TYR F 211 -13.23 20.93 5.98
C TYR F 211 -12.22 21.91 6.54
N GLY F 212 -10.97 21.76 6.12
CA GLY F 212 -9.93 22.66 6.56
C GLY F 212 -9.02 22.84 5.36
N GLY F 213 -8.32 23.94 5.32
CA GLY F 213 -7.43 24.11 4.19
C GLY F 213 -7.88 25.39 3.55
N SER F 214 -7.26 26.48 4.00
CA SER F 214 -7.47 27.78 3.39
C SER F 214 -8.90 28.33 3.61
N VAL F 215 -9.55 27.97 4.73
CA VAL F 215 -10.84 28.54 5.16
C VAL F 215 -10.57 29.97 5.62
N THR F 216 -11.32 30.92 5.04
CA THR F 216 -11.30 32.31 5.48
C THR F 216 -12.75 32.81 5.64
N ALA F 217 -12.89 33.99 6.25
CA ALA F 217 -14.17 34.68 6.36
C ALA F 217 -14.80 34.89 4.97
N ALA F 218 -13.97 35.00 3.92
CA ALA F 218 -14.46 35.28 2.56
C ALA F 218 -15.08 34.07 1.85
N ASN F 219 -14.67 32.83 2.17
CA ASN F 219 -15.19 31.65 1.45
C ASN F 219 -16.02 30.74 2.36
N CYS F 220 -16.11 30.99 3.69
CA CYS F 220 -16.66 30.00 4.63
C CYS F 220 -18.17 29.72 4.44
N LYS F 221 -18.92 30.74 4.01
CA LYS F 221 -20.38 30.58 3.90
C LYS F 221 -20.75 29.62 2.77
N GLU F 222 -20.16 29.77 1.58
CA GLU F 222 -20.47 28.88 0.45
C GLU F 222 -20.10 27.43 0.78
N LEU F 223 -18.97 27.22 1.49
CA LEU F 223 -18.61 25.87 1.94
C LEU F 223 -19.65 25.34 2.94
N ALA F 224 -20.07 26.20 3.88
CA ALA F 224 -20.98 25.77 4.93
C ALA F 224 -22.36 25.41 4.37
N LYS F 225 -22.78 25.99 3.23
CA LYS F 225 -24.10 25.71 2.67
C LYS F 225 -24.24 24.23 2.28
N LYS F 226 -23.11 23.61 1.84
CA LYS F 226 -23.13 22.25 1.32
C LYS F 226 -23.59 21.28 2.43
N PRO F 227 -24.49 20.30 2.16
CA PRO F 227 -25.18 19.62 3.25
C PRO F 227 -24.32 18.60 4.01
N ASP F 228 -23.22 18.05 3.44
CA ASP F 228 -22.39 17.09 4.16
C ASP F 228 -21.06 17.70 4.62
N VAL F 229 -20.93 19.03 4.50
CA VAL F 229 -19.82 19.80 5.08
C VAL F 229 -20.38 20.35 6.38
N ASP F 230 -19.79 19.92 7.51
CA ASP F 230 -20.49 20.14 8.78
C ASP F 230 -19.82 21.24 9.60
N GLY F 231 -18.83 21.87 8.98
CA GLY F 231 -18.11 23.00 9.56
C GLY F 231 -16.61 22.86 9.21
N PHE F 232 -15.72 23.30 10.10
CA PHE F 232 -14.35 23.61 9.72
C PHE F 232 -13.26 23.26 10.77
N LEU F 233 -12.06 23.02 10.24
CA LEU F 233 -10.78 23.05 10.96
C LEU F 233 -10.00 24.20 10.33
N VAL F 234 -9.88 25.33 11.04
CA VAL F 234 -9.28 26.57 10.50
C VAL F 234 -7.84 26.66 11.03
N GLY F 235 -6.85 26.72 10.14
CA GLY F 235 -5.48 27.02 10.59
C GLY F 235 -5.15 28.53 10.61
N GLY F 236 -4.46 29.03 9.56
CA GLY F 236 -3.93 30.40 9.54
C GLY F 236 -4.92 31.48 9.98
N ALA F 237 -6.20 31.33 9.61
CA ALA F 237 -7.24 32.28 10.01
C ALA F 237 -7.64 32.13 11.48
N SER F 238 -7.26 31.01 12.15
CA SER F 238 -7.47 30.88 13.59
C SER F 238 -6.72 31.97 14.41
N LEU F 239 -5.62 32.51 13.85
CA LEU F 239 -4.78 33.49 14.53
C LEU F 239 -5.29 34.93 14.31
N LYS F 240 -6.29 35.10 13.42
CA LYS F 240 -6.88 36.37 12.99
C LYS F 240 -8.27 36.62 13.59
N PRO F 241 -8.68 37.89 13.81
CA PRO F 241 -10.02 38.22 14.34
C PRO F 241 -11.20 37.66 13.54
N GLU F 242 -11.02 37.60 12.20
CA GLU F 242 -11.99 37.03 11.27
C GLU F 242 -12.36 35.56 11.63
N PHE F 243 -11.55 34.88 12.47
CA PHE F 243 -11.95 33.57 13.02
C PHE F 243 -13.35 33.62 13.62
N VAL F 244 -13.73 34.75 14.24
CA VAL F 244 -15.08 34.84 14.80
C VAL F 244 -16.13 34.71 13.69
N ASP F 245 -15.83 35.28 12.50
CA ASP F 245 -16.78 35.27 11.39
C ASP F 245 -16.95 33.86 10.83
N ILE F 246 -15.84 33.09 10.85
CA ILE F 246 -15.83 31.70 10.38
C ILE F 246 -16.66 30.84 11.34
N CYS F 247 -16.64 31.17 12.64
CA CYS F 247 -17.52 30.53 13.64
C CYS F 247 -18.99 30.87 13.33
N ASN F 248 -19.28 32.00 12.64
CA ASN F 248 -20.65 32.37 12.27
C ASN F 248 -21.04 32.01 10.82
N ALA F 249 -20.31 31.10 10.18
CA ALA F 249 -20.47 30.81 8.75
C ALA F 249 -21.75 30.03 8.42
N ASN F 250 -22.34 29.32 9.40
CA ASN F 250 -23.60 28.57 9.17
C ASN F 250 -24.80 29.51 9.27
S SO4 G . 10.33 25.13 -12.74
O1 SO4 G . 9.19 25.80 -13.32
O2 SO4 G . 10.32 23.73 -13.16
O3 SO4 G . 11.54 25.76 -13.22
O4 SO4 G . 10.20 25.22 -11.34
S SO4 H . 5.80 -24.61 -11.84
O1 SO4 H . 5.00 -25.39 -12.74
O2 SO4 H . 5.12 -24.46 -10.54
O3 SO4 H . 6.00 -23.35 -12.46
O4 SO4 H . 7.04 -25.30 -11.53
S SO4 I . -24.21 -23.62 14.99
O1 SO4 I . -24.66 -23.66 16.27
O2 SO4 I . -24.75 -24.55 14.11
O3 SO4 I . -22.90 -23.99 15.04
O4 SO4 I . -24.38 -22.41 14.38
S SO4 J . -3.34 -9.28 -28.59
O1 SO4 J . -4.36 -8.84 -29.53
O2 SO4 J . -3.88 -9.13 -27.25
O3 SO4 J . -2.16 -8.49 -28.83
O4 SO4 J . -2.98 -10.63 -28.82
S SO4 K . 17.21 5.27 32.45
O1 SO4 K . 15.94 5.89 32.32
O2 SO4 K . 17.10 3.86 32.38
O3 SO4 K . 18.02 5.75 31.36
O4 SO4 K . 17.81 5.68 33.70
S SO4 L . -4.62 27.26 6.50
O1 SO4 L . -4.45 26.08 5.73
O2 SO4 L . -5.87 27.18 7.25
O3 SO4 L . -4.59 28.37 5.56
O4 SO4 L . -3.61 27.48 7.45
#